data_250D
# 
_entry.id   250D 
# 
_audit_conform.dict_name       mmcif_pdbx.dic 
_audit_conform.dict_version    5.387 
_audit_conform.dict_location   http://mmcif.pdb.org/dictionaries/ascii/mmcif_pdbx.dic 
# 
loop_
_database_2.database_id 
_database_2.database_code 
_database_2.pdbx_database_accession 
_database_2.pdbx_DOI 
PDB   250D         pdb_0000250d 10.2210/pdb250d/pdb 
RCSB  BDH071       ?            ?                   
WWPDB D_1000177651 ?            ?                   
# 
loop_
_pdbx_audit_revision_history.ordinal 
_pdbx_audit_revision_history.data_content_type 
_pdbx_audit_revision_history.major_revision 
_pdbx_audit_revision_history.minor_revision 
_pdbx_audit_revision_history.revision_date 
1 'Structure model' 1 0 1996-04-19 
2 'Structure model' 1 1 2008-05-22 
3 'Structure model' 1 2 2011-07-13 
4 'Structure model' 1 3 2024-02-14 
# 
_pdbx_audit_revision_details.ordinal             1 
_pdbx_audit_revision_details.revision_ordinal    1 
_pdbx_audit_revision_details.data_content_type   'Structure model' 
_pdbx_audit_revision_details.provider            repository 
_pdbx_audit_revision_details.type                'Initial release' 
_pdbx_audit_revision_details.description         ? 
_pdbx_audit_revision_details.details             ? 
# 
loop_
_pdbx_audit_revision_group.ordinal 
_pdbx_audit_revision_group.revision_ordinal 
_pdbx_audit_revision_group.data_content_type 
_pdbx_audit_revision_group.group 
1 2 'Structure model' 'Version format compliance' 
2 3 'Structure model' 'Version format compliance' 
3 4 'Structure model' 'Data collection'           
4 4 'Structure model' 'Database references'       
# 
loop_
_pdbx_audit_revision_category.ordinal 
_pdbx_audit_revision_category.revision_ordinal 
_pdbx_audit_revision_category.data_content_type 
_pdbx_audit_revision_category.category 
1 4 'Structure model' chem_comp_atom 
2 4 'Structure model' chem_comp_bond 
3 4 'Structure model' database_2     
# 
loop_
_pdbx_audit_revision_item.ordinal 
_pdbx_audit_revision_item.revision_ordinal 
_pdbx_audit_revision_item.data_content_type 
_pdbx_audit_revision_item.item 
1 4 'Structure model' '_database_2.pdbx_DOI'                
2 4 'Structure model' '_database_2.pdbx_database_accession' 
# 
_pdbx_database_status.status_code                     REL 
_pdbx_database_status.entry_id                        250D 
_pdbx_database_status.recvd_initial_deposition_date   1996-02-22 
_pdbx_database_status.deposit_site                    NDB 
_pdbx_database_status.process_site                    NDB 
_pdbx_database_status.SG_entry                        . 
_pdbx_database_status.pdb_format_compatible           Y 
_pdbx_database_status.status_code_mr                  ? 
_pdbx_database_status.status_code_sf                  ? 
_pdbx_database_status.status_code_cs                  ? 
_pdbx_database_status.status_code_nmr_data            ? 
_pdbx_database_status.methods_development_category    ? 
# 
loop_
_audit_author.name 
_audit_author.pdbx_ordinal 
'Urpi, L.'       1 
'Tereshko, V.'   2 
'Malinina, L.'   3 
'Huynh-Dinh, T.' 4 
'Subirana, J.A.' 5 
# 
loop_
_citation.id 
_citation.title 
_citation.journal_abbrev 
_citation.journal_volume 
_citation.page_first 
_citation.page_last 
_citation.year 
_citation.journal_id_ASTM 
_citation.country 
_citation.journal_id_ISSN 
_citation.journal_id_CSD 
_citation.book_publisher 
_citation.pdbx_database_id_PubMed 
_citation.pdbx_database_id_DOI 
primary 'Structural comparison between the d(CTAG) sequence in oligonucleotides and trp and met repressor-operator complexes.' 
Nat.Struct.Biol. 3  325   328   1996 NSBIEW US 1072-8368 2024 ? 8599757 10.1038/nsb0496-325 
1       'Structure of the B-DNA Oligomers d(CGCTAGCG) and d(CGCTCTAGAGCG) in New Crystal Forms'                                
Biochemistry     35 11589 11595 1996 BICHAW US 0006-2960 0033 ? ?       ?                   
# 
loop_
_citation_author.citation_id 
_citation_author.name 
_citation_author.ordinal 
_citation_author.identifier_ORCID 
primary 'Urpi, L.'       1  ? 
primary 'Tereshko, V.'   2  ? 
primary 'Malinina, L.'   3  ? 
primary 'Huynh-Dinh, T.' 4  ? 
primary 'Subirana, J.A.' 5  ? 
1       'Tereshko, R.V.' 6  ? 
1       'Urpi, L.'       7  ? 
1       'Malinina, L.'   8  ? 
1       'Huynh-Dinh, T.' 9  ? 
1       'Subirana, J.A.' 10 ? 
# 
loop_
_entity.id 
_entity.type 
_entity.src_method 
_entity.pdbx_description 
_entity.formula_weight 
_entity.pdbx_number_of_molecules 
_entity.pdbx_ec 
_entity.pdbx_mutation 
_entity.pdbx_fragment 
_entity.details 
1 polymer syn 
;DNA (5'-D(*CP*GP*CP*TP*AP*GP*CP*G)-3')
;
2427.605 6  ? ? ? ? 
2 water   nat water                                    18.015   34 ? ? ? ? 
# 
_entity_poly.entity_id                      1 
_entity_poly.type                           polydeoxyribonucleotide 
_entity_poly.nstd_linkage                   no 
_entity_poly.nstd_monomer                   no 
_entity_poly.pdbx_seq_one_letter_code       '(DC)(DG)(DC)(DT)(DA)(DG)(DC)(DG)' 
_entity_poly.pdbx_seq_one_letter_code_can   CGCTAGCG 
_entity_poly.pdbx_strand_id                 A,B,C,D,E,F 
_entity_poly.pdbx_target_identifier         ? 
# 
_pdbx_entity_nonpoly.entity_id   2 
_pdbx_entity_nonpoly.name        water 
_pdbx_entity_nonpoly.comp_id     HOH 
# 
loop_
_entity_poly_seq.entity_id 
_entity_poly_seq.num 
_entity_poly_seq.mon_id 
_entity_poly_seq.hetero 
1 1 DC n 
1 2 DG n 
1 3 DC n 
1 4 DT n 
1 5 DA n 
1 6 DG n 
1 7 DC n 
1 8 DG n 
# 
loop_
_chem_comp.id 
_chem_comp.type 
_chem_comp.mon_nstd_flag 
_chem_comp.name 
_chem_comp.pdbx_synonyms 
_chem_comp.formula 
_chem_comp.formula_weight 
DA  'DNA linking' y "2'-DEOXYADENOSINE-5'-MONOPHOSPHATE" ? 'C10 H14 N5 O6 P' 331.222 
DC  'DNA linking' y "2'-DEOXYCYTIDINE-5'-MONOPHOSPHATE"  ? 'C9 H14 N3 O7 P'  307.197 
DG  'DNA linking' y "2'-DEOXYGUANOSINE-5'-MONOPHOSPHATE" ? 'C10 H14 N5 O7 P' 347.221 
DT  'DNA linking' y "THYMIDINE-5'-MONOPHOSPHATE"         ? 'C10 H15 N2 O8 P' 322.208 
HOH non-polymer   . WATER                                ? 'H2 O'            18.015  
# 
loop_
_pdbx_poly_seq_scheme.asym_id 
_pdbx_poly_seq_scheme.entity_id 
_pdbx_poly_seq_scheme.seq_id 
_pdbx_poly_seq_scheme.mon_id 
_pdbx_poly_seq_scheme.ndb_seq_num 
_pdbx_poly_seq_scheme.pdb_seq_num 
_pdbx_poly_seq_scheme.auth_seq_num 
_pdbx_poly_seq_scheme.pdb_mon_id 
_pdbx_poly_seq_scheme.auth_mon_id 
_pdbx_poly_seq_scheme.pdb_strand_id 
_pdbx_poly_seq_scheme.pdb_ins_code 
_pdbx_poly_seq_scheme.hetero 
A 1 1 DC 1 1  1  DC C A . n 
A 1 2 DG 2 2  2  DG G A . n 
A 1 3 DC 3 3  3  DC C A . n 
A 1 4 DT 4 4  4  DT T A . n 
A 1 5 DA 5 5  5  DA A A . n 
A 1 6 DG 6 6  6  DG G A . n 
A 1 7 DC 7 7  7  DC C A . n 
A 1 8 DG 8 8  8  DG G A . n 
B 1 1 DC 1 9  9  DC C B . n 
B 1 2 DG 2 10 10 DG G B . n 
B 1 3 DC 3 11 11 DC C B . n 
B 1 4 DT 4 12 12 DT T B . n 
B 1 5 DA 5 13 13 DA A B . n 
B 1 6 DG 6 14 14 DG G B . n 
B 1 7 DC 7 15 15 DC C B . n 
B 1 8 DG 8 16 16 DG G B . n 
C 1 1 DC 1 17 17 DC C C . n 
C 1 2 DG 2 18 18 DG G C . n 
C 1 3 DC 3 19 19 DC C C . n 
C 1 4 DT 4 20 20 DT T C . n 
C 1 5 DA 5 21 21 DA A C . n 
C 1 6 DG 6 22 22 DG G C . n 
C 1 7 DC 7 23 23 DC C C . n 
C 1 8 DG 8 24 24 DG G C . n 
D 1 1 DC 1 25 25 DC C D . n 
D 1 2 DG 2 26 26 DG G D . n 
D 1 3 DC 3 27 27 DC C D . n 
D 1 4 DT 4 28 28 DT T D . n 
D 1 5 DA 5 29 29 DA A D . n 
D 1 6 DG 6 30 30 DG G D . n 
D 1 7 DC 7 31 31 DC C D . n 
D 1 8 DG 8 32 32 DG G D . n 
E 1 1 DC 1 33 33 DC C E . n 
E 1 2 DG 2 34 34 DG G E . n 
E 1 3 DC 3 35 35 DC C E . n 
E 1 4 DT 4 36 36 DT T E . n 
E 1 5 DA 5 37 37 DA A E . n 
E 1 6 DG 6 38 38 DG G E . n 
E 1 7 DC 7 39 39 DC C E . n 
E 1 8 DG 8 40 40 DG G E . n 
F 1 1 DC 1 41 41 DC C F . n 
F 1 2 DG 2 42 42 DG G F . n 
F 1 3 DC 3 43 43 DC C F . n 
F 1 4 DT 4 44 44 DT T F . n 
F 1 5 DA 5 45 45 DA A F . n 
F 1 6 DG 6 46 46 DG G F . n 
F 1 7 DC 7 47 47 DC C F . n 
F 1 8 DG 8 48 48 DG G F . n 
# 
loop_
_pdbx_nonpoly_scheme.asym_id 
_pdbx_nonpoly_scheme.entity_id 
_pdbx_nonpoly_scheme.mon_id 
_pdbx_nonpoly_scheme.ndb_seq_num 
_pdbx_nonpoly_scheme.pdb_seq_num 
_pdbx_nonpoly_scheme.auth_seq_num 
_pdbx_nonpoly_scheme.pdb_mon_id 
_pdbx_nonpoly_scheme.auth_mon_id 
_pdbx_nonpoly_scheme.pdb_strand_id 
_pdbx_nonpoly_scheme.pdb_ins_code 
G 2 HOH 1 51 51 HOH HOH A . 
G 2 HOH 2 66 66 HOH HOH A . 
G 2 HOH 3 82 82 HOH HOH A . 
H 2 HOH 1 49 49 HOH HOH B . 
H 2 HOH 2 50 50 HOH HOH B . 
H 2 HOH 3 61 61 HOH HOH B . 
H 2 HOH 4 62 62 HOH HOH B . 
H 2 HOH 5 65 65 HOH HOH B . 
H 2 HOH 6 79 79 HOH HOH B . 
I 2 HOH 1 53 53 HOH HOH C . 
I 2 HOH 2 55 55 HOH HOH C . 
I 2 HOH 3 63 63 HOH HOH C . 
I 2 HOH 4 70 70 HOH HOH C . 
I 2 HOH 5 72 72 HOH HOH C . 
I 2 HOH 6 81 81 HOH HOH C . 
J 2 HOH 1 52 52 HOH HOH D . 
J 2 HOH 2 56 56 HOH HOH D . 
J 2 HOH 3 57 57 HOH HOH D . 
J 2 HOH 4 64 64 HOH HOH D . 
K 2 HOH 1 54 54 HOH HOH E . 
K 2 HOH 2 58 58 HOH HOH E . 
K 2 HOH 3 60 60 HOH HOH E . 
K 2 HOH 4 67 67 HOH HOH E . 
K 2 HOH 5 74 74 HOH HOH E . 
K 2 HOH 6 75 75 HOH HOH E . 
K 2 HOH 7 76 76 HOH HOH E . 
K 2 HOH 8 78 78 HOH HOH E . 
L 2 HOH 1 59 59 HOH HOH F . 
L 2 HOH 2 68 68 HOH HOH F . 
L 2 HOH 3 69 69 HOH HOH F . 
L 2 HOH 4 71 71 HOH HOH F . 
L 2 HOH 5 73 73 HOH HOH F . 
L 2 HOH 6 77 77 HOH HOH F . 
L 2 HOH 7 80 80 HOH HOH F . 
# 
loop_
_software.name 
_software.classification 
_software.version 
_software.citation_id 
_software.pdbx_ordinal 
X-PLOR refinement       . ? 1 
MARXDS 'data reduction' . ? 2 
# 
_cell.entry_id           250D 
_cell.length_a           24.770 
_cell.length_b           41.520 
_cell.length_c           115.890 
_cell.angle_alpha        90.00 
_cell.angle_beta         90.00 
_cell.angle_gamma        90.00 
_cell.Z_PDB              24 
_cell.pdbx_unique_axis   ? 
# 
_symmetry.entry_id                         250D 
_symmetry.space_group_name_H-M             'P 21 21 21' 
_symmetry.pdbx_full_space_group_name_H-M   ? 
_symmetry.cell_setting                     ? 
_symmetry.Int_Tables_number                19 
# 
_exptl.entry_id          250D 
_exptl.method            'X-RAY DIFFRACTION' 
_exptl.crystals_number   ? 
# 
_exptl_crystal.id                    1 
_exptl_crystal.density_meas          ? 
_exptl_crystal.density_Matthews      2.05 
_exptl_crystal.density_percent_sol   39.87 
_exptl_crystal.description           ? 
# 
_exptl_crystal_grow.crystal_id      1 
_exptl_crystal_grow.method          'VAPOR DIFFUSION' 
_exptl_crystal_grow.temp            ? 
_exptl_crystal_grow.temp_details    ? 
_exptl_crystal_grow.pH              6.20 
_exptl_crystal_grow.pdbx_details    'pH 6.20, VAPOR DIFFUSION' 
_exptl_crystal_grow.pdbx_pH_range   ? 
# 
loop_
_exptl_crystal_grow_comp.crystal_id 
_exptl_crystal_grow_comp.id 
_exptl_crystal_grow_comp.sol_id 
_exptl_crystal_grow_comp.name 
_exptl_crystal_grow_comp.volume 
_exptl_crystal_grow_comp.conc 
_exptl_crystal_grow_comp.details 
1 1 1 WATER        ? ? ? 
1 2 1 MPD          ? ? ? 
1 3 1 MGCL2        ? ? ? 
1 4 1 SPERMINE_HCL ? ? ? 
1 5 2 WATER        ? ? ? 
1 6 2 MPD          ? ? ? 
# 
_diffrn.id                     1 
_diffrn.crystal_id             1 
_diffrn.ambient_temp           ? 
_diffrn.ambient_temp_details   ? 
# 
_diffrn_detector.diffrn_id              1 
_diffrn_detector.detector               'IMAGE PLATE' 
_diffrn_detector.type                   MARRESEARCH 
_diffrn_detector.pdbx_collection_date   1993-03-15 
_diffrn_detector.details                ? 
# 
_diffrn_radiation.diffrn_id                        1 
_diffrn_radiation.wavelength_id                    1 
_diffrn_radiation.pdbx_monochromatic_or_laue_m_l   M 
_diffrn_radiation.monochromator                    ? 
_diffrn_radiation.pdbx_diffrn_protocol             ? 
_diffrn_radiation.pdbx_scattering_type             x-ray 
# 
_diffrn_radiation_wavelength.id           1 
_diffrn_radiation_wavelength.wavelength   . 
_diffrn_radiation_wavelength.wt           1.0 
# 
_diffrn_source.diffrn_id                   1 
_diffrn_source.source                      ? 
_diffrn_source.type                        ? 
_diffrn_source.pdbx_synchrotron_site       ? 
_diffrn_source.pdbx_synchrotron_beamline   ? 
_diffrn_source.pdbx_wavelength             ? 
_diffrn_source.pdbx_wavelength_list        ? 
# 
_reflns.entry_id                     250D 
_reflns.observed_criterion_sigma_I   ? 
_reflns.observed_criterion_sigma_F   ? 
_reflns.d_resolution_low             ? 
_reflns.d_resolution_high            2.470 
_reflns.number_obs                   3742 
_reflns.number_all                   ? 
_reflns.percent_possible_obs         80.600 
_reflns.pdbx_Rmerge_I_obs            0.0880000 
_reflns.pdbx_Rsym_value              ? 
_reflns.pdbx_netI_over_sigmaI        ? 
_reflns.B_iso_Wilson_estimate        ? 
_reflns.pdbx_redundancy              ? 
_reflns.pdbx_diffrn_id               1 
_reflns.pdbx_ordinal                 1 
# 
_refine.entry_id                                 250D 
_refine.ls_number_reflns_obs                     3309 
_refine.ls_number_reflns_all                     ? 
_refine.pdbx_ls_sigma_I                          ? 
_refine.pdbx_ls_sigma_F                          2.000 
_refine.pdbx_data_cutoff_high_absF               ? 
_refine.pdbx_data_cutoff_low_absF                ? 
_refine.pdbx_data_cutoff_high_rms_absF           ? 
_refine.ls_d_res_low                             8.000 
_refine.ls_d_res_high                            2.470 
_refine.ls_percent_reflns_obs                    75.200 
_refine.ls_R_factor_obs                          0.1820000 
_refine.ls_R_factor_all                          ? 
_refine.ls_R_factor_R_work                       0.1820000 
_refine.ls_R_factor_R_free                       ? 
_refine.ls_R_factor_R_free_error                 ? 
_refine.ls_R_factor_R_free_error_details         ? 
_refine.ls_percent_reflns_R_free                 ? 
_refine.ls_number_reflns_R_free                  ? 
_refine.ls_number_parameters                     ? 
_refine.ls_number_restraints                     ? 
_refine.occupancy_min                            ? 
_refine.occupancy_max                            ? 
_refine.B_iso_mean                               ? 
_refine.aniso_B[1][1]                            ? 
_refine.aniso_B[2][2]                            ? 
_refine.aniso_B[3][3]                            ? 
_refine.aniso_B[1][2]                            ? 
_refine.aniso_B[1][3]                            ? 
_refine.aniso_B[2][3]                            ? 
_refine.solvent_model_details                    ? 
_refine.solvent_model_param_ksol                 ? 
_refine.solvent_model_param_bsol                 ? 
_refine.pdbx_ls_cross_valid_method               ? 
_refine.details                                  ? 
_refine.pdbx_starting_model                      ? 
_refine.pdbx_method_to_determine_struct          ? 
_refine.pdbx_isotropic_thermal_model             ? 
_refine.pdbx_stereochemistry_target_values       ? 
_refine.pdbx_stereochem_target_val_spec_case     ? 
_refine.pdbx_R_Free_selection_details            ? 
_refine.pdbx_overall_ESU_R                       ? 
_refine.pdbx_overall_ESU_R_Free                  ? 
_refine.overall_SU_ML                            ? 
_refine.overall_SU_B                             ? 
_refine.pdbx_refine_id                           'X-RAY DIFFRACTION' 
_refine.pdbx_diffrn_id                           1 
_refine.pdbx_TLS_residual_ADP_flag               ? 
_refine.correlation_coeff_Fo_to_Fc               ? 
_refine.correlation_coeff_Fo_to_Fc_free          ? 
_refine.pdbx_solvent_vdw_probe_radii             ? 
_refine.pdbx_solvent_ion_probe_radii             ? 
_refine.pdbx_solvent_shrinkage_radii             ? 
_refine.pdbx_overall_phase_error                 ? 
_refine.overall_SU_R_Cruickshank_DPI             ? 
_refine.pdbx_overall_SU_R_free_Cruickshank_DPI   ? 
_refine.pdbx_overall_SU_R_Blow_DPI               ? 
_refine.pdbx_overall_SU_R_free_Blow_DPI          ? 
# 
_refine_hist.pdbx_refine_id                   'X-RAY DIFFRACTION' 
_refine_hist.cycle_id                         LAST 
_refine_hist.pdbx_number_atoms_protein        0 
_refine_hist.pdbx_number_atoms_nucleic_acid   1086 
_refine_hist.pdbx_number_atoms_ligand         0 
_refine_hist.number_atoms_solvent             102 
_refine_hist.number_atoms_total               1188 
_refine_hist.d_res_high                       2.470 
_refine_hist.d_res_low                        8.000 
# 
loop_
_refine_ls_restr.type 
_refine_ls_restr.dev_ideal 
_refine_ls_restr.dev_ideal_target 
_refine_ls_restr.weight 
_refine_ls_restr.number 
_refine_ls_restr.pdbx_refine_id 
_refine_ls_restr.pdbx_restraint_function 
x_bond_d                0.018 ? ? ? 'X-RAY DIFFRACTION' ? 
x_bond_d_na             ?     ? ? ? 'X-RAY DIFFRACTION' ? 
x_bond_d_prot           ?     ? ? ? 'X-RAY DIFFRACTION' ? 
x_angle_d               ?     ? ? ? 'X-RAY DIFFRACTION' ? 
x_angle_d_na            ?     ? ? ? 'X-RAY DIFFRACTION' ? 
x_angle_d_prot          ?     ? ? ? 'X-RAY DIFFRACTION' ? 
x_angle_deg             3.67  ? ? ? 'X-RAY DIFFRACTION' ? 
x_angle_deg_na          ?     ? ? ? 'X-RAY DIFFRACTION' ? 
x_angle_deg_prot        ?     ? ? ? 'X-RAY DIFFRACTION' ? 
x_dihedral_angle_d      ?     ? ? ? 'X-RAY DIFFRACTION' ? 
x_dihedral_angle_d_na   ?     ? ? ? 'X-RAY DIFFRACTION' ? 
x_dihedral_angle_d_prot ?     ? ? ? 'X-RAY DIFFRACTION' ? 
x_improper_angle_d      ?     ? ? ? 'X-RAY DIFFRACTION' ? 
x_improper_angle_d_na   ?     ? ? ? 'X-RAY DIFFRACTION' ? 
x_improper_angle_d_prot ?     ? ? ? 'X-RAY DIFFRACTION' ? 
x_mcbond_it             ?     ? ? ? 'X-RAY DIFFRACTION' ? 
x_mcangle_it            ?     ? ? ? 'X-RAY DIFFRACTION' ? 
x_scbond_it             ?     ? ? ? 'X-RAY DIFFRACTION' ? 
x_scangle_it            ?     ? ? ? 'X-RAY DIFFRACTION' ? 
# 
loop_
_struct_ncs_oper.id 
_struct_ncs_oper.code 
_struct_ncs_oper.details 
_struct_ncs_oper.matrix[1][1] 
_struct_ncs_oper.matrix[1][2] 
_struct_ncs_oper.matrix[1][3] 
_struct_ncs_oper.matrix[2][1] 
_struct_ncs_oper.matrix[2][2] 
_struct_ncs_oper.matrix[2][3] 
_struct_ncs_oper.matrix[3][1] 
_struct_ncs_oper.matrix[3][2] 
_struct_ncs_oper.matrix[3][3] 
_struct_ncs_oper.vector[1] 
_struct_ncs_oper.vector[2] 
_struct_ncs_oper.vector[3] 
1 given ? 0.87705809 -0.35867958 -0.31956155 -0.06740892 0.56675601  -0.82112277 0.47562925 0.74171597 0.47289590  19.17125 -3.89009 1.91115 
2 given ? 0.68008182 -0.71976869 -0.13939655 -0.45513167 -0.26542628 -0.84994458 0.57476022 0.64147272 -0.50810554 37.56055 -8.65264 8.83389 
# 
_struct.entry_id                  250D 
_struct.title                     
'STRUCTURAL COMPARISON BETWEEN THE D(CTAG) SEQUENCE IN OLIGONUCLEOTIDES AND TRP AND MET REPRESSOR-OPERATOR COMPLEXES' 
_struct.pdbx_model_details        ? 
_struct.pdbx_CASP_flag            ? 
_struct.pdbx_model_type_details   ? 
# 
_struct_keywords.entry_id        250D 
_struct_keywords.pdbx_keywords   DNA 
_struct_keywords.text            'B-DNA, DOUBLE HELIX, DNA' 
# 
loop_
_struct_asym.id 
_struct_asym.pdbx_blank_PDB_chainid_flag 
_struct_asym.pdbx_modified 
_struct_asym.entity_id 
_struct_asym.details 
A N N 1 ? 
B N N 1 ? 
C N N 1 ? 
D N N 1 ? 
E N N 1 ? 
F N N 1 ? 
G N N 2 ? 
H N N 2 ? 
I N N 2 ? 
J N N 2 ? 
K N N 2 ? 
L N N 2 ? 
# 
_struct_ref.id                         1 
_struct_ref.entity_id                  1 
_struct_ref.db_name                    PDB 
_struct_ref.db_code                    250D 
_struct_ref.pdbx_db_accession          250D 
_struct_ref.pdbx_db_isoform            ? 
_struct_ref.pdbx_seq_one_letter_code   ? 
_struct_ref.pdbx_align_begin           ? 
# 
loop_
_struct_ref_seq.align_id 
_struct_ref_seq.ref_id 
_struct_ref_seq.pdbx_PDB_id_code 
_struct_ref_seq.pdbx_strand_id 
_struct_ref_seq.seq_align_beg 
_struct_ref_seq.pdbx_seq_align_beg_ins_code 
_struct_ref_seq.seq_align_end 
_struct_ref_seq.pdbx_seq_align_end_ins_code 
_struct_ref_seq.pdbx_db_accession 
_struct_ref_seq.db_align_beg 
_struct_ref_seq.pdbx_db_align_beg_ins_code 
_struct_ref_seq.db_align_end 
_struct_ref_seq.pdbx_db_align_end_ins_code 
_struct_ref_seq.pdbx_auth_seq_align_beg 
_struct_ref_seq.pdbx_auth_seq_align_end 
1 1 250D A 1 ? 8 ? 250D 1  ? 8  ? 1  8  
2 1 250D B 1 ? 8 ? 250D 9  ? 16 ? 9  16 
3 1 250D C 1 ? 8 ? 250D 17 ? 24 ? 17 24 
4 1 250D D 1 ? 8 ? 250D 25 ? 32 ? 25 32 
5 1 250D E 1 ? 8 ? 250D 33 ? 40 ? 33 40 
6 1 250D F 1 ? 8 ? 250D 41 ? 48 ? 41 48 
# 
loop_
_pdbx_struct_assembly.id 
_pdbx_struct_assembly.details 
_pdbx_struct_assembly.method_details 
_pdbx_struct_assembly.oligomeric_details 
_pdbx_struct_assembly.oligomeric_count 
1 author_defined_assembly ? dimeric 2 
2 author_defined_assembly ? dimeric 2 
3 author_defined_assembly ? dimeric 2 
# 
loop_
_pdbx_struct_assembly_gen.assembly_id 
_pdbx_struct_assembly_gen.oper_expression 
_pdbx_struct_assembly_gen.asym_id_list 
1 1 A,B,G,H 
2 1 C,D,I,J 
3 1 E,F,K,L 
# 
_pdbx_struct_oper_list.id                   1 
_pdbx_struct_oper_list.type                 'identity operation' 
_pdbx_struct_oper_list.name                 1_555 
_pdbx_struct_oper_list.symmetry_operation   x,y,z 
_pdbx_struct_oper_list.matrix[1][1]         1.0000000000 
_pdbx_struct_oper_list.matrix[1][2]         0.0000000000 
_pdbx_struct_oper_list.matrix[1][3]         0.0000000000 
_pdbx_struct_oper_list.vector[1]            0.0000000000 
_pdbx_struct_oper_list.matrix[2][1]         0.0000000000 
_pdbx_struct_oper_list.matrix[2][2]         1.0000000000 
_pdbx_struct_oper_list.matrix[2][3]         0.0000000000 
_pdbx_struct_oper_list.vector[2]            0.0000000000 
_pdbx_struct_oper_list.matrix[3][1]         0.0000000000 
_pdbx_struct_oper_list.matrix[3][2]         0.0000000000 
_pdbx_struct_oper_list.matrix[3][3]         1.0000000000 
_pdbx_struct_oper_list.vector[3]            0.0000000000 
# 
loop_
_struct_biol.id 
1 
2 
3 
# 
loop_
_struct_conn.id 
_struct_conn.conn_type_id 
_struct_conn.pdbx_leaving_atom_flag 
_struct_conn.pdbx_PDB_id 
_struct_conn.ptnr1_label_asym_id 
_struct_conn.ptnr1_label_comp_id 
_struct_conn.ptnr1_label_seq_id 
_struct_conn.ptnr1_label_atom_id 
_struct_conn.pdbx_ptnr1_label_alt_id 
_struct_conn.pdbx_ptnr1_PDB_ins_code 
_struct_conn.pdbx_ptnr1_standard_comp_id 
_struct_conn.ptnr1_symmetry 
_struct_conn.ptnr2_label_asym_id 
_struct_conn.ptnr2_label_comp_id 
_struct_conn.ptnr2_label_seq_id 
_struct_conn.ptnr2_label_atom_id 
_struct_conn.pdbx_ptnr2_label_alt_id 
_struct_conn.pdbx_ptnr2_PDB_ins_code 
_struct_conn.ptnr1_auth_asym_id 
_struct_conn.ptnr1_auth_comp_id 
_struct_conn.ptnr1_auth_seq_id 
_struct_conn.ptnr2_auth_asym_id 
_struct_conn.ptnr2_auth_comp_id 
_struct_conn.ptnr2_auth_seq_id 
_struct_conn.ptnr2_symmetry 
_struct_conn.pdbx_ptnr3_label_atom_id 
_struct_conn.pdbx_ptnr3_label_seq_id 
_struct_conn.pdbx_ptnr3_label_comp_id 
_struct_conn.pdbx_ptnr3_label_asym_id 
_struct_conn.pdbx_ptnr3_label_alt_id 
_struct_conn.pdbx_ptnr3_PDB_ins_code 
_struct_conn.details 
_struct_conn.pdbx_dist_value 
_struct_conn.pdbx_value_order 
_struct_conn.pdbx_role 
hydrog1  hydrog ? ? A DC 1 N3 ? ? ? 1_555 B DG 8 N1 ? ? A DC 1  B DG 16 1_555 ? ? ? ? ? ? WATSON-CRICK ? ? ? 
hydrog2  hydrog ? ? A DC 1 N4 ? ? ? 1_555 B DG 8 O6 ? ? A DC 1  B DG 16 1_555 ? ? ? ? ? ? WATSON-CRICK ? ? ? 
hydrog3  hydrog ? ? A DC 1 O2 ? ? ? 1_555 B DG 8 N2 ? ? A DC 1  B DG 16 1_555 ? ? ? ? ? ? WATSON-CRICK ? ? ? 
hydrog4  hydrog ? ? A DG 2 N1 ? ? ? 1_555 B DC 7 N3 ? ? A DG 2  B DC 15 1_555 ? ? ? ? ? ? WATSON-CRICK ? ? ? 
hydrog5  hydrog ? ? A DG 2 N2 ? ? ? 1_555 B DC 7 O2 ? ? A DG 2  B DC 15 1_555 ? ? ? ? ? ? WATSON-CRICK ? ? ? 
hydrog6  hydrog ? ? A DG 2 O6 ? ? ? 1_555 B DC 7 N4 ? ? A DG 2  B DC 15 1_555 ? ? ? ? ? ? WATSON-CRICK ? ? ? 
hydrog7  hydrog ? ? A DC 3 N3 ? ? ? 1_555 B DG 6 N1 ? ? A DC 3  B DG 14 1_555 ? ? ? ? ? ? WATSON-CRICK ? ? ? 
hydrog8  hydrog ? ? A DC 3 N4 ? ? ? 1_555 B DG 6 O6 ? ? A DC 3  B DG 14 1_555 ? ? ? ? ? ? WATSON-CRICK ? ? ? 
hydrog9  hydrog ? ? A DC 3 O2 ? ? ? 1_555 B DG 6 N2 ? ? A DC 3  B DG 14 1_555 ? ? ? ? ? ? WATSON-CRICK ? ? ? 
hydrog10 hydrog ? ? A DT 4 N3 ? ? ? 1_555 B DA 5 N1 ? ? A DT 4  B DA 13 1_555 ? ? ? ? ? ? WATSON-CRICK ? ? ? 
hydrog11 hydrog ? ? A DT 4 O4 ? ? ? 1_555 B DA 5 N6 ? ? A DT 4  B DA 13 1_555 ? ? ? ? ? ? WATSON-CRICK ? ? ? 
hydrog12 hydrog ? ? A DA 5 N1 ? ? ? 1_555 B DT 4 N3 ? ? A DA 5  B DT 12 1_555 ? ? ? ? ? ? WATSON-CRICK ? ? ? 
hydrog13 hydrog ? ? A DA 5 N6 ? ? ? 1_555 B DT 4 O4 ? ? A DA 5  B DT 12 1_555 ? ? ? ? ? ? WATSON-CRICK ? ? ? 
hydrog14 hydrog ? ? A DG 6 N1 ? ? ? 1_555 B DC 3 N3 ? ? A DG 6  B DC 11 1_555 ? ? ? ? ? ? WATSON-CRICK ? ? ? 
hydrog15 hydrog ? ? A DG 6 N2 ? ? ? 1_555 B DC 3 O2 ? ? A DG 6  B DC 11 1_555 ? ? ? ? ? ? WATSON-CRICK ? ? ? 
hydrog16 hydrog ? ? A DG 6 O6 ? ? ? 1_555 B DC 3 N4 ? ? A DG 6  B DC 11 1_555 ? ? ? ? ? ? WATSON-CRICK ? ? ? 
hydrog17 hydrog ? ? A DC 7 N3 ? ? ? 1_555 B DG 2 N1 ? ? A DC 7  B DG 10 1_555 ? ? ? ? ? ? WATSON-CRICK ? ? ? 
hydrog18 hydrog ? ? A DC 7 N4 ? ? ? 1_555 B DG 2 O6 ? ? A DC 7  B DG 10 1_555 ? ? ? ? ? ? WATSON-CRICK ? ? ? 
hydrog19 hydrog ? ? A DC 7 O2 ? ? ? 1_555 B DG 2 N2 ? ? A DC 7  B DG 10 1_555 ? ? ? ? ? ? WATSON-CRICK ? ? ? 
hydrog20 hydrog ? ? A DG 8 N1 ? ? ? 1_555 B DC 1 N3 ? ? A DG 8  B DC 9  1_555 ? ? ? ? ? ? WATSON-CRICK ? ? ? 
hydrog21 hydrog ? ? A DG 8 N2 ? ? ? 1_555 B DC 1 O2 ? ? A DG 8  B DC 9  1_555 ? ? ? ? ? ? WATSON-CRICK ? ? ? 
hydrog22 hydrog ? ? A DG 8 O6 ? ? ? 1_555 B DC 1 N4 ? ? A DG 8  B DC 9  1_555 ? ? ? ? ? ? WATSON-CRICK ? ? ? 
hydrog23 hydrog ? ? A DG 8 N2 ? ? ? 1_555 C DG 2 N3 ? ? A DG 8  C DG 18 1_555 ? ? ? ? ? ? TYPE_4_PAIR  ? ? ? 
hydrog24 hydrog ? ? A DG 8 N3 ? ? ? 1_555 C DG 2 N2 ? ? A DG 8  C DG 18 1_555 ? ? ? ? ? ? TYPE_4_PAIR  ? ? ? 
hydrog25 hydrog ? ? B DG 2 N2 ? ? ? 1_555 D DG 8 N3 ? ? B DG 10 D DG 32 1_555 ? ? ? ? ? ? TYPE_4_PAIR  ? ? ? 
hydrog26 hydrog ? ? B DG 2 N3 ? ? ? 1_555 D DG 8 N2 ? ? B DG 10 D DG 32 1_555 ? ? ? ? ? ? TYPE_4_PAIR  ? ? ? 
hydrog27 hydrog ? ? C DC 1 N3 ? ? ? 1_555 D DG 8 N1 ? ? C DC 17 D DG 32 1_555 ? ? ? ? ? ? WATSON-CRICK ? ? ? 
hydrog28 hydrog ? ? C DC 1 N4 ? ? ? 1_555 D DG 8 O6 ? ? C DC 17 D DG 32 1_555 ? ? ? ? ? ? WATSON-CRICK ? ? ? 
hydrog29 hydrog ? ? C DC 1 O2 ? ? ? 1_555 D DG 8 N2 ? ? C DC 17 D DG 32 1_555 ? ? ? ? ? ? WATSON-CRICK ? ? ? 
hydrog30 hydrog ? ? C DG 2 N1 ? ? ? 1_555 D DC 7 N3 ? ? C DG 18 D DC 31 1_555 ? ? ? ? ? ? WATSON-CRICK ? ? ? 
hydrog31 hydrog ? ? C DG 2 N2 ? ? ? 1_555 D DC 7 O2 ? ? C DG 18 D DC 31 1_555 ? ? ? ? ? ? WATSON-CRICK ? ? ? 
hydrog32 hydrog ? ? C DG 2 O6 ? ? ? 1_555 D DC 7 N4 ? ? C DG 18 D DC 31 1_555 ? ? ? ? ? ? WATSON-CRICK ? ? ? 
hydrog33 hydrog ? ? C DC 3 N3 ? ? ? 1_555 D DG 6 N1 ? ? C DC 19 D DG 30 1_555 ? ? ? ? ? ? WATSON-CRICK ? ? ? 
hydrog34 hydrog ? ? C DC 3 N4 ? ? ? 1_555 D DG 6 O6 ? ? C DC 19 D DG 30 1_555 ? ? ? ? ? ? WATSON-CRICK ? ? ? 
hydrog35 hydrog ? ? C DC 3 O2 ? ? ? 1_555 D DG 6 N2 ? ? C DC 19 D DG 30 1_555 ? ? ? ? ? ? WATSON-CRICK ? ? ? 
hydrog36 hydrog ? ? C DT 4 N3 ? ? ? 1_555 D DA 5 N1 ? ? C DT 20 D DA 29 1_555 ? ? ? ? ? ? WATSON-CRICK ? ? ? 
hydrog37 hydrog ? ? C DT 4 O4 ? ? ? 1_555 D DA 5 N6 ? ? C DT 20 D DA 29 1_555 ? ? ? ? ? ? WATSON-CRICK ? ? ? 
hydrog38 hydrog ? ? C DA 5 N1 ? ? ? 1_555 D DT 4 N3 ? ? C DA 21 D DT 28 1_555 ? ? ? ? ? ? WATSON-CRICK ? ? ? 
hydrog39 hydrog ? ? C DA 5 N6 ? ? ? 1_555 D DT 4 O4 ? ? C DA 21 D DT 28 1_555 ? ? ? ? ? ? WATSON-CRICK ? ? ? 
hydrog40 hydrog ? ? C DG 6 N1 ? ? ? 1_555 D DC 3 N3 ? ? C DG 22 D DC 27 1_555 ? ? ? ? ? ? WATSON-CRICK ? ? ? 
hydrog41 hydrog ? ? C DG 6 N2 ? ? ? 1_555 D DC 3 O2 ? ? C DG 22 D DC 27 1_555 ? ? ? ? ? ? WATSON-CRICK ? ? ? 
hydrog42 hydrog ? ? C DG 6 O6 ? ? ? 1_555 D DC 3 N4 ? ? C DG 22 D DC 27 1_555 ? ? ? ? ? ? WATSON-CRICK ? ? ? 
hydrog43 hydrog ? ? C DC 7 N3 ? ? ? 1_555 D DG 2 N1 ? ? C DC 23 D DG 26 1_555 ? ? ? ? ? ? WATSON-CRICK ? ? ? 
hydrog44 hydrog ? ? C DC 7 N4 ? ? ? 1_555 D DG 2 O6 ? ? C DC 23 D DG 26 1_555 ? ? ? ? ? ? WATSON-CRICK ? ? ? 
hydrog45 hydrog ? ? C DC 7 O2 ? ? ? 1_555 D DG 2 N2 ? ? C DC 23 D DG 26 1_555 ? ? ? ? ? ? WATSON-CRICK ? ? ? 
hydrog46 hydrog ? ? C DG 8 N1 ? ? ? 1_555 D DC 1 N3 ? ? C DG 24 D DC 25 1_555 ? ? ? ? ? ? WATSON-CRICK ? ? ? 
hydrog47 hydrog ? ? C DG 8 N2 ? ? ? 1_555 D DC 1 O2 ? ? C DG 24 D DC 25 1_555 ? ? ? ? ? ? WATSON-CRICK ? ? ? 
hydrog48 hydrog ? ? C DG 8 O6 ? ? ? 1_555 D DC 1 N4 ? ? C DG 24 D DC 25 1_555 ? ? ? ? ? ? WATSON-CRICK ? ? ? 
hydrog49 hydrog ? ? C DG 8 N2 ? ? ? 1_555 E DG 2 N3 ? ? C DG 24 E DG 34 1_555 ? ? ? ? ? ? TYPE_4_PAIR  ? ? ? 
hydrog50 hydrog ? ? C DG 8 N3 ? ? ? 1_555 E DG 2 N2 ? ? C DG 24 E DG 34 1_555 ? ? ? ? ? ? TYPE_4_PAIR  ? ? ? 
hydrog51 hydrog ? ? D DG 2 N2 ? ? ? 1_555 F DG 8 N3 ? ? D DG 26 F DG 48 1_555 ? ? ? ? ? ? TYPE_4_PAIR  ? ? ? 
hydrog52 hydrog ? ? D DG 2 N3 ? ? ? 1_555 F DG 8 N2 ? ? D DG 26 F DG 48 1_555 ? ? ? ? ? ? TYPE_4_PAIR  ? ? ? 
hydrog53 hydrog ? ? E DC 1 N3 ? ? ? 1_555 F DG 8 N1 ? ? E DC 33 F DG 48 1_555 ? ? ? ? ? ? WATSON-CRICK ? ? ? 
hydrog54 hydrog ? ? E DC 1 N4 ? ? ? 1_555 F DG 8 O6 ? ? E DC 33 F DG 48 1_555 ? ? ? ? ? ? WATSON-CRICK ? ? ? 
hydrog55 hydrog ? ? E DC 1 O2 ? ? ? 1_555 F DG 8 N2 ? ? E DC 33 F DG 48 1_555 ? ? ? ? ? ? WATSON-CRICK ? ? ? 
hydrog56 hydrog ? ? E DG 2 N1 ? ? ? 1_555 F DC 7 N3 ? ? E DG 34 F DC 47 1_555 ? ? ? ? ? ? WATSON-CRICK ? ? ? 
hydrog57 hydrog ? ? E DG 2 N2 ? ? ? 1_555 F DC 7 O2 ? ? E DG 34 F DC 47 1_555 ? ? ? ? ? ? WATSON-CRICK ? ? ? 
hydrog58 hydrog ? ? E DG 2 O6 ? ? ? 1_555 F DC 7 N4 ? ? E DG 34 F DC 47 1_555 ? ? ? ? ? ? WATSON-CRICK ? ? ? 
hydrog59 hydrog ? ? E DC 3 N3 ? ? ? 1_555 F DG 6 N1 ? ? E DC 35 F DG 46 1_555 ? ? ? ? ? ? WATSON-CRICK ? ? ? 
hydrog60 hydrog ? ? E DC 3 N4 ? ? ? 1_555 F DG 6 O6 ? ? E DC 35 F DG 46 1_555 ? ? ? ? ? ? WATSON-CRICK ? ? ? 
hydrog61 hydrog ? ? E DC 3 O2 ? ? ? 1_555 F DG 6 N2 ? ? E DC 35 F DG 46 1_555 ? ? ? ? ? ? WATSON-CRICK ? ? ? 
hydrog62 hydrog ? ? E DT 4 N3 ? ? ? 1_555 F DA 5 N1 ? ? E DT 36 F DA 45 1_555 ? ? ? ? ? ? WATSON-CRICK ? ? ? 
hydrog63 hydrog ? ? E DT 4 O4 ? ? ? 1_555 F DA 5 N6 ? ? E DT 36 F DA 45 1_555 ? ? ? ? ? ? WATSON-CRICK ? ? ? 
hydrog64 hydrog ? ? E DA 5 N1 ? ? ? 1_555 F DT 4 N3 ? ? E DA 37 F DT 44 1_555 ? ? ? ? ? ? WATSON-CRICK ? ? ? 
hydrog65 hydrog ? ? E DA 5 N6 ? ? ? 1_555 F DT 4 O4 ? ? E DA 37 F DT 44 1_555 ? ? ? ? ? ? WATSON-CRICK ? ? ? 
hydrog66 hydrog ? ? E DG 6 N1 ? ? ? 1_555 F DC 3 N3 ? ? E DG 38 F DC 43 1_555 ? ? ? ? ? ? WATSON-CRICK ? ? ? 
hydrog67 hydrog ? ? E DG 6 N2 ? ? ? 1_555 F DC 3 O2 ? ? E DG 38 F DC 43 1_555 ? ? ? ? ? ? WATSON-CRICK ? ? ? 
hydrog68 hydrog ? ? E DG 6 O6 ? ? ? 1_555 F DC 3 N4 ? ? E DG 38 F DC 43 1_555 ? ? ? ? ? ? WATSON-CRICK ? ? ? 
hydrog69 hydrog ? ? E DC 7 N3 ? ? ? 1_555 F DG 2 N1 ? ? E DC 39 F DG 42 1_555 ? ? ? ? ? ? WATSON-CRICK ? ? ? 
hydrog70 hydrog ? ? E DC 7 N4 ? ? ? 1_555 F DG 2 O6 ? ? E DC 39 F DG 42 1_555 ? ? ? ? ? ? WATSON-CRICK ? ? ? 
hydrog71 hydrog ? ? E DC 7 O2 ? ? ? 1_555 F DG 2 N2 ? ? E DC 39 F DG 42 1_555 ? ? ? ? ? ? WATSON-CRICK ? ? ? 
hydrog72 hydrog ? ? E DG 8 N1 ? ? ? 1_555 F DC 1 N3 ? ? E DG 40 F DC 41 1_555 ? ? ? ? ? ? WATSON-CRICK ? ? ? 
hydrog73 hydrog ? ? E DG 8 N2 ? ? ? 1_555 F DC 1 O2 ? ? E DG 40 F DC 41 1_555 ? ? ? ? ? ? WATSON-CRICK ? ? ? 
hydrog74 hydrog ? ? E DG 8 O6 ? ? ? 1_555 F DC 1 N4 ? ? E DG 40 F DC 41 1_555 ? ? ? ? ? ? WATSON-CRICK ? ? ? 
# 
_struct_conn_type.id          hydrog 
_struct_conn_type.criteria    ? 
_struct_conn_type.reference   ? 
# 
loop_
_pdbx_validate_close_contact.id 
_pdbx_validate_close_contact.PDB_model_num 
_pdbx_validate_close_contact.auth_atom_id_1 
_pdbx_validate_close_contact.auth_asym_id_1 
_pdbx_validate_close_contact.auth_comp_id_1 
_pdbx_validate_close_contact.auth_seq_id_1 
_pdbx_validate_close_contact.PDB_ins_code_1 
_pdbx_validate_close_contact.label_alt_id_1 
_pdbx_validate_close_contact.auth_atom_id_2 
_pdbx_validate_close_contact.auth_asym_id_2 
_pdbx_validate_close_contact.auth_comp_id_2 
_pdbx_validate_close_contact.auth_seq_id_2 
_pdbx_validate_close_contact.PDB_ins_code_2 
_pdbx_validate_close_contact.label_alt_id_2 
_pdbx_validate_close_contact.dist 
1 1 O2  A DC 1  ? ? H21 B DG 16 ? ? 1.59 
2 1 H42 E DC 33 ? ? O6  F DG 48 ? ? 1.59 
# 
loop_
_pdbx_validate_rmsd_bond.id 
_pdbx_validate_rmsd_bond.PDB_model_num 
_pdbx_validate_rmsd_bond.auth_atom_id_1 
_pdbx_validate_rmsd_bond.auth_asym_id_1 
_pdbx_validate_rmsd_bond.auth_comp_id_1 
_pdbx_validate_rmsd_bond.auth_seq_id_1 
_pdbx_validate_rmsd_bond.PDB_ins_code_1 
_pdbx_validate_rmsd_bond.label_alt_id_1 
_pdbx_validate_rmsd_bond.auth_atom_id_2 
_pdbx_validate_rmsd_bond.auth_asym_id_2 
_pdbx_validate_rmsd_bond.auth_comp_id_2 
_pdbx_validate_rmsd_bond.auth_seq_id_2 
_pdbx_validate_rmsd_bond.PDB_ins_code_2 
_pdbx_validate_rmsd_bond.label_alt_id_2 
_pdbx_validate_rmsd_bond.bond_value 
_pdbx_validate_rmsd_bond.bond_target_value 
_pdbx_validate_rmsd_bond.bond_deviation 
_pdbx_validate_rmsd_bond.bond_standard_deviation 
_pdbx_validate_rmsd_bond.linker_flag 
1 1 "O3'" B DT 12 ? ? P     B DA 13 ? ? 1.534 1.607 -0.073 0.012 Y 
2 1 "O3'" B DG 14 ? ? "C3'" B DG 14 ? ? 1.379 1.419 -0.040 0.006 N 
3 1 C5    C DT 20 ? ? C7    C DT 20 ? ? 1.534 1.496 0.038  0.006 N 
4 1 C8    C DG 22 ? ? N9    C DG 22 ? ? 1.331 1.374 -0.043 0.007 N 
5 1 N1    D DC 25 ? ? C6    D DC 25 ? ? 1.328 1.367 -0.039 0.006 N 
6 1 "C5'" E DC 33 ? ? "C4'" E DC 33 ? ? 1.561 1.512 0.049  0.007 N 
7 1 "O3'" E DG 34 ? ? P     E DC 35 ? ? 1.534 1.607 -0.073 0.012 Y 
8 1 P     E DC 35 ? ? "O5'" E DC 35 ? ? 1.528 1.593 -0.065 0.010 N 
9 1 C5    F DT 44 ? ? C7    F DT 44 ? ? 1.534 1.496 0.038  0.006 N 
# 
loop_
_pdbx_validate_rmsd_angle.id 
_pdbx_validate_rmsd_angle.PDB_model_num 
_pdbx_validate_rmsd_angle.auth_atom_id_1 
_pdbx_validate_rmsd_angle.auth_asym_id_1 
_pdbx_validate_rmsd_angle.auth_comp_id_1 
_pdbx_validate_rmsd_angle.auth_seq_id_1 
_pdbx_validate_rmsd_angle.PDB_ins_code_1 
_pdbx_validate_rmsd_angle.label_alt_id_1 
_pdbx_validate_rmsd_angle.auth_atom_id_2 
_pdbx_validate_rmsd_angle.auth_asym_id_2 
_pdbx_validate_rmsd_angle.auth_comp_id_2 
_pdbx_validate_rmsd_angle.auth_seq_id_2 
_pdbx_validate_rmsd_angle.PDB_ins_code_2 
_pdbx_validate_rmsd_angle.label_alt_id_2 
_pdbx_validate_rmsd_angle.auth_atom_id_3 
_pdbx_validate_rmsd_angle.auth_asym_id_3 
_pdbx_validate_rmsd_angle.auth_comp_id_3 
_pdbx_validate_rmsd_angle.auth_seq_id_3 
_pdbx_validate_rmsd_angle.PDB_ins_code_3 
_pdbx_validate_rmsd_angle.label_alt_id_3 
_pdbx_validate_rmsd_angle.angle_value 
_pdbx_validate_rmsd_angle.angle_target_value 
_pdbx_validate_rmsd_angle.angle_deviation 
_pdbx_validate_rmsd_angle.angle_standard_deviation 
_pdbx_validate_rmsd_angle.linker_flag 
1  1 N1    A DC 1  ? ? C2    A DC 1  ? ? O2    A DC 1  ? ? 124.50 118.90 5.60   0.60 N 
2  1 N3    A DC 1  ? ? C2    A DC 1  ? ? O2    A DC 1  ? ? 116.67 121.90 -5.23  0.70 N 
3  1 "O4'" A DG 2  ? ? "C1'" A DG 2  ? ? N9    A DG 2  ? ? 110.53 108.30 2.23   0.30 N 
4  1 "C3'" A DG 2  ? ? "O3'" A DG 2  ? ? P     A DC 3  ? ? 131.11 119.70 11.41  1.20 Y 
5  1 "O4'" A DC 3  ? ? "C1'" A DC 3  ? ? N1    A DC 3  ? ? 110.20 108.30 1.90   0.30 N 
6  1 N1    A DC 3  ? ? C2    A DC 3  ? ? O2    A DC 3  ? ? 123.67 118.90 4.77   0.60 N 
7  1 "O4'" A DT 4  ? ? "C1'" A DT 4  ? ? N1    A DT 4  ? ? 110.20 108.30 1.90   0.30 N 
8  1 C6    A DT 4  ? ? C5    A DT 4  ? ? C7    A DT 4  ? ? 117.93 122.90 -4.97  0.60 N 
9  1 N1    A DC 7  ? ? C2    A DC 7  ? ? O2    A DC 7  ? ? 122.84 118.90 3.94   0.60 N 
10 1 "O4'" A DG 8  ? ? "C1'" A DG 8  ? ? N9    A DG 8  ? ? 110.95 108.30 2.65   0.30 N 
11 1 "C3'" B DC 9  ? ? "O3'" B DC 9  ? ? P     B DG 10 ? ? 127.87 119.70 8.17   1.20 Y 
12 1 "O4'" B DT 12 ? ? "C1'" B DT 12 ? ? N1    B DT 12 ? ? 115.03 108.30 6.73   0.30 N 
13 1 C4    B DT 12 ? ? C5    B DT 12 ? ? C6    B DT 12 ? ? 122.40 118.00 4.40   0.60 N 
14 1 C6    B DT 12 ? ? C5    B DT 12 ? ? C7    B DT 12 ? ? 118.10 122.90 -4.80  0.60 N 
15 1 "O4'" B DA 13 ? ? "C1'" B DA 13 ? ? N9    B DA 13 ? ? 101.49 108.00 -6.51  0.70 N 
16 1 "O4'" B DG 14 ? ? "C1'" B DG 14 ? ? "C2'" B DG 14 ? ? 101.01 105.90 -4.89  0.80 N 
17 1 "O4'" B DG 14 ? ? "C1'" B DG 14 ? ? N9    B DG 14 ? ? 116.16 108.30 7.86   0.30 N 
18 1 "O4'" B DG 16 ? ? "C1'" B DG 16 ? ? N9    B DG 16 ? ? 114.04 108.30 5.74   0.30 N 
19 1 "C5'" C DC 17 ? ? "C4'" C DC 17 ? ? "C3'" C DC 17 ? ? 129.25 115.70 13.55  1.20 N 
20 1 N1    C DC 17 ? ? C2    C DC 17 ? ? O2    C DC 17 ? ? 123.40 118.90 4.50   0.60 N 
21 1 N3    C DC 17 ? ? C2    C DC 17 ? ? O2    C DC 17 ? ? 117.13 121.90 -4.77  0.70 N 
22 1 "C3'" C DC 17 ? ? "O3'" C DC 17 ? ? P     C DG 18 ? ? 129.28 119.70 9.58   1.20 Y 
23 1 "O5'" C DG 18 ? ? "C5'" C DG 18 ? ? "C4'" C DG 18 ? ? 104.01 109.40 -5.39  0.80 N 
24 1 "O4'" C DG 18 ? ? "C1'" C DG 18 ? ? N9    C DG 18 ? ? 111.45 108.30 3.15   0.30 N 
25 1 "C3'" C DG 18 ? ? "O3'" C DG 18 ? ? P     C DC 19 ? ? 130.56 119.70 10.86  1.20 Y 
26 1 "O5'" C DC 19 ? ? "C5'" C DC 19 ? ? "C4'" C DC 19 ? ? 103.13 109.40 -6.27  0.80 N 
27 1 "O4'" C DC 19 ? ? "C1'" C DC 19 ? ? N1    C DC 19 ? ? 110.26 108.30 1.96   0.30 N 
28 1 N1    C DC 19 ? ? C2    C DC 19 ? ? O2    C DC 19 ? ? 122.96 118.90 4.06   0.60 N 
29 1 C6    C DT 20 ? ? C5    C DT 20 ? ? C7    C DT 20 ? ? 118.08 122.90 -4.82  0.60 N 
30 1 "C3'" C DA 21 ? ? "O3'" C DA 21 ? ? P     C DG 22 ? ? 127.11 119.70 7.41   1.20 Y 
31 1 N1    C DC 23 ? ? C2    C DC 23 ? ? O2    C DC 23 ? ? 123.07 118.90 4.17   0.60 N 
32 1 N3    C DC 23 ? ? C2    C DC 23 ? ? O2    C DC 23 ? ? 117.32 121.90 -4.58  0.70 N 
33 1 "C3'" C DC 23 ? ? "O3'" C DC 23 ? ? P     C DG 24 ? ? 130.32 119.70 10.62  1.20 Y 
34 1 "O4'" C DG 24 ? ? "C1'" C DG 24 ? ? N9    C DG 24 ? ? 114.18 108.30 5.88   0.30 N 
35 1 "C5'" D DC 25 ? ? "C4'" D DC 25 ? ? "O4'" D DC 25 ? ? 125.28 109.80 15.48  1.10 N 
36 1 N1    D DC 25 ? ? C2    D DC 25 ? ? O2    D DC 25 ? ? 122.91 118.90 4.01   0.60 N 
37 1 N3    D DC 25 ? ? C2    D DC 25 ? ? O2    D DC 25 ? ? 117.42 121.90 -4.48  0.70 N 
38 1 "C3'" D DG 26 ? ? "O3'" D DG 26 ? ? P     D DC 27 ? ? 128.81 119.70 9.11   1.20 Y 
39 1 "O4'" D DT 28 ? ? "C1'" D DT 28 ? ? N1    D DT 28 ? ? 115.33 108.30 7.03   0.30 N 
40 1 C6    D DT 28 ? ? C5    D DT 28 ? ? C7    D DT 28 ? ? 117.70 122.90 -5.20  0.60 N 
41 1 "O4'" D DA 29 ? ? "C1'" D DA 29 ? ? N9    D DA 29 ? ? 101.53 108.00 -6.47  0.70 N 
42 1 N1    D DA 29 ? ? C6    D DA 29 ? ? N6    D DA 29 ? ? 122.38 118.60 3.78   0.60 N 
43 1 "O4'" D DG 30 ? ? "C1'" D DG 30 ? ? N9    D DG 30 ? ? 116.63 108.30 8.33   0.30 N 
44 1 "O4'" D DC 31 ? ? "C1'" D DC 31 ? ? N1    D DC 31 ? ? 111.75 108.30 3.45   0.30 N 
45 1 "O4'" D DG 32 ? ? "C1'" D DG 32 ? ? N9    D DG 32 ? ? 112.91 108.30 4.61   0.30 N 
46 1 "O4'" E DC 33 ? ? "C1'" E DC 33 ? ? N1    E DC 33 ? ? 103.10 108.00 -4.90  0.70 N 
47 1 N1    E DC 33 ? ? C2    E DC 33 ? ? O2    E DC 33 ? ? 123.44 118.90 4.54   0.60 N 
48 1 "O3'" E DG 34 ? ? P     E DC 35 ? ? "O5'" E DC 35 ? ? 115.59 104.00 11.59  1.90 Y 
49 1 "O5'" E DC 35 ? ? "C5'" E DC 35 ? ? "C4'" E DC 35 ? ? 104.03 109.40 -5.37  0.80 N 
50 1 "C5'" E DC 35 ? ? "C4'" E DC 35 ? ? "O4'" E DC 35 ? ? 116.44 109.80 6.64   1.10 N 
51 1 "O4'" E DC 35 ? ? "C1'" E DC 35 ? ? N1    E DC 35 ? ? 110.67 108.30 2.37   0.30 N 
52 1 "O4'" E DT 36 ? ? "C1'" E DT 36 ? ? N1    E DT 36 ? ? 110.98 108.30 2.68   0.30 N 
53 1 C4    E DT 36 ? ? C5    E DT 36 ? ? C6    E DT 36 ? ? 121.77 118.00 3.77   0.60 N 
54 1 C5    E DT 36 ? ? C6    E DT 36 ? ? N1    E DT 36 ? ? 119.96 123.70 -3.74  0.60 N 
55 1 C6    E DT 36 ? ? C5    E DT 36 ? ? C7    E DT 36 ? ? 116.71 122.90 -6.19  0.60 N 
56 1 "O4'" E DG 40 ? ? "C1'" E DG 40 ? ? N9    E DG 40 ? ? 112.97 108.30 4.67   0.30 N 
57 1 N1    F DC 41 ? ? C2    F DC 41 ? ? O2    F DC 41 ? ? 123.64 118.90 4.74   0.60 N 
58 1 "C3'" F DC 41 ? ? "O3'" F DC 41 ? ? P     F DG 42 ? ? 127.24 119.70 7.54   1.20 Y 
59 1 "O4'" F DT 44 ? ? "C1'" F DT 44 ? ? N1    F DT 44 ? ? 115.28 108.30 6.98   0.30 N 
60 1 C6    F DT 44 ? ? C5    F DT 44 ? ? C7    F DT 44 ? ? 117.42 122.90 -5.48  0.60 N 
61 1 "C3'" F DT 44 ? ? "O3'" F DT 44 ? ? P     F DA 45 ? ? 127.51 119.70 7.81   1.20 Y 
62 1 "O4'" F DA 45 ? ? "C1'" F DA 45 ? ? N9    F DA 45 ? ? 97.16  108.00 -10.84 0.70 N 
63 1 N1    F DA 45 ? ? C6    F DA 45 ? ? N6    F DA 45 ? ? 122.42 118.60 3.82   0.60 N 
64 1 "O4'" F DG 46 ? ? "C1'" F DG 46 ? ? N9    F DG 46 ? ? 115.07 108.30 6.77   0.30 N 
65 1 "O5'" F DG 48 ? ? "C5'" F DG 48 ? ? "C4'" F DG 48 ? ? 103.62 109.40 -5.78  0.80 N 
66 1 "O4'" F DG 48 ? ? "C1'" F DG 48 ? ? N9    F DG 48 ? ? 111.08 108.30 2.78   0.30 N 
# 
loop_
_pdbx_validate_planes.id 
_pdbx_validate_planes.PDB_model_num 
_pdbx_validate_planes.auth_comp_id 
_pdbx_validate_planes.auth_asym_id 
_pdbx_validate_planes.auth_seq_id 
_pdbx_validate_planes.PDB_ins_code 
_pdbx_validate_planes.label_alt_id 
_pdbx_validate_planes.rmsd 
_pdbx_validate_planes.type 
1 1 DG C 18 ? ? 0.060 'SIDE CHAIN' 
2 1 DC D 25 ? ? 0.070 'SIDE CHAIN' 
# 
loop_
_refine_B_iso.class 
_refine_B_iso.details 
_refine_B_iso.treatment 
_refine_B_iso.pdbx_refine_id 
'ALL ATOMS'  TR isotropic 'X-RAY DIFFRACTION' 
'ALL WATERS' TR isotropic 'X-RAY DIFFRACTION' 
# 
loop_
_refine_occupancy.class 
_refine_occupancy.treatment 
_refine_occupancy.pdbx_refine_id 
'ALL ATOMS'  fix 'X-RAY DIFFRACTION' 
'ALL WATERS' fix 'X-RAY DIFFRACTION' 
# 
loop_
_chem_comp_atom.comp_id 
_chem_comp_atom.atom_id 
_chem_comp_atom.type_symbol 
_chem_comp_atom.pdbx_aromatic_flag 
_chem_comp_atom.pdbx_stereo_config 
_chem_comp_atom.pdbx_ordinal 
DA  OP3    O N N 1   
DA  P      P N N 2   
DA  OP1    O N N 3   
DA  OP2    O N N 4   
DA  "O5'"  O N N 5   
DA  "C5'"  C N N 6   
DA  "C4'"  C N R 7   
DA  "O4'"  O N N 8   
DA  "C3'"  C N S 9   
DA  "O3'"  O N N 10  
DA  "C2'"  C N N 11  
DA  "C1'"  C N R 12  
DA  N9     N Y N 13  
DA  C8     C Y N 14  
DA  N7     N Y N 15  
DA  C5     C Y N 16  
DA  C6     C Y N 17  
DA  N6     N N N 18  
DA  N1     N Y N 19  
DA  C2     C Y N 20  
DA  N3     N Y N 21  
DA  C4     C Y N 22  
DA  HOP3   H N N 23  
DA  HOP2   H N N 24  
DA  "H5'"  H N N 25  
DA  "H5''" H N N 26  
DA  "H4'"  H N N 27  
DA  "H3'"  H N N 28  
DA  "HO3'" H N N 29  
DA  "H2'"  H N N 30  
DA  "H2''" H N N 31  
DA  "H1'"  H N N 32  
DA  H8     H N N 33  
DA  H61    H N N 34  
DA  H62    H N N 35  
DA  H2     H N N 36  
DC  OP3    O N N 37  
DC  P      P N N 38  
DC  OP1    O N N 39  
DC  OP2    O N N 40  
DC  "O5'"  O N N 41  
DC  "C5'"  C N N 42  
DC  "C4'"  C N R 43  
DC  "O4'"  O N N 44  
DC  "C3'"  C N S 45  
DC  "O3'"  O N N 46  
DC  "C2'"  C N N 47  
DC  "C1'"  C N R 48  
DC  N1     N N N 49  
DC  C2     C N N 50  
DC  O2     O N N 51  
DC  N3     N N N 52  
DC  C4     C N N 53  
DC  N4     N N N 54  
DC  C5     C N N 55  
DC  C6     C N N 56  
DC  HOP3   H N N 57  
DC  HOP2   H N N 58  
DC  "H5'"  H N N 59  
DC  "H5''" H N N 60  
DC  "H4'"  H N N 61  
DC  "H3'"  H N N 62  
DC  "HO3'" H N N 63  
DC  "H2'"  H N N 64  
DC  "H2''" H N N 65  
DC  "H1'"  H N N 66  
DC  H41    H N N 67  
DC  H42    H N N 68  
DC  H5     H N N 69  
DC  H6     H N N 70  
DG  OP3    O N N 71  
DG  P      P N N 72  
DG  OP1    O N N 73  
DG  OP2    O N N 74  
DG  "O5'"  O N N 75  
DG  "C5'"  C N N 76  
DG  "C4'"  C N R 77  
DG  "O4'"  O N N 78  
DG  "C3'"  C N S 79  
DG  "O3'"  O N N 80  
DG  "C2'"  C N N 81  
DG  "C1'"  C N R 82  
DG  N9     N Y N 83  
DG  C8     C Y N 84  
DG  N7     N Y N 85  
DG  C5     C Y N 86  
DG  C6     C N N 87  
DG  O6     O N N 88  
DG  N1     N N N 89  
DG  C2     C N N 90  
DG  N2     N N N 91  
DG  N3     N N N 92  
DG  C4     C Y N 93  
DG  HOP3   H N N 94  
DG  HOP2   H N N 95  
DG  "H5'"  H N N 96  
DG  "H5''" H N N 97  
DG  "H4'"  H N N 98  
DG  "H3'"  H N N 99  
DG  "HO3'" H N N 100 
DG  "H2'"  H N N 101 
DG  "H2''" H N N 102 
DG  "H1'"  H N N 103 
DG  H8     H N N 104 
DG  H1     H N N 105 
DG  H21    H N N 106 
DG  H22    H N N 107 
DT  OP3    O N N 108 
DT  P      P N N 109 
DT  OP1    O N N 110 
DT  OP2    O N N 111 
DT  "O5'"  O N N 112 
DT  "C5'"  C N N 113 
DT  "C4'"  C N R 114 
DT  "O4'"  O N N 115 
DT  "C3'"  C N S 116 
DT  "O3'"  O N N 117 
DT  "C2'"  C N N 118 
DT  "C1'"  C N R 119 
DT  N1     N N N 120 
DT  C2     C N N 121 
DT  O2     O N N 122 
DT  N3     N N N 123 
DT  C4     C N N 124 
DT  O4     O N N 125 
DT  C5     C N N 126 
DT  C7     C N N 127 
DT  C6     C N N 128 
DT  HOP3   H N N 129 
DT  HOP2   H N N 130 
DT  "H5'"  H N N 131 
DT  "H5''" H N N 132 
DT  "H4'"  H N N 133 
DT  "H3'"  H N N 134 
DT  "HO3'" H N N 135 
DT  "H2'"  H N N 136 
DT  "H2''" H N N 137 
DT  "H1'"  H N N 138 
DT  H3     H N N 139 
DT  H71    H N N 140 
DT  H72    H N N 141 
DT  H73    H N N 142 
DT  H6     H N N 143 
HOH O      O N N 144 
HOH H1     H N N 145 
HOH H2     H N N 146 
# 
loop_
_chem_comp_bond.comp_id 
_chem_comp_bond.atom_id_1 
_chem_comp_bond.atom_id_2 
_chem_comp_bond.value_order 
_chem_comp_bond.pdbx_aromatic_flag 
_chem_comp_bond.pdbx_stereo_config 
_chem_comp_bond.pdbx_ordinal 
DA  OP3   P      sing N N 1   
DA  OP3   HOP3   sing N N 2   
DA  P     OP1    doub N N 3   
DA  P     OP2    sing N N 4   
DA  P     "O5'"  sing N N 5   
DA  OP2   HOP2   sing N N 6   
DA  "O5'" "C5'"  sing N N 7   
DA  "C5'" "C4'"  sing N N 8   
DA  "C5'" "H5'"  sing N N 9   
DA  "C5'" "H5''" sing N N 10  
DA  "C4'" "O4'"  sing N N 11  
DA  "C4'" "C3'"  sing N N 12  
DA  "C4'" "H4'"  sing N N 13  
DA  "O4'" "C1'"  sing N N 14  
DA  "C3'" "O3'"  sing N N 15  
DA  "C3'" "C2'"  sing N N 16  
DA  "C3'" "H3'"  sing N N 17  
DA  "O3'" "HO3'" sing N N 18  
DA  "C2'" "C1'"  sing N N 19  
DA  "C2'" "H2'"  sing N N 20  
DA  "C2'" "H2''" sing N N 21  
DA  "C1'" N9     sing N N 22  
DA  "C1'" "H1'"  sing N N 23  
DA  N9    C8     sing Y N 24  
DA  N9    C4     sing Y N 25  
DA  C8    N7     doub Y N 26  
DA  C8    H8     sing N N 27  
DA  N7    C5     sing Y N 28  
DA  C5    C6     sing Y N 29  
DA  C5    C4     doub Y N 30  
DA  C6    N6     sing N N 31  
DA  C6    N1     doub Y N 32  
DA  N6    H61    sing N N 33  
DA  N6    H62    sing N N 34  
DA  N1    C2     sing Y N 35  
DA  C2    N3     doub Y N 36  
DA  C2    H2     sing N N 37  
DA  N3    C4     sing Y N 38  
DC  OP3   P      sing N N 39  
DC  OP3   HOP3   sing N N 40  
DC  P     OP1    doub N N 41  
DC  P     OP2    sing N N 42  
DC  P     "O5'"  sing N N 43  
DC  OP2   HOP2   sing N N 44  
DC  "O5'" "C5'"  sing N N 45  
DC  "C5'" "C4'"  sing N N 46  
DC  "C5'" "H5'"  sing N N 47  
DC  "C5'" "H5''" sing N N 48  
DC  "C4'" "O4'"  sing N N 49  
DC  "C4'" "C3'"  sing N N 50  
DC  "C4'" "H4'"  sing N N 51  
DC  "O4'" "C1'"  sing N N 52  
DC  "C3'" "O3'"  sing N N 53  
DC  "C3'" "C2'"  sing N N 54  
DC  "C3'" "H3'"  sing N N 55  
DC  "O3'" "HO3'" sing N N 56  
DC  "C2'" "C1'"  sing N N 57  
DC  "C2'" "H2'"  sing N N 58  
DC  "C2'" "H2''" sing N N 59  
DC  "C1'" N1     sing N N 60  
DC  "C1'" "H1'"  sing N N 61  
DC  N1    C2     sing N N 62  
DC  N1    C6     sing N N 63  
DC  C2    O2     doub N N 64  
DC  C2    N3     sing N N 65  
DC  N3    C4     doub N N 66  
DC  C4    N4     sing N N 67  
DC  C4    C5     sing N N 68  
DC  N4    H41    sing N N 69  
DC  N4    H42    sing N N 70  
DC  C5    C6     doub N N 71  
DC  C5    H5     sing N N 72  
DC  C6    H6     sing N N 73  
DG  OP3   P      sing N N 74  
DG  OP3   HOP3   sing N N 75  
DG  P     OP1    doub N N 76  
DG  P     OP2    sing N N 77  
DG  P     "O5'"  sing N N 78  
DG  OP2   HOP2   sing N N 79  
DG  "O5'" "C5'"  sing N N 80  
DG  "C5'" "C4'"  sing N N 81  
DG  "C5'" "H5'"  sing N N 82  
DG  "C5'" "H5''" sing N N 83  
DG  "C4'" "O4'"  sing N N 84  
DG  "C4'" "C3'"  sing N N 85  
DG  "C4'" "H4'"  sing N N 86  
DG  "O4'" "C1'"  sing N N 87  
DG  "C3'" "O3'"  sing N N 88  
DG  "C3'" "C2'"  sing N N 89  
DG  "C3'" "H3'"  sing N N 90  
DG  "O3'" "HO3'" sing N N 91  
DG  "C2'" "C1'"  sing N N 92  
DG  "C2'" "H2'"  sing N N 93  
DG  "C2'" "H2''" sing N N 94  
DG  "C1'" N9     sing N N 95  
DG  "C1'" "H1'"  sing N N 96  
DG  N9    C8     sing Y N 97  
DG  N9    C4     sing Y N 98  
DG  C8    N7     doub Y N 99  
DG  C8    H8     sing N N 100 
DG  N7    C5     sing Y N 101 
DG  C5    C6     sing N N 102 
DG  C5    C4     doub Y N 103 
DG  C6    O6     doub N N 104 
DG  C6    N1     sing N N 105 
DG  N1    C2     sing N N 106 
DG  N1    H1     sing N N 107 
DG  C2    N2     sing N N 108 
DG  C2    N3     doub N N 109 
DG  N2    H21    sing N N 110 
DG  N2    H22    sing N N 111 
DG  N3    C4     sing N N 112 
DT  OP3   P      sing N N 113 
DT  OP3   HOP3   sing N N 114 
DT  P     OP1    doub N N 115 
DT  P     OP2    sing N N 116 
DT  P     "O5'"  sing N N 117 
DT  OP2   HOP2   sing N N 118 
DT  "O5'" "C5'"  sing N N 119 
DT  "C5'" "C4'"  sing N N 120 
DT  "C5'" "H5'"  sing N N 121 
DT  "C5'" "H5''" sing N N 122 
DT  "C4'" "O4'"  sing N N 123 
DT  "C4'" "C3'"  sing N N 124 
DT  "C4'" "H4'"  sing N N 125 
DT  "O4'" "C1'"  sing N N 126 
DT  "C3'" "O3'"  sing N N 127 
DT  "C3'" "C2'"  sing N N 128 
DT  "C3'" "H3'"  sing N N 129 
DT  "O3'" "HO3'" sing N N 130 
DT  "C2'" "C1'"  sing N N 131 
DT  "C2'" "H2'"  sing N N 132 
DT  "C2'" "H2''" sing N N 133 
DT  "C1'" N1     sing N N 134 
DT  "C1'" "H1'"  sing N N 135 
DT  N1    C2     sing N N 136 
DT  N1    C6     sing N N 137 
DT  C2    O2     doub N N 138 
DT  C2    N3     sing N N 139 
DT  N3    C4     sing N N 140 
DT  N3    H3     sing N N 141 
DT  C4    O4     doub N N 142 
DT  C4    C5     sing N N 143 
DT  C5    C7     sing N N 144 
DT  C5    C6     doub N N 145 
DT  C7    H71    sing N N 146 
DT  C7    H72    sing N N 147 
DT  C7    H73    sing N N 148 
DT  C6    H6     sing N N 149 
HOH O     H1     sing N N 150 
HOH O     H2     sing N N 151 
# 
_ndb_struct_conf_na.entry_id   250D 
_ndb_struct_conf_na.feature    'b-form double helix' 
# 
loop_
_ndb_struct_na_base_pair.model_number 
_ndb_struct_na_base_pair.i_label_asym_id 
_ndb_struct_na_base_pair.i_label_comp_id 
_ndb_struct_na_base_pair.i_label_seq_id 
_ndb_struct_na_base_pair.i_symmetry 
_ndb_struct_na_base_pair.j_label_asym_id 
_ndb_struct_na_base_pair.j_label_comp_id 
_ndb_struct_na_base_pair.j_label_seq_id 
_ndb_struct_na_base_pair.j_symmetry 
_ndb_struct_na_base_pair.shear 
_ndb_struct_na_base_pair.stretch 
_ndb_struct_na_base_pair.stagger 
_ndb_struct_na_base_pair.buckle 
_ndb_struct_na_base_pair.propeller 
_ndb_struct_na_base_pair.opening 
_ndb_struct_na_base_pair.pair_number 
_ndb_struct_na_base_pair.pair_name 
_ndb_struct_na_base_pair.i_auth_asym_id 
_ndb_struct_na_base_pair.i_auth_seq_id 
_ndb_struct_na_base_pair.i_PDB_ins_code 
_ndb_struct_na_base_pair.j_auth_asym_id 
_ndb_struct_na_base_pair.j_auth_seq_id 
_ndb_struct_na_base_pair.j_PDB_ins_code 
_ndb_struct_na_base_pair.hbond_type_28 
_ndb_struct_na_base_pair.hbond_type_12 
1 A DC 1 1_555 B DG 8 1_555 -0.299 -0.349 -0.026 1.650   -2.967  -1.302 1  A_DC1:DG16_B  A 1  ? B 16 ? 19 1 
1 A DG 2 1_555 B DC 7 1_555 -0.316 -0.301 0.046  -12.719 -17.765 -3.294 2  A_DG2:DC15_B  A 2  ? B 15 ? 19 1 
1 A DC 3 1_555 B DG 6 1_555 -0.083 -0.116 0.395  -13.421 -10.061 0.133  3  A_DC3:DG14_B  A 3  ? B 14 ? 19 1 
1 A DT 4 1_555 B DA 5 1_555 -0.176 -0.253 -0.295 1.392   -10.755 0.974  4  A_DT4:DA13_B  A 4  ? B 13 ? 20 1 
1 A DA 5 1_555 B DT 4 1_555 0.060  -0.050 -0.125 0.550   -14.626 -3.161 5  A_DA5:DT12_B  A 5  ? B 12 ? 20 1 
1 A DG 6 1_555 B DC 3 1_555 -0.251 -0.042 0.090  7.169   -7.060  0.402  6  A_DG6:DC11_B  A 6  ? B 11 ? 19 1 
1 A DC 7 1_555 B DG 2 1_555 0.354  -0.245 -0.012 6.995   -16.986 -3.441 7  A_DC7:DG10_B  A 7  ? B 10 ? 19 1 
1 A DG 8 1_555 B DC 1 1_555 0.010  -0.324 0.452  7.689   -8.218  -5.418 8  A_DG8:DC9_B   A 8  ? B 9  ? 19 1 
1 C DC 1 1_555 D DG 8 1_555 -0.293 -0.349 0.063  4.080   -5.573  -1.219 9  C_DC17:DG32_D C 17 ? D 32 ? 19 1 
1 C DG 2 1_555 D DC 7 1_555 -0.310 -0.337 0.101  -9.871  -18.342 -3.321 10 C_DG18:DC31_D C 18 ? D 31 ? 19 1 
1 C DC 3 1_555 D DG 6 1_555 -0.095 -0.088 0.539  -14.068 -9.768  -0.569 11 C_DC19:DG30_D C 19 ? D 30 ? 19 1 
1 C DT 4 1_555 D DA 5 1_555 -0.168 -0.282 -0.298 2.081   -8.262  0.733  12 C_DT20:DA29_D C 20 ? D 29 ? 20 1 
1 C DA 5 1_555 D DT 4 1_555 0.087  -0.049 -0.123 -0.505  -14.193 -2.941 13 C_DA21:DT28_D C 21 ? D 28 ? 20 1 
1 C DG 6 1_555 D DC 3 1_555 -0.257 -0.026 0.054  7.981   -7.745  0.756  14 C_DG22:DC27_D C 22 ? D 27 ? 19 1 
1 C DC 7 1_555 D DG 2 1_555 0.349  -0.273 0.011  6.488   -16.968 -3.014 15 C_DC23:DG26_D C 23 ? D 26 ? 19 1 
1 C DG 8 1_555 D DC 1 1_555 0.023  -0.320 0.409  8.998   -9.052  -5.803 16 C_DG24:DC25_D C 24 ? D 25 ? 19 1 
1 E DC 1 1_555 F DG 8 1_555 -0.288 -0.352 -0.108 3.448   -3.489  -1.306 17 E_DC33:DG48_F E 33 ? F 48 ? 19 1 
1 E DG 2 1_555 F DC 7 1_555 -0.360 -0.286 0.088  -11.355 -17.680 -3.774 18 E_DG34:DC47_F E 34 ? F 47 ? 19 1 
1 E DC 3 1_555 F DG 6 1_555 -0.092 -0.115 0.409  -13.630 -9.922  -0.483 19 E_DC35:DG46_F E 35 ? F 46 ? 19 1 
1 E DT 4 1_555 F DA 5 1_555 -0.160 -0.237 -0.333 1.389   -8.573  0.886  20 E_DT36:DA45_F E 36 ? F 45 ? 20 1 
1 E DA 5 1_555 F DT 4 1_555 0.107  -0.059 -0.156 -0.837  -14.807 -2.985 21 E_DA37:DT44_F E 37 ? F 44 ? 20 1 
1 E DG 6 1_555 F DC 3 1_555 -0.260 -0.039 -0.080 6.436   -7.604  1.251  22 E_DG38:DC43_F E 38 ? F 43 ? 19 1 
1 E DC 7 1_555 F DG 2 1_555 0.350  -0.259 0.017  6.821   -16.640 -3.234 23 E_DC39:DG42_F E 39 ? F 42 ? 19 1 
1 E DG 8 1_555 F DC 1 1_555 0.016  -0.319 0.378  8.443   -7.052  -5.619 24 E_DG40:DC41_F E 40 ? F 41 ? 19 1 
# 
loop_
_ndb_struct_na_base_pair_step.model_number 
_ndb_struct_na_base_pair_step.i_label_asym_id_1 
_ndb_struct_na_base_pair_step.i_label_comp_id_1 
_ndb_struct_na_base_pair_step.i_label_seq_id_1 
_ndb_struct_na_base_pair_step.i_symmetry_1 
_ndb_struct_na_base_pair_step.j_label_asym_id_1 
_ndb_struct_na_base_pair_step.j_label_comp_id_1 
_ndb_struct_na_base_pair_step.j_label_seq_id_1 
_ndb_struct_na_base_pair_step.j_symmetry_1 
_ndb_struct_na_base_pair_step.i_label_asym_id_2 
_ndb_struct_na_base_pair_step.i_label_comp_id_2 
_ndb_struct_na_base_pair_step.i_label_seq_id_2 
_ndb_struct_na_base_pair_step.i_symmetry_2 
_ndb_struct_na_base_pair_step.j_label_asym_id_2 
_ndb_struct_na_base_pair_step.j_label_comp_id_2 
_ndb_struct_na_base_pair_step.j_label_seq_id_2 
_ndb_struct_na_base_pair_step.j_symmetry_2 
_ndb_struct_na_base_pair_step.shift 
_ndb_struct_na_base_pair_step.slide 
_ndb_struct_na_base_pair_step.rise 
_ndb_struct_na_base_pair_step.tilt 
_ndb_struct_na_base_pair_step.roll 
_ndb_struct_na_base_pair_step.twist 
_ndb_struct_na_base_pair_step.x_displacement 
_ndb_struct_na_base_pair_step.y_displacement 
_ndb_struct_na_base_pair_step.helical_rise 
_ndb_struct_na_base_pair_step.inclination 
_ndb_struct_na_base_pair_step.tip 
_ndb_struct_na_base_pair_step.helical_twist 
_ndb_struct_na_base_pair_step.step_number 
_ndb_struct_na_base_pair_step.step_name 
_ndb_struct_na_base_pair_step.i_auth_asym_id_1 
_ndb_struct_na_base_pair_step.i_auth_seq_id_1 
_ndb_struct_na_base_pair_step.i_PDB_ins_code_1 
_ndb_struct_na_base_pair_step.j_auth_asym_id_1 
_ndb_struct_na_base_pair_step.j_auth_seq_id_1 
_ndb_struct_na_base_pair_step.j_PDB_ins_code_1 
_ndb_struct_na_base_pair_step.i_auth_asym_id_2 
_ndb_struct_na_base_pair_step.i_auth_seq_id_2 
_ndb_struct_na_base_pair_step.i_PDB_ins_code_2 
_ndb_struct_na_base_pair_step.j_auth_asym_id_2 
_ndb_struct_na_base_pair_step.j_auth_seq_id_2 
_ndb_struct_na_base_pair_step.j_PDB_ins_code_2 
1 A DC 1 1_555 B DG 8 1_555 A DG 2 1_555 B DC 7 1_555 -0.127 0.288  3.808 -1.392 -0.727 38.487 0.541 -0.008 3.805 -1.102 2.111   
38.518 1  AA_DC1DG2:DC15DG16_BB   A 1  ? B 16 ? A 2  ? B 15 ? 
1 A DG 2 1_555 B DC 7 1_555 A DC 3 1_555 B DG 6 1_555 0.605  0.218  3.491 0.182  -1.746 38.434 0.562 -0.894 3.480 -2.650 -0.277  
38.473 2  AA_DG2DC3:DG14DC15_BB   A 2  ? B 15 ? A 3  ? B 14 ? 
1 A DC 3 1_555 B DG 6 1_555 A DT 4 1_555 B DA 5 1_555 -0.538 0.754  3.034 6.591  4.572  26.392 0.545 2.624  2.904 9.731  -14.029 
27.563 3  AA_DC3DT4:DA13DG14_BB   A 3  ? B 14 ? A 4  ? B 13 ? 
1 A DT 4 1_555 B DA 5 1_555 A DA 5 1_555 B DT 4 1_555 -0.260 2.094  3.403 -1.416 -5.898 50.770 2.839 0.203  3.163 -6.850 1.645   
51.108 4  AA_DT4DA5:DT12DA13_BB   A 4  ? B 13 ? A 5  ? B 12 ? 
1 A DA 5 1_555 B DT 4 1_555 A DG 6 1_555 B DC 3 1_555 0.693  0.653  3.272 -2.276 2.731  25.594 0.700 -2.184 3.250 6.128  5.105   
25.836 5  AA_DA5DG6:DC11DT12_BB   A 5  ? B 12 ? A 6  ? B 11 ? 
1 A DG 6 1_555 B DC 3 1_555 A DC 7 1_555 B DG 2 1_555 -0.644 0.790  3.469 -0.177 -2.487 42.440 1.355 0.869  3.422 -3.431 0.244   
42.510 6  AA_DG6DC7:DG10DC11_BB   A 6  ? B 11 ? A 7  ? B 10 ? 
1 A DC 7 1_555 B DG 2 1_555 A DG 8 1_555 B DC 1 1_555 0.145  0.574  3.406 -2.735 1.812  35.633 0.662 -0.646 3.410 2.954  4.458   
35.779 7  AA_DC7DG8:DC9DG10_BB    A 7  ? B 10 ? A 8  ? B 9  ? 
1 C DC 1 1_555 D DG 8 1_555 C DG 2 1_555 D DC 7 1_555 -0.109 0.303  3.799 -1.534 -1.255 38.534 0.638 -0.054 3.789 -1.901 2.322   
38.583 8  CC_DC17DG18:DC31DG32_DD C 17 ? D 32 ? C 18 ? D 31 ? 
1 C DG 2 1_555 D DC 7 1_555 C DC 3 1_555 D DG 6 1_555 0.742  0.170  3.581 -0.255 -0.567 37.320 0.347 -1.196 3.573 -0.886 0.399   
37.325 9  CC_DG18DC19:DG30DC31_DD C 18 ? D 31 ? C 19 ? D 30 ? 
1 C DC 3 1_555 D DG 6 1_555 C DT 4 1_555 D DA 5 1_555 -0.567 0.709  2.978 7.318  4.168  26.475 0.568 2.778  2.800 8.821  -15.487 
27.760 10 CC_DC19DT20:DA29DG30_DD C 19 ? D 30 ? C 20 ? D 29 ? 
1 C DT 4 1_555 D DA 5 1_555 C DA 5 1_555 D DT 4 1_555 -0.276 2.099  3.461 -1.283 -6.273 50.719 2.878 0.230  3.203 -7.290 1.491   
51.095 11 CC_DT20DA21:DT28DA29_DD C 20 ? D 29 ? C 21 ? D 28 ? 
1 C DA 5 1_555 D DT 4 1_555 C DG 6 1_555 D DC 3 1_555 0.650  0.655  3.217 -2.279 3.644  25.851 0.469 -2.044 3.209 8.074  5.050   
26.200 12 CC_DA21DG22:DC27DT28_DD C 21 ? D 28 ? C 22 ? D 27 ? 
1 C DG 6 1_555 D DC 3 1_555 C DC 7 1_555 D DG 2 1_555 -0.466 0.847  3.391 -1.042 -6.412 44.134 1.717 0.516  3.253 -8.479 1.377   
44.585 13 CC_DG22DC23:DG26DC27_DD C 22 ? D 27 ? C 23 ? D 26 ? 
1 C DC 7 1_555 D DG 2 1_555 C DG 8 1_555 D DC 1 1_555 0.112  0.596  3.290 -2.070 3.821  35.578 0.412 -0.483 3.323 6.224  3.372   
35.834 14 CC_DC23DG24:DC25DG26_DD C 23 ? D 26 ? C 24 ? D 25 ? 
1 E DC 1 1_555 F DG 8 1_555 E DG 2 1_555 F DC 7 1_555 -0.094 0.268  3.861 -2.700 -1.247 38.702 0.582 -0.247 3.848 -1.878 4.067   
38.812 15 EE_DC33DG34:DC47DG48_FF E 33 ? F 48 ? E 34 ? F 47 ? 
1 E DG 2 1_555 F DC 7 1_555 E DC 3 1_555 F DG 6 1_555 0.770  -0.023 3.430 -1.799 -0.308 37.886 0.006 -1.425 3.392 -0.474 2.769   
37.928 16 EE_DG34DC35:DG46DC47_FF E 34 ? F 47 ? E 35 ? F 46 ? 
1 E DC 3 1_555 F DG 6 1_555 E DT 4 1_555 F DA 5 1_555 -0.500 0.721  3.019 6.353  4.879  26.493 0.413 2.474  2.906 10.349 -13.475 
27.657 17 EE_DC35DT36:DA45DG46_FF E 35 ? F 46 ? E 36 ? F 45 ? 
1 E DT 4 1_555 F DA 5 1_555 E DA 5 1_555 F DT 4 1_555 -0.293 2.055  3.422 -0.988 -5.567 50.890 2.768 0.270  3.200 -6.455 1.145   
51.183 18 EE_DT36DA37:DT44DA45_FF E 36 ? F 45 ? E 37 ? F 44 ? 
1 E DA 5 1_555 F DT 4 1_555 E DG 6 1_555 F DC 3 1_555 0.642  0.706  3.237 -1.830 3.571  25.233 0.581 -1.971 3.250 8.110  4.155   
25.545 19 EE_DA37DG38:DC43DT44_FF E 37 ? F 44 ? E 38 ? F 43 ? 
1 E DG 6 1_555 F DC 3 1_555 E DC 7 1_555 F DG 2 1_555 -0.581 0.555  3.389 0.868  0.302  39.977 0.775 0.953  3.381 0.441  -1.270  
39.987 20 EE_DG38DC39:DG42DC43_FF E 38 ? F 43 ? E 39 ? F 42 ? 
1 E DC 7 1_555 F DG 2 1_555 E DG 8 1_555 F DC 1 1_555 0.154  0.566  3.348 -2.345 2.888  35.914 0.493 -0.589 3.365 4.668  3.791   
36.100 21 EE_DC39DG40:DC41DG42_FF E 39 ? F 42 ? E 40 ? F 41 ? 
# 
_atom_sites.entry_id                    250D 
_atom_sites.fract_transf_matrix[1][1]   -0.00557229 
_atom_sites.fract_transf_matrix[1][2]   -0.02272820 
_atom_sites.fract_transf_matrix[1][3]   -0.03289675 
_atom_sites.fract_transf_matrix[2][1]   0.01039605 
_atom_sites.fract_transf_matrix[2][2]   0.01701125 
_atom_sites.fract_transf_matrix[2][3]   -0.01351395 
_atom_sites.fract_transf_matrix[3][1]   0.00769209 
_atom_sites.fract_transf_matrix[3][2]   -0.00370333 
_atom_sites.fract_transf_matrix[3][3]   0.00125567 
_atom_sites.fract_transf_vector[1]      -0.027957 
_atom_sites.fract_transf_vector[2]      -0.007882 
_atom_sites.fract_transf_vector[3]      -0.007087 
# 
loop_
_atom_type.symbol 
C 
H 
N 
O 
P 
# 
loop_
_atom_site.group_PDB 
_atom_site.id 
_atom_site.type_symbol 
_atom_site.label_atom_id 
_atom_site.label_alt_id 
_atom_site.label_comp_id 
_atom_site.label_asym_id 
_atom_site.label_entity_id 
_atom_site.label_seq_id 
_atom_site.pdbx_PDB_ins_code 
_atom_site.Cartn_x 
_atom_site.Cartn_y 
_atom_site.Cartn_z 
_atom_site.occupancy 
_atom_site.B_iso_or_equiv 
_atom_site.pdbx_formal_charge 
_atom_site.auth_seq_id 
_atom_site.auth_comp_id 
_atom_site.auth_asym_id 
_atom_site.auth_atom_id 
_atom_site.pdbx_PDB_model_num 
ATOM   1    O "O5'"  . DC  A 1 1 ? 32.621  9.122   -0.558  1.00 41.23 ? 1  DC  A "O5'"  1 
ATOM   2    C "C5'"  . DC  A 1 1 ? 32.879  8.112   0.467   1.00 39.90 ? 1  DC  A "C5'"  1 
ATOM   3    C "C4'"  . DC  A 1 1 ? 33.100  6.695   -0.070  1.00 30.86 ? 1  DC  A "C4'"  1 
ATOM   4    O "O4'"  . DC  A 1 1 ? 32.903  5.615   0.882   1.00 32.89 ? 1  DC  A "O4'"  1 
ATOM   5    C "C3'"  . DC  A 1 1 ? 32.076  6.457   -1.151  1.00 29.64 ? 1  DC  A "C3'"  1 
ATOM   6    O "O3'"  . DC  A 1 1 ? 32.738  5.737   -2.162  1.00 31.15 ? 1  DC  A "O3'"  1 
ATOM   7    C "C2'"  . DC  A 1 1 ? 31.012  5.638   -0.460  1.00 22.74 ? 1  DC  A "C2'"  1 
ATOM   8    C "C1'"  . DC  A 1 1 ? 31.802  4.778   0.489   1.00 23.51 ? 1  DC  A "C1'"  1 
ATOM   9    N N1     . DC  A 1 1 ? 31.134  4.458   1.752   1.00 20.15 ? 1  DC  A N1     1 
ATOM   10   C C2     . DC  A 1 1 ? 31.255  3.201   2.307   1.00 23.82 ? 1  DC  A C2     1 
ATOM   11   O O2     . DC  A 1 1 ? 31.892  2.283   1.811   1.00 29.27 ? 1  DC  A O2     1 
ATOM   12   N N3     . DC  A 1 1 ? 30.645  2.949   3.465   1.00 23.10 ? 1  DC  A N3     1 
ATOM   13   C C4     . DC  A 1 1 ? 29.941  3.873   4.072   1.00 23.95 ? 1  DC  A C4     1 
ATOM   14   N N4     . DC  A 1 1 ? 29.346  3.585   5.222   1.00 28.96 ? 1  DC  A N4     1 
ATOM   15   C C5     . DC  A 1 1 ? 29.805  5.169   3.529   1.00 27.99 ? 1  DC  A C5     1 
ATOM   16   C C6     . DC  A 1 1 ? 30.422  5.409   2.363   1.00 23.52 ? 1  DC  A C6     1 
ATOM   17   H H41    . DC  A 1 1 ? 28.780  4.284   5.679   1.00 0.00  ? 1  DC  A H41    1 
ATOM   18   H H42    . DC  A 1 1 ? 29.458  2.690   5.685   1.00 0.00  ? 1  DC  A H42    1 
ATOM   19   H "HO5'" . DC  A 1 1 ? 31.698  9.076   -0.815  1.00 0.00  ? 1  DC  A "HO5'" 1 
ATOM   20   P P      . DG  A 1 2 ? 32.070  5.272   -3.529  1.00 36.68 ? 2  DG  A P      1 
ATOM   21   O OP1    . DG  A 1 2 ? 33.074  5.438   -4.608  1.00 38.09 ? 2  DG  A OP1    1 
ATOM   22   O OP2    . DG  A 1 2 ? 30.682  5.790   -3.694  1.00 35.46 ? 2  DG  A OP2    1 
ATOM   23   O "O5'"  . DG  A 1 2 ? 31.986  3.732   -3.151  1.00 31.75 ? 2  DG  A "O5'"  1 
ATOM   24   C "C5'"  . DG  A 1 2 ? 33.078  2.858   -3.486  1.00 19.73 ? 2  DG  A "C5'"  1 
ATOM   25   C "C4'"  . DG  A 1 2 ? 32.657  1.501   -3.130  1.00 9.18  ? 2  DG  A "C4'"  1 
ATOM   26   O "O4'"  . DG  A 1 2 ? 32.171  1.673   -1.813  1.00 12.80 ? 2  DG  A "O4'"  1 
ATOM   27   C "C3'"  . DG  A 1 2 ? 31.450  1.037   -3.949  1.00 13.22 ? 2  DG  A "C3'"  1 
ATOM   28   O "O3'"  . DG  A 1 2 ? 31.849  0.169   -5.022  1.00 20.06 ? 2  DG  A "O3'"  1 
ATOM   29   C "C2'"  . DG  A 1 2 ? 30.689  0.253   -2.902  1.00 17.42 ? 2  DG  A "C2'"  1 
ATOM   30   C "C1'"  . DG  A 1 2 ? 31.165  0.694   -1.549  1.00 10.63 ? 2  DG  A "C1'"  1 
ATOM   31   N N9     . DG  A 1 2 ? 30.075  1.277   -0.789  1.00 5.06  ? 2  DG  A N9     1 
ATOM   32   C C8     . DG  A 1 2 ? 29.501  2.515   -0.896  1.00 2.00  ? 2  DG  A C8     1 
ATOM   33   N N7     . DG  A 1 2 ? 28.600  2.735   -0.003  1.00 3.21  ? 2  DG  A N7     1 
ATOM   34   C C5     . DG  A 1 2 ? 28.536  1.547   0.733   1.00 9.07  ? 2  DG  A C5     1 
ATOM   35   C C6     . DG  A 1 2 ? 27.743  1.182   1.842   1.00 7.82  ? 2  DG  A C6     1 
ATOM   36   O O6     . DG  A 1 2 ? 26.908  1.831   2.464   1.00 10.27 ? 2  DG  A O6     1 
ATOM   37   N N1     . DG  A 1 2 ? 28.010  -0.102  2.240   1.00 16.10 ? 2  DG  A N1     1 
ATOM   38   C C2     . DG  A 1 2 ? 28.925  -0.940  1.663   1.00 17.79 ? 2  DG  A C2     1 
ATOM   39   N N2     . DG  A 1 2 ? 29.074  -2.166  2.151   1.00 26.72 ? 2  DG  A N2     1 
ATOM   40   N N3     . DG  A 1 2 ? 29.677  -0.602  0.649   1.00 19.08 ? 2  DG  A N3     1 
ATOM   41   C C4     . DG  A 1 2 ? 29.430  0.652   0.234   1.00 14.97 ? 2  DG  A C4     1 
ATOM   42   H H1     . DG  A 1 2 ? 27.518  -0.404  3.078   1.00 0.00  ? 2  DG  A H1     1 
ATOM   43   H H21    . DG  A 1 2 ? 29.888  -2.714  1.886   1.00 0.00  ? 2  DG  A H21    1 
ATOM   44   H H22    . DG  A 1 2 ? 28.346  -2.617  2.693   1.00 0.00  ? 2  DG  A H22    1 
ATOM   45   P P      . DC  A 1 3 ? 30.982  -0.925  -5.920  1.00 25.11 ? 3  DC  A P      1 
ATOM   46   O OP1    . DC  A 1 3 ? 31.979  -1.659  -6.743  1.00 25.17 ? 3  DC  A OP1    1 
ATOM   47   O OP2    . DC  A 1 3 ? 29.876  -0.200  -6.602  1.00 25.81 ? 3  DC  A OP2    1 
ATOM   48   O "O5'"  . DC  A 1 3 ? 30.309  -1.994  -4.935  1.00 19.41 ? 3  DC  A "O5'"  1 
ATOM   49   C "C5'"  . DC  A 1 3 ? 31.066  -3.053  -4.398  1.00 9.99  ? 3  DC  A "C5'"  1 
ATOM   50   C "C4'"  . DC  A 1 3 ? 30.165  -3.759  -3.479  1.00 15.25 ? 3  DC  A "C4'"  1 
ATOM   51   O "O4'"  . DC  A 1 3 ? 29.638  -2.800  -2.588  1.00 19.29 ? 3  DC  A "O4'"  1 
ATOM   52   C "C3'"  . DC  A 1 3 ? 28.994  -4.299  -4.200  1.00 15.66 ? 3  DC  A "C3'"  1 
ATOM   53   O "O3'"  . DC  A 1 3 ? 29.246  -5.660  -4.344  1.00 14.38 ? 3  DC  A "O3'"  1 
ATOM   54   C "C2'"  . DC  A 1 3 ? 27.828  -4.078  -3.291  1.00 13.64 ? 3  DC  A "C2'"  1 
ATOM   55   C "C1'"  . DC  A 1 3 ? 28.315  -3.200  -2.203  1.00 11.79 ? 3  DC  A "C1'"  1 
ATOM   56   N N1     . DC  A 1 3 ? 27.456  -2.024  -2.045  1.00 12.02 ? 3  DC  A N1     1 
ATOM   57   C C2     . DC  A 1 3 ? 26.585  -1.980  -0.983  1.00 15.79 ? 3  DC  A C2     1 
ATOM   58   O O2     . DC  A 1 3 ? 26.435  -2.900  -0.189  1.00 10.08 ? 3  DC  A O2     1 
ATOM   59   N N3     . DC  A 1 3 ? 25.844  -0.863  -0.808  1.00 18.06 ? 3  DC  A N3     1 
ATOM   60   C C4     . DC  A 1 3 ? 25.956  0.172   -1.653  1.00 20.60 ? 3  DC  A C4     1 
ATOM   61   N N4     . DC  A 1 3 ? 25.241  1.276   -1.420  1.00 23.45 ? 3  DC  A N4     1 
ATOM   62   C C5     . DC  A 1 3 ? 26.820  0.131   -2.781  1.00 13.50 ? 3  DC  A C5     1 
ATOM   63   C C6     . DC  A 1 3 ? 27.548  -0.985  -2.929  1.00 14.90 ? 3  DC  A C6     1 
ATOM   64   H H41    . DC  A 1 3 ? 25.287  2.044   -2.077  1.00 0.00  ? 3  DC  A H41    1 
ATOM   65   H H42    . DC  A 1 3 ? 24.708  1.387   -0.563  1.00 0.00  ? 3  DC  A H42    1 
ATOM   66   P P      . DT  A 1 4 ? 28.261  -6.571  -5.186  1.00 24.75 ? 4  DT  A P      1 
ATOM   67   O OP1    . DT  A 1 4 ? 29.023  -7.795  -5.481  1.00 26.92 ? 4  DT  A OP1    1 
ATOM   68   O OP2    . DT  A 1 4 ? 27.641  -5.787  -6.285  1.00 27.15 ? 4  DT  A OP2    1 
ATOM   69   O "O5'"  . DT  A 1 4 ? 27.110  -6.946  -4.187  1.00 26.13 ? 4  DT  A "O5'"  1 
ATOM   70   C "C5'"  . DT  A 1 4 ? 27.420  -7.805  -3.084  1.00 28.99 ? 4  DT  A "C5'"  1 
ATOM   71   C "C4'"  . DT  A 1 4 ? 26.229  -8.086  -2.213  1.00 27.46 ? 4  DT  A "C4'"  1 
ATOM   72   O "O4'"  . DT  A 1 4 ? 25.651  -6.849  -1.760  1.00 28.44 ? 4  DT  A "O4'"  1 
ATOM   73   C "C3'"  . DT  A 1 4 ? 25.179  -8.756  -3.071  1.00 24.99 ? 4  DT  A "C3'"  1 
ATOM   74   O "O3'"  . DT  A 1 4 ? 24.279  -9.385  -2.216  1.00 28.92 ? 4  DT  A "O3'"  1 
ATOM   75   C "C2'"  . DT  A 1 4 ? 24.424  -7.574  -3.616  1.00 23.86 ? 4  DT  A "C2'"  1 
ATOM   76   C "C1'"  . DT  A 1 4 ? 24.387  -6.683  -2.405  1.00 17.28 ? 4  DT  A "C1'"  1 
ATOM   77   N N1     . DT  A 1 4 ? 24.158  -5.291  -2.703  1.00 13.24 ? 4  DT  A N1     1 
ATOM   78   C C2     . DT  A 1 4 ? 23.539  -4.548  -1.729  1.00 8.25  ? 4  DT  A C2     1 
ATOM   79   O O2     . DT  A 1 4 ? 23.211  -4.998  -0.641  1.00 10.75 ? 4  DT  A O2     1 
ATOM   80   N N3     . DT  A 1 4 ? 23.309  -3.239  -2.022  1.00 9.35  ? 4  DT  A N3     1 
ATOM   81   C C4     . DT  A 1 4 ? 23.663  -2.607  -3.213  1.00 16.41 ? 4  DT  A C4     1 
ATOM   82   O O4     . DT  A 1 4 ? 23.414  -1.403  -3.378  1.00 11.57 ? 4  DT  A O4     1 
ATOM   83   C C5     . DT  A 1 4 ? 24.324  -3.488  -4.159  1.00 9.44  ? 4  DT  A C5     1 
ATOM   84   C C7     . DT  A 1 4 ? 24.787  -2.975  -5.493  1.00 11.14 ? 4  DT  A C7     1 
ATOM   85   C C6     . DT  A 1 4 ? 24.527  -4.768  -3.882  1.00 10.32 ? 4  DT  A C6     1 
ATOM   86   H H3     . DT  A 1 4 ? 22.787  -2.694  -1.348  1.00 0.00  ? 4  DT  A H3     1 
ATOM   87   P P      . DA  A 1 5 ? 24.379  -10.897 -1.935  1.00 31.00 ? 5  DA  A P      1 
ATOM   88   O OP1    . DA  A 1 5 ? 25.765  -11.149 -1.450  1.00 37.22 ? 5  DA  A OP1    1 
ATOM   89   O OP2    . DA  A 1 5 ? 23.819  -11.626 -3.107  1.00 26.25 ? 5  DA  A OP2    1 
ATOM   90   O "O5'"  . DA  A 1 5 ? 23.317  -10.976 -0.734  1.00 25.72 ? 5  DA  A "O5'"  1 
ATOM   91   C "C5'"  . DA  A 1 5 ? 23.591  -10.322 0.515   1.00 24.01 ? 5  DA  A "C5'"  1 
ATOM   92   C "C4'"  . DA  A 1 5 ? 22.355  -10.024 1.354   1.00 23.11 ? 5  DA  A "C4'"  1 
ATOM   93   O "O4'"  . DA  A 1 5 ? 21.640  -8.878  0.902   1.00 26.91 ? 5  DA  A "O4'"  1 
ATOM   94   C "C3'"  . DA  A 1 5 ? 21.384  -11.148 1.243   1.00 25.40 ? 5  DA  A "C3'"  1 
ATOM   95   O "O3'"  . DA  A 1 5 ? 20.795  -11.136 2.512   1.00 26.09 ? 5  DA  A "O3'"  1 
ATOM   96   C "C2'"  . DA  A 1 5 ? 20.512  -10.752 0.065   1.00 17.91 ? 5  DA  A "C2'"  1 
ATOM   97   C "C1'"  . DA  A 1 5 ? 20.467  -9.239  0.174   1.00 20.94 ? 5  DA  A "C1'"  1 
ATOM   98   N N9     . DA  A 1 5 ? 20.543  -8.493  -1.089  1.00 17.86 ? 5  DA  A N9     1 
ATOM   99   C C8     . DA  A 1 5 ? 20.951  -8.918  -2.327  1.00 17.30 ? 5  DA  A C8     1 
ATOM   100  N N7     . DA  A 1 5 ? 20.958  -7.981  -3.234  1.00 20.52 ? 5  DA  A N7     1 
ATOM   101  C C5     . DA  A 1 5 ? 20.522  -6.859  -2.551  1.00 17.03 ? 5  DA  A C5     1 
ATOM   102  C C6     . DA  A 1 5 ? 20.335  -5.552  -2.956  1.00 10.53 ? 5  DA  A C6     1 
ATOM   103  N N6     . DA  A 1 5 ? 20.624  -5.183  -4.188  1.00 13.71 ? 5  DA  A N6     1 
ATOM   104  N N1     . DA  A 1 5 ? 19.863  -4.684  -2.057  1.00 8.59  ? 5  DA  A N1     1 
ATOM   105  C C2     . DA  A 1 5 ? 19.606  -5.094  -0.827  1.00 6.49  ? 5  DA  A C2     1 
ATOM   106  N N3     . DA  A 1 5 ? 19.759  -6.305  -0.300  1.00 12.05 ? 5  DA  A N3     1 
ATOM   107  C C4     . DA  A 1 5 ? 20.234  -7.157  -1.243  1.00 17.58 ? 5  DA  A C4     1 
ATOM   108  H H61    . DA  A 1 5 ? 20.959  -5.890  -4.832  1.00 0.00  ? 5  DA  A H61    1 
ATOM   109  H H62    . DA  A 1 5 ? 20.531  -4.224  -4.494  1.00 0.00  ? 5  DA  A H62    1 
ATOM   110  P P      . DG  A 1 6 ? 19.622  -12.153 2.775   1.00 34.34 ? 6  DG  A P      1 
ATOM   111  O OP1    . DG  A 1 6 ? 19.525  -12.337 4.252   1.00 27.68 ? 6  DG  A OP1    1 
ATOM   112  O OP2    . DG  A 1 6 ? 19.710  -13.315 1.847   1.00 29.60 ? 6  DG  A OP2    1 
ATOM   113  O "O5'"  . DG  A 1 6 ? 18.345  -11.296 2.258   1.00 28.68 ? 6  DG  A "O5'"  1 
ATOM   114  C "C5'"  . DG  A 1 6 ? 17.916  -10.183 3.039   1.00 26.94 ? 6  DG  A "C5'"  1 
ATOM   115  C "C4'"  . DG  A 1 6 ? 16.773  -9.407  2.446   1.00 19.00 ? 6  DG  A "C4'"  1 
ATOM   116  O "O4'"  . DG  A 1 6 ? 17.128  -8.853  1.181   1.00 15.16 ? 6  DG  A "O4'"  1 
ATOM   117  C "C3'"  . DG  A 1 6 ? 15.617  -10.316 2.207   1.00 15.31 ? 6  DG  A "C3'"  1 
ATOM   118  O "O3'"  . DG  A 1 6 ? 14.554  -9.477  2.549   1.00 25.58 ? 6  DG  A "O3'"  1 
ATOM   119  C "C2'"  . DG  A 1 6 ? 15.692  -10.564 0.727   1.00 11.31 ? 6  DG  A "C2'"  1 
ATOM   120  C "C1'"  . DG  A 1 6 ? 16.122  -9.234  0.268   1.00 11.89 ? 6  DG  A "C1'"  1 
ATOM   121  N N9     . DG  A 1 6 ? 16.647  -9.154  -1.081  1.00 5.84  ? 6  DG  A N9     1 
ATOM   122  C C8     . DG  A 1 6 ? 17.194  -10.090 -1.899  1.00 9.91  ? 6  DG  A C8     1 
ATOM   123  N N7     . DG  A 1 6 ? 17.577  -9.614  -3.062  1.00 11.33 ? 6  DG  A N7     1 
ATOM   124  C C5     . DG  A 1 6 ? 17.254  -8.271  -2.981  1.00 8.88  ? 6  DG  A C5     1 
ATOM   125  C C6     . DG  A 1 6 ? 17.445  -7.232  -3.914  1.00 11.49 ? 6  DG  A C6     1 
ATOM   126  O O6     . DG  A 1 6 ? 18.002  -7.271  -5.003  1.00 21.00 ? 6  DG  A O6     1 
ATOM   127  N N1     . DG  A 1 6 ? 16.943  -6.018  -3.478  1.00 5.33  ? 6  DG  A N1     1 
ATOM   128  C C2     . DG  A 1 6 ? 16.370  -5.808  -2.266  1.00 2.45  ? 6  DG  A C2     1 
ATOM   129  N N2     . DG  A 1 6 ? 15.970  -4.555  -2.018  1.00 2.00  ? 6  DG  A N2     1 
ATOM   130  N N3     . DG  A 1 6 ? 16.206  -6.785  -1.352  1.00 4.09  ? 6  DG  A N3     1 
ATOM   131  C C4     . DG  A 1 6 ? 16.669  -7.983  -1.785  1.00 6.56  ? 6  DG  A C4     1 
ATOM   132  H H1     . DG  A 1 6 ? 16.995  -5.258  -4.139  1.00 0.00  ? 6  DG  A H1     1 
ATOM   133  H H21    . DG  A 1 6 ? 15.581  -4.307  -1.111  1.00 0.00  ? 6  DG  A H21    1 
ATOM   134  H H22    . DG  A 1 6 ? 15.964  -3.849  -2.738  1.00 0.00  ? 6  DG  A H22    1 
ATOM   135  P P      . DC  A 1 7 ? 13.361  -10.086 3.412   1.00 27.87 ? 7  DC  A P      1 
ATOM   136  O OP1    . DC  A 1 7 ? 13.849  -10.321 4.795   1.00 28.94 ? 7  DC  A OP1    1 
ATOM   137  O OP2    . DC  A 1 7 ? 12.725  -11.185 2.633   1.00 23.34 ? 7  DC  A OP2    1 
ATOM   138  O "O5'"  . DC  A 1 7 ? 12.344  -8.838  3.368   1.00 24.94 ? 7  DC  A "O5'"  1 
ATOM   139  C "C5'"  . DC  A 1 7 ? 12.754  -7.489  3.689   1.00 26.71 ? 7  DC  A "C5'"  1 
ATOM   140  C "C4'"  . DC  A 1 7 ? 12.173  -6.433  2.736   1.00 19.08 ? 7  DC  A "C4'"  1 
ATOM   141  O "O4'"  . DC  A 1 7 ? 12.732  -6.607  1.443   1.00 16.52 ? 7  DC  A "O4'"  1 
ATOM   142  C "C3'"  . DC  A 1 7 ? 10.679  -6.621  2.573   1.00 19.87 ? 7  DC  A "C3'"  1 
ATOM   143  O "O3'"  . DC  A 1 7 ? 10.015  -5.381  2.841   1.00 26.92 ? 7  DC  A "O3'"  1 
ATOM   144  C "C2'"  . DC  A 1 7 ? 10.553  -7.206  1.179   1.00 12.40 ? 7  DC  A "C2'"  1 
ATOM   145  C "C1'"  . DC  A 1 7 ? 11.715  -6.639  0.453   1.00 10.92 ? 7  DC  A "C1'"  1 
ATOM   146  N N1     . DC  A 1 7 ? 12.217  -7.450  -0.665  1.00 9.41  ? 7  DC  A N1     1 
ATOM   147  C C2     . DC  A 1 7 ? 12.606  -6.777  -1.788  1.00 4.03  ? 7  DC  A C2     1 
ATOM   148  O O2     . DC  A 1 7 ? 12.474  -5.567  -1.916  1.00 9.58  ? 7  DC  A O2     1 
ATOM   149  N N3     . DC  A 1 7 ? 13.145  -7.467  -2.808  1.00 12.24 ? 7  DC  A N3     1 
ATOM   150  C C4     . DC  A 1 7 ? 13.264  -8.776  -2.756  1.00 13.01 ? 7  DC  A C4     1 
ATOM   151  N N4     . DC  A 1 7 ? 13.793  -9.392  -3.799  1.00 15.25 ? 7  DC  A N4     1 
ATOM   152  C C5     . DC  A 1 7 ? 12.833  -9.506  -1.611  1.00 12.59 ? 7  DC  A C5     1 
ATOM   153  C C6     . DC  A 1 7 ? 12.319  -8.798  -0.586  1.00 11.03 ? 7  DC  A C6     1 
ATOM   154  H H41    . DC  A 1 7 ? 13.856  -10.405 -3.788  1.00 0.00  ? 7  DC  A H41    1 
ATOM   155  H H42    . DC  A 1 7 ? 14.144  -8.880  -4.597  1.00 0.00  ? 7  DC  A H42    1 
ATOM   156  P P      . DG  A 1 8 ? 8.401   -5.213  3.017   1.00 39.37 ? 8  DG  A P      1 
ATOM   157  O OP1    . DG  A 1 8 ? 8.194   -4.277  4.156   1.00 37.97 ? 8  DG  A OP1    1 
ATOM   158  O OP2    . DG  A 1 8 ? 7.658   -6.511  2.981   1.00 33.18 ? 8  DG  A OP2    1 
ATOM   159  O "O5'"  . DG  A 1 8 ? 8.061   -4.512  1.636   1.00 35.77 ? 8  DG  A "O5'"  1 
ATOM   160  C "C5'"  . DG  A 1 8 ? 8.517   -3.233  1.207   1.00 33.62 ? 8  DG  A "C5'"  1 
ATOM   161  C "C4'"  . DG  A 1 8 ? 7.918   -2.976  -0.168  1.00 31.10 ? 8  DG  A "C4'"  1 
ATOM   162  O "O4'"  . DG  A 1 8 ? 8.620   -3.801  -1.116  1.00 20.85 ? 8  DG  A "O4'"  1 
ATOM   163  C "C3'"  . DG  A 1 8 ? 6.444   -3.394  -0.223  1.00 27.07 ? 8  DG  A "C3'"  1 
ATOM   164  O "O3'"  . DG  A 1 8 ? 5.770   -2.452  -1.002  1.00 29.99 ? 8  DG  A "O3'"  1 
ATOM   165  C "C2'"  . DG  A 1 8 ? 6.505   -4.732  -0.902  1.00 22.88 ? 8  DG  A "C2'"  1 
ATOM   166  C "C1'"  . DG  A 1 8 ? 7.714   -4.590  -1.836  1.00 18.18 ? 8  DG  A "C1'"  1 
ATOM   167  N N9     . DG  A 1 8 ? 8.307   -5.882  -2.184  1.00 10.78 ? 8  DG  A N9     1 
ATOM   168  C C8     . DG  A 1 8 ? 8.289   -7.044  -1.455  1.00 6.32  ? 8  DG  A C8     1 
ATOM   169  N N7     . DG  A 1 8 ? 8.840   -8.045  -2.060  1.00 9.06  ? 8  DG  A N7     1 
ATOM   170  C C5     . DG  A 1 8 ? 9.273   -7.496  -3.259  1.00 2.00  ? 8  DG  A C5     1 
ATOM   171  C C6     . DG  A 1 8 ? 9.930   -8.127  -4.310  1.00 5.11  ? 8  DG  A C6     1 
ATOM   172  O O6     . DG  A 1 8 ? 10.280  -9.314  -4.390  1.00 10.36 ? 8  DG  A O6     1 
ATOM   173  N N1     . DG  A 1 8 ? 10.182  -7.240  -5.337  1.00 14.25 ? 8  DG  A N1     1 
ATOM   174  C C2     . DG  A 1 8 ? 9.816   -5.916  -5.348  1.00 14.07 ? 8  DG  A C2     1 
ATOM   175  N N2     . DG  A 1 8 ? 10.110  -5.221  -6.443  1.00 16.97 ? 8  DG  A N2     1 
ATOM   176  N N3     . DG  A 1 8 ? 9.178   -5.316  -4.342  1.00 11.40 ? 8  DG  A N3     1 
ATOM   177  C C4     . DG  A 1 8 ? 8.953   -6.172  -3.336  1.00 2.56  ? 8  DG  A C4     1 
ATOM   178  H "HO3'" . DG  A 1 8 ? 5.695   -2.838  -1.878  1.00 0.00  ? 8  DG  A "HO3'" 1 
ATOM   179  H H1     . DG  A 1 8 ? 10.670  -7.603  -6.147  1.00 0.00  ? 8  DG  A H1     1 
ATOM   180  H H21    . DG  A 1 8 ? 10.861  -5.473  -7.075  1.00 0.00  ? 8  DG  A H21    1 
ATOM   181  H H22    . DG  A 1 8 ? 9.477   -4.475  -6.710  1.00 0.00  ? 8  DG  A H22    1 
ATOM   182  O "O5'"  . DC  B 1 1 ? 13.130  -10.173 -13.209 1.00 55.56 ? 9  DC  B "O5'"  1 
ATOM   183  C "C5'"  . DC  B 1 1 ? 12.087  -9.480  -13.936 1.00 47.08 ? 9  DC  B "C5'"  1 
ATOM   184  C "C4'"  . DC  B 1 1 ? 11.795  -8.114  -13.327 1.00 38.66 ? 9  DC  B "C4'"  1 
ATOM   185  O "O4'"  . DC  B 1 1 ? 11.378  -8.334  -11.972 1.00 36.18 ? 9  DC  B "O4'"  1 
ATOM   186  C "C3'"  . DC  B 1 1 ? 13.103  -7.349  -13.274 1.00 31.58 ? 9  DC  B "C3'"  1 
ATOM   187  O "O3'"  . DC  B 1 1 ? 12.882  -6.081  -13.891 1.00 34.46 ? 9  DC  B "O3'"  1 
ATOM   188  C "C2'"  . DC  B 1 1 ? 13.468  -7.348  -11.802 1.00 32.16 ? 9  DC  B "C2'"  1 
ATOM   189  C "C1'"  . DC  B 1 1 ? 12.151  -7.494  -11.096 1.00 32.30 ? 9  DC  B "C1'"  1 
ATOM   190  N N1     . DC  B 1 1 ? 12.184  -8.171  -9.790  1.00 24.70 ? 9  DC  B N1     1 
ATOM   191  C C2     . DC  B 1 1 ? 11.683  -7.538  -8.667  1.00 21.73 ? 9  DC  B C2     1 
ATOM   192  O O2     . DC  B 1 1 ? 11.308  -6.371  -8.680  1.00 27.18 ? 9  DC  B O2     1 
ATOM   193  N N3     . DC  B 1 1 ? 11.612  -8.226  -7.502  1.00 22.95 ? 9  DC  B N3     1 
ATOM   194  C C4     . DC  B 1 1 ? 12.036  -9.497  -7.429  1.00 29.61 ? 9  DC  B C4     1 
ATOM   195  N N4     . DC  B 1 1 ? 11.929  -10.200 -6.297  1.00 27.53 ? 9  DC  B N4     1 
ATOM   196  C C5     . DC  B 1 1 ? 12.609  -10.133 -8.567  1.00 32.44 ? 9  DC  B C5     1 
ATOM   197  C C6     . DC  B 1 1 ? 12.665  -9.426  -9.719  1.00 26.65 ? 9  DC  B C6     1 
ATOM   198  H H41    . DC  B 1 1 ? 12.351  -11.110 -6.227  1.00 0.00  ? 9  DC  B H41    1 
ATOM   199  H H42    . DC  B 1 1 ? 11.360  -9.857  -5.526  1.00 0.00  ? 9  DC  B H42    1 
ATOM   200  H "HO5'" . DC  B 1 1 ? 12.885  -10.140 -12.282 1.00 0.00  ? 9  DC  B "HO5'" 1 
ATOM   201  P P      . DG  B 1 2 ? 13.903  -4.839  -13.988 1.00 33.32 ? 10 DG  B P      1 
ATOM   202  O OP1    . DG  B 1 2 ? 13.435  -4.028  -15.129 1.00 28.61 ? 10 DG  B OP1    1 
ATOM   203  O OP2    . DG  B 1 2 ? 15.309  -5.301  -13.934 1.00 34.66 ? 10 DG  B OP2    1 
ATOM   204  O "O5'"  . DG  B 1 2 ? 13.645  -4.122  -12.615 1.00 28.04 ? 10 DG  B "O5'"  1 
ATOM   205  C "C5'"  . DG  B 1 2 ? 12.501  -3.295  -12.423 1.00 25.33 ? 10 DG  B "C5'"  1 
ATOM   206  C "C4'"  . DG  B 1 2 ? 12.685  -2.401  -11.220 1.00 20.89 ? 10 DG  B "C4'"  1 
ATOM   207  O "O4'"  . DG  B 1 2 ? 12.713  -3.148  -10.001 1.00 18.04 ? 10 DG  B "O4'"  1 
ATOM   208  C "C3'"  . DG  B 1 2 ? 14.028  -1.698  -11.338 1.00 23.59 ? 10 DG  B "C3'"  1 
ATOM   209  O "O3'"  . DG  B 1 2 ? 13.821  -0.299  -11.075 1.00 26.77 ? 10 DG  B "O3'"  1 
ATOM   210  C "C2'"  . DG  B 1 2 ? 14.875  -2.524  -10.367 1.00 17.85 ? 10 DG  B "C2'"  1 
ATOM   211  C "C1'"  . DG  B 1 2 ? 13.929  -2.974  -9.302  1.00 6.89  ? 10 DG  B "C1'"  1 
ATOM   212  N N9     . DG  B 1 2 ? 14.323  -4.265  -8.714  1.00 12.80 ? 10 DG  B N9     1 
ATOM   213  C C8     . DG  B 1 2 ? 15.054  -5.299  -9.255  1.00 16.20 ? 10 DG  B C8     1 
ATOM   214  N N7     . DG  B 1 2 ? 15.227  -6.326  -8.467  1.00 8.91  ? 10 DG  B N7     1 
ATOM   215  C C5     . DG  B 1 2 ? 14.555  -5.941  -7.311  1.00 14.83 ? 10 DG  B C5     1 
ATOM   216  C C6     . DG  B 1 2 ? 14.370  -6.641  -6.101  1.00 11.82 ? 10 DG  B C6     1 
ATOM   217  O O6     . DG  B 1 2 ? 14.760  -7.757  -5.809  1.00 21.40 ? 10 DG  B O6     1 
ATOM   218  N N1     . DG  B 1 2 ? 13.646  -5.925  -5.179  1.00 8.91  ? 10 DG  B N1     1 
ATOM   219  C C2     . DG  B 1 2 ? 13.138  -4.660  -5.398  1.00 13.46 ? 10 DG  B C2     1 
ATOM   220  N N2     . DG  B 1 2 ? 12.502  -4.081  -4.405  1.00 10.86 ? 10 DG  B N2     1 
ATOM   221  N N3     . DG  B 1 2 ? 13.271  -3.992  -6.536  1.00 15.09 ? 10 DG  B N3     1 
ATOM   222  C C4     . DG  B 1 2 ? 14.002  -4.688  -7.450  1.00 13.63 ? 10 DG  B C4     1 
ATOM   223  H H1     . DG  B 1 2 ? 13.494  -6.394  -4.294  1.00 0.00  ? 10 DG  B H1     1 
ATOM   224  H H21    . DG  B 1 2 ? 12.158  -3.139  -4.524  1.00 0.00  ? 10 DG  B H21    1 
ATOM   225  H H22    . DG  B 1 2 ? 12.419  -4.556  -3.512  1.00 0.00  ? 10 DG  B H22    1 
ATOM   226  P P      . DC  B 1 3 ? 14.922  0.725   -10.564 1.00 25.73 ? 11 DC  B P      1 
ATOM   227  O OP1    . DC  B 1 3 ? 14.528  2.122   -10.936 1.00 26.75 ? 11 DC  B OP1    1 
ATOM   228  O OP2    . DC  B 1 3 ? 16.304  0.222   -10.851 1.00 25.36 ? 11 DC  B OP2    1 
ATOM   229  O "O5'"  . DC  B 1 3 ? 14.708  0.478   -9.010  1.00 23.96 ? 11 DC  B "O5'"  1 
ATOM   230  C "C5'"  . DC  B 1 3 ? 13.735  1.114   -8.220  1.00 26.03 ? 11 DC  B "C5'"  1 
ATOM   231  C "C4'"  . DC  B 1 3 ? 14.154  0.977   -6.782  1.00 22.12 ? 11 DC  B "C4'"  1 
ATOM   232  O "O4'"  . DC  B 1 3 ? 14.469  -0.377  -6.527  1.00 25.59 ? 11 DC  B "O4'"  1 
ATOM   233  C "C3'"  . DC  B 1 3 ? 15.363  1.780   -6.431  1.00 17.90 ? 11 DC  B "C3'"  1 
ATOM   234  O "O3'"  . DC  B 1 3 ? 14.943  2.834   -5.587  1.00 19.46 ? 11 DC  B "O3'"  1 
ATOM   235  C "C2'"  . DC  B 1 3 ? 16.280  0.827   -5.773  1.00 16.48 ? 11 DC  B "C2'"  1 
ATOM   236  C "C1'"  . DC  B 1 3 ? 15.537  -0.425  -5.591  1.00 15.18 ? 11 DC  B "C1'"  1 
ATOM   237  N N1     . DC  B 1 3 ? 16.328  -1.596  -5.977  1.00 8.94  ? 11 DC  B N1     1 
ATOM   238  C C2     . DC  B 1 3 ? 16.367  -2.633  -5.099  1.00 5.02  ? 11 DC  B C2     1 
ATOM   239  O O2     . DC  B 1 3 ? 15.816  -2.550  -4.014  1.00 5.75  ? 11 DC  B O2     1 
ATOM   240  N N3     . DC  B 1 3 ? 17.034  -3.755  -5.446  1.00 6.19  ? 11 DC  B N3     1 
ATOM   241  C C4     . DC  B 1 3 ? 17.646  -3.846  -6.644  1.00 11.27 ? 11 DC  B C4     1 
ATOM   242  N N4     . DC  B 1 3 ? 18.251  -4.976  -7.008  1.00 7.90  ? 11 DC  B N4     1 
ATOM   243  C C5     . DC  B 1 3 ? 17.652  -2.750  -7.550  1.00 6.11  ? 11 DC  B C5     1 
ATOM   244  C C6     . DC  B 1 3 ? 16.972  -1.653  -7.170  1.00 7.27  ? 11 DC  B C6     1 
ATOM   245  H H41    . DC  B 1 3 ? 18.734  -5.034  -7.889  1.00 0.00  ? 11 DC  B H41    1 
ATOM   246  H H42    . DC  B 1 3 ? 18.237  -5.780  -6.389  1.00 0.00  ? 11 DC  B H42    1 
ATOM   247  P P      . DT  B 1 4 ? 15.944  3.775   -4.789  1.00 22.02 ? 12 DT  B P      1 
ATOM   248  O OP1    . DT  B 1 4 ? 15.215  5.025   -4.452  1.00 25.05 ? 12 DT  B OP1    1 
ATOM   249  O OP2    . DT  B 1 4 ? 17.263  3.859   -5.477  1.00 27.12 ? 12 DT  B OP2    1 
ATOM   250  O "O5'"  . DT  B 1 4 ? 16.126  2.838   -3.518  1.00 14.58 ? 12 DT  B "O5'"  1 
ATOM   251  C "C5'"  . DT  B 1 4 ? 15.184  2.969   -2.467  1.00 18.28 ? 12 DT  B "C5'"  1 
ATOM   252  C "C4'"  . DT  B 1 4 ? 15.687  2.356   -1.187  1.00 17.53 ? 12 DT  B "C4'"  1 
ATOM   253  O "O4'"  . DT  B 1 4 ? 16.159  1.018   -1.462  1.00 16.84 ? 12 DT  B "O4'"  1 
ATOM   254  C "C3'"  . DT  B 1 4 ? 16.872  3.145   -0.673  1.00 15.65 ? 12 DT  B "C3'"  1 
ATOM   255  O "O3'"  . DT  B 1 4 ? 17.114  2.813   0.654   1.00 20.29 ? 12 DT  B "O3'"  1 
ATOM   256  C "C2'"  . DT  B 1 4 ? 18.009  2.454   -1.367  1.00 17.05 ? 12 DT  B "C2'"  1 
ATOM   257  C "C1'"  . DT  B 1 4 ? 17.566  1.019   -1.340  1.00 11.31 ? 12 DT  B "C1'"  1 
ATOM   258  N N1     . DT  B 1 4 ? 18.266  0.184   -2.300  1.00 10.41 ? 12 DT  B N1     1 
ATOM   259  C C2     . DT  B 1 4 ? 18.432  -1.149  -1.966  1.00 12.49 ? 12 DT  B C2     1 
ATOM   260  O O2     . DT  B 1 4 ? 17.938  -1.638  -0.945  1.00 27.60 ? 12 DT  B O2     1 
ATOM   261  N N3     . DT  B 1 4 ? 19.179  -1.920  -2.844  1.00 2.00  ? 12 DT  B N3     1 
ATOM   262  C C4     . DT  B 1 4 ? 19.749  -1.470  -4.015  1.00 7.89  ? 12 DT  B C4     1 
ATOM   263  O O4     . DT  B 1 4 ? 20.436  -2.208  -4.725  1.00 10.05 ? 12 DT  B O4     1 
ATOM   264  C C5     . DT  B 1 4 ? 19.481  -0.084  -4.278  1.00 7.13  ? 12 DT  B C5     1 
ATOM   265  C C7     . DT  B 1 4 ? 20.014  0.545   -5.525  1.00 10.14 ? 12 DT  B C7     1 
ATOM   266  C C6     . DT  B 1 4 ? 18.766  0.679   -3.444  1.00 10.87 ? 12 DT  B C6     1 
ATOM   267  H H3     . DT  B 1 4 ? 19.352  -2.876  -2.564  1.00 0.00  ? 12 DT  B H3     1 
ATOM   268  P P      . DA  B 1 5 ? 16.489  3.611   1.806   1.00 21.73 ? 13 DA  B P      1 
ATOM   269  O OP1    . DA  B 1 5 ? 15.024  3.634   1.598   1.00 26.57 ? 13 DA  B OP1    1 
ATOM   270  O OP2    . DA  B 1 5 ? 17.290  4.859   1.851   1.00 20.66 ? 13 DA  B OP2    1 
ATOM   271  O "O5'"  . DA  B 1 5 ? 16.792  2.732   3.092   1.00 18.33 ? 13 DA  B "O5'"  1 
ATOM   272  C "C5'"  . DA  B 1 5 ? 16.011  1.558   3.271   1.00 24.02 ? 13 DA  B "C5'"  1 
ATOM   273  C "C4'"  . DA  B 1 5 ? 16.742  0.384   3.928   1.00 24.77 ? 13 DA  B "C4'"  1 
ATOM   274  O "O4'"  . DA  B 1 5 ? 17.673  -0.294  3.092   1.00 21.29 ? 13 DA  B "O4'"  1 
ATOM   275  C "C3'"  . DA  B 1 5 ? 17.479  0.784   5.183   1.00 26.65 ? 13 DA  B "C3'"  1 
ATOM   276  O "O3'"  . DA  B 1 5 ? 17.319  -0.320  6.075   1.00 40.00 ? 13 DA  B "O3'"  1 
ATOM   277  C "C2'"  . DA  B 1 5 ? 18.895  0.903   4.699   1.00 21.35 ? 13 DA  B "C2'"  1 
ATOM   278  C "C1'"  . DA  B 1 5 ? 18.997  -0.159  3.607   1.00 19.80 ? 13 DA  B "C1'"  1 
ATOM   279  N N9     . DA  B 1 5 ? 19.735  0.247   2.411   1.00 14.28 ? 13 DA  B N9     1 
ATOM   280  C C8     . DA  B 1 5 ? 19.903  1.499   1.902   1.00 17.08 ? 13 DA  B C8     1 
ATOM   281  N N7     . DA  B 1 5 ? 20.577  1.539   0.783   1.00 20.09 ? 13 DA  B N7     1 
ATOM   282  C C5     . DA  B 1 5 ? 20.880  0.206   0.558   1.00 15.21 ? 13 DA  B C5     1 
ATOM   283  C C6     . DA  B 1 5 ? 21.590  -0.402  -0.460  1.00 14.52 ? 13 DA  B C6     1 
ATOM   284  N N6     . DA  B 1 5 ? 22.074  0.323   -1.458  1.00 14.34 ? 13 DA  B N6     1 
ATOM   285  N N1     . DA  B 1 5 ? 21.755  -1.728  -0.407  1.00 12.63 ? 13 DA  B N1     1 
ATOM   286  C C2     . DA  B 1 5 ? 21.203  -2.387  0.612   1.00 18.62 ? 13 DA  B C2     1 
ATOM   287  N N3     . DA  B 1 5 ? 20.499  -1.928  1.631   1.00 18.24 ? 13 DA  B N3     1 
ATOM   288  C C4     . DA  B 1 5 ? 20.380  -0.590  1.545   1.00 14.06 ? 13 DA  B C4     1 
ATOM   289  H H61    . DA  B 1 5 ? 21.897  1.322   -1.448  1.00 0.00  ? 13 DA  B H61    1 
ATOM   290  H H62    . DA  B 1 5 ? 22.577  -0.112  -2.222  1.00 0.00  ? 13 DA  B H62    1 
ATOM   291  P P      . DG  B 1 6 ? 17.543  -0.099  7.639   1.00 45.29 ? 14 DG  B P      1 
ATOM   292  O OP1    . DG  B 1 6 ? 16.432  -0.737  8.380   1.00 38.42 ? 14 DG  B OP1    1 
ATOM   293  O OP2    . DG  B 1 6 ? 17.882  1.350   7.845   1.00 37.19 ? 14 DG  B OP2    1 
ATOM   294  O "O5'"  . DG  B 1 6 ? 18.890  -0.931  7.927   1.00 41.88 ? 14 DG  B "O5'"  1 
ATOM   295  C "C5'"  . DG  B 1 6 ? 19.183  -2.277  7.584   1.00 38.91 ? 14 DG  B "C5'"  1 
ATOM   296  C "C4'"  . DG  B 1 6 ? 20.667  -2.435  7.234   1.00 30.67 ? 14 DG  B "C4'"  1 
ATOM   297  O "O4'"  . DG  B 1 6 ? 21.034  -1.841  5.984   1.00 32.15 ? 14 DG  B "O4'"  1 
ATOM   298  C "C3'"  . DG  B 1 6 ? 21.500  -1.702  8.257   1.00 30.41 ? 14 DG  B "C3'"  1 
ATOM   299  O "O3'"  . DG  B 1 6 ? 22.588  -2.522  8.468   1.00 38.67 ? 14 DG  B "O3'"  1 
ATOM   300  C "C2'"  . DG  B 1 6 ? 21.996  -0.487  7.517   1.00 27.45 ? 14 DG  B "C2'"  1 
ATOM   301  C "C1'"  . DG  B 1 6 ? 22.229  -1.066  6.161   1.00 22.29 ? 14 DG  B "C1'"  1 
ATOM   302  N N9     . DG  B 1 6 ? 22.528  -0.089  5.108   1.00 13.73 ? 14 DG  B N9     1 
ATOM   303  C C8     . DG  B 1 6 ? 22.286  1.254   5.054   1.00 18.79 ? 14 DG  B C8     1 
ATOM   304  N N7     . DG  B 1 6 ? 22.706  1.826   3.961   1.00 8.39  ? 14 DG  B N7     1 
ATOM   305  C C5     . DG  B 1 6 ? 23.259  0.790   3.242   1.00 9.61  ? 14 DG  B C5     1 
ATOM   306  C C6     . DG  B 1 6 ? 23.864  0.809   1.970   1.00 12.31 ? 14 DG  B C6     1 
ATOM   307  O O6     . DG  B 1 6 ? 23.973  1.758   1.184   1.00 13.12 ? 14 DG  B O6     1 
ATOM   308  N N1     . DG  B 1 6 ? 24.336  -0.441  1.617   1.00 8.16  ? 14 DG  B N1     1 
ATOM   309  C C2     . DG  B 1 6 ? 24.207  -1.566  2.369   1.00 7.47  ? 14 DG  B C2     1 
ATOM   310  N N2     . DG  B 1 6 ? 24.728  -2.656  1.858   1.00 7.88  ? 14 DG  B N2     1 
ATOM   311  N N3     . DG  B 1 6 ? 23.606  -1.605  3.545   1.00 14.88 ? 14 DG  B N3     1 
ATOM   312  C C4     . DG  B 1 6 ? 23.159  -0.382  3.928   1.00 13.68 ? 14 DG  B C4     1 
ATOM   313  H H1     . DG  B 1 6 ? 24.834  -0.506  0.738   1.00 0.00  ? 14 DG  B H1     1 
ATOM   314  H H21    . DG  B 1 6 ? 24.619  -3.540  2.347   1.00 0.00  ? 14 DG  B H21    1 
ATOM   315  H H22    . DG  B 1 6 ? 25.277  -2.647  1.010   1.00 0.00  ? 14 DG  B H22    1 
ATOM   316  P P      . DC  B 1 7 ? 22.769  -3.109  9.891   1.00 44.02 ? 15 DC  B P      1 
ATOM   317  O OP1    . DC  B 1 7 ? 21.618  -3.992  10.217  1.00 43.56 ? 15 DC  B OP1    1 
ATOM   318  O OP2    . DC  B 1 7 ? 23.174  -1.977  10.770  1.00 44.14 ? 15 DC  B OP2    1 
ATOM   319  O "O5'"  . DC  B 1 7 ? 24.008  -4.052  9.566   1.00 40.21 ? 15 DC  B "O5'"  1 
ATOM   320  C "C5'"  . DC  B 1 7 ? 23.802  -5.143  8.660   1.00 36.13 ? 15 DC  B "C5'"  1 
ATOM   321  C "C4'"  . DC  B 1 7 ? 24.983  -5.294  7.701   1.00 36.45 ? 15 DC  B "C4'"  1 
ATOM   322  O "O4'"  . DC  B 1 7 ? 25.083  -4.234  6.744   1.00 34.83 ? 15 DC  B "O4'"  1 
ATOM   323  C "C3'"  . DC  B 1 7 ? 26.298  -5.276  8.485   1.00 39.19 ? 15 DC  B "C3'"  1 
ATOM   324  O "O3'"  . DC  B 1 7 ? 27.139  -6.373  8.084   1.00 39.49 ? 15 DC  B "O3'"  1 
ATOM   325  C "C2'"  . DC  B 1 7 ? 26.880  -3.914  8.136   1.00 34.40 ? 15 DC  B "C2'"  1 
ATOM   326  C "C1'"  . DC  B 1 7 ? 26.429  -3.704  6.727   1.00 27.04 ? 15 DC  B "C1'"  1 
ATOM   327  N N1     . DC  B 1 7 ? 26.395  -2.289  6.342   1.00 17.06 ? 15 DC  B N1     1 
ATOM   328  C C2     . DC  B 1 7 ? 26.858  -1.960  5.099   1.00 15.74 ? 15 DC  B C2     1 
ATOM   329  O O2     . DC  B 1 7 ? 27.352  -2.795  4.354   1.00 16.07 ? 15 DC  B O2     1 
ATOM   330  N N3     . DC  B 1 7 ? 26.767  -0.670  4.689   1.00 17.51 ? 15 DC  B N3     1 
ATOM   331  C C4     . DC  B 1 7 ? 26.260  0.280   5.492   1.00 23.70 ? 15 DC  B C4     1 
ATOM   332  N N4     . DC  B 1 7 ? 26.185  1.544   5.054   1.00 30.74 ? 15 DC  B N4     1 
ATOM   333  C C5     . DC  B 1 7 ? 25.804  -0.039  6.800   1.00 18.41 ? 15 DC  B C5     1 
ATOM   334  C C6     . DC  B 1 7 ? 25.893  -1.335  7.178   1.00 21.34 ? 15 DC  B C6     1 
ATOM   335  H H41    . DC  B 1 7 ? 25.812  2.268   5.651   1.00 0.00  ? 15 DC  B H41    1 
ATOM   336  H H42    . DC  B 1 7 ? 26.429  1.773   4.093   1.00 0.00  ? 15 DC  B H42    1 
ATOM   337  P P      . DG  B 1 8 ? 28.412  -6.697  8.972   1.00 42.25 ? 16 DG  B P      1 
ATOM   338  O OP1    . DG  B 1 8 ? 28.498  -8.160  9.207   1.00 36.67 ? 16 DG  B OP1    1 
ATOM   339  O OP2    . DG  B 1 8 ? 28.472  -5.747  10.120  1.00 39.69 ? 16 DG  B OP2    1 
ATOM   340  O "O5'"  . DG  B 1 8 ? 29.565  -6.263  8.012   1.00 31.64 ? 16 DG  B "O5'"  1 
ATOM   341  C "C5'"  . DG  B 1 8 ? 30.099  -7.177  7.084   1.00 24.23 ? 16 DG  B "C5'"  1 
ATOM   342  C "C4'"  . DG  B 1 8 ? 31.199  -6.474  6.395   1.00 19.58 ? 16 DG  B "C4'"  1 
ATOM   343  O "O4'"  . DG  B 1 8 ? 30.573  -5.368  5.762   1.00 18.63 ? 16 DG  B "O4'"  1 
ATOM   344  C "C3'"  . DG  B 1 8 ? 32.184  -5.882  7.411   1.00 18.62 ? 16 DG  B "C3'"  1 
ATOM   345  O "O3'"  . DG  B 1 8 ? 33.336  -6.702  7.631   1.00 27.47 ? 16 DG  B "O3'"  1 
ATOM   346  C "C2'"  . DG  B 1 8 ? 32.628  -4.686  6.676   1.00 19.75 ? 16 DG  B "C2'"  1 
ATOM   347  C "C1'"  . DG  B 1 8 ? 31.448  -4.261  5.830   1.00 15.80 ? 16 DG  B "C1'"  1 
ATOM   348  N N9     . DG  B 1 8 ? 30.815  -3.026  6.331   1.00 11.32 ? 16 DG  B N9     1 
ATOM   349  C C8     . DG  B 1 8 ? 30.108  -2.788  7.454   1.00 15.11 ? 16 DG  B C8     1 
ATOM   350  N N7     . DG  B 1 8 ? 29.675  -1.556  7.581   1.00 21.35 ? 16 DG  B N7     1 
ATOM   351  C C5     . DG  B 1 8 ? 30.151  -0.933  6.445   1.00 17.71 ? 16 DG  B C5     1 
ATOM   352  C C6     . DG  B 1 8 ? 29.986  0.417   6.009   1.00 18.98 ? 16 DG  B C6     1 
ATOM   353  O O6     . DG  B 1 8 ? 29.372  1.330   6.573   1.00 10.02 ? 16 DG  B O6     1 
ATOM   354  N N1     . DG  B 1 8 ? 30.608  0.620   4.775   1.00 16.00 ? 16 DG  B N1     1 
ATOM   355  C C2     . DG  B 1 8 ? 31.284  -0.343  4.052   1.00 13.88 ? 16 DG  B C2     1 
ATOM   356  N N2     . DG  B 1 8 ? 31.814  0.007   2.877   1.00 17.72 ? 16 DG  B N2     1 
ATOM   357  N N3     . DG  B 1 8 ? 31.440  -1.600  4.465   1.00 13.25 ? 16 DG  B N3     1 
ATOM   358  C C4     . DG  B 1 8 ? 30.847  -1.824  5.666   1.00 14.73 ? 16 DG  B C4     1 
ATOM   359  H "HO3'" . DG  B 1 8 ? 33.892  -6.232  8.266   1.00 0.00  ? 16 DG  B "HO3'" 1 
ATOM   360  H H1     . DG  B 1 8 ? 30.651  1.565   4.408   1.00 0.00  ? 16 DG  B H1     1 
ATOM   361  H H21    . DG  B 1 8 ? 31.526  0.843   2.384   1.00 0.00  ? 16 DG  B H21    1 
ATOM   362  H H22    . DG  B 1 8 ? 32.658  -0.459  2.558   1.00 0.00  ? 16 DG  B H22    1 
ATOM   363  O "O5'"  . DC  C 1 1 ? 12.697  0.664   -14.574 1.00 32.04 ? 17 DC  C "O5'"  1 
ATOM   364  C "C5'"  . DC  C 1 1 ? 11.245  0.655   -14.812 1.00 34.76 ? 17 DC  C "C5'"  1 
ATOM   365  C "C4'"  . DC  C 1 1 ? 10.566  -0.456  -14.000 1.00 25.84 ? 17 DC  C "C4'"  1 
ATOM   366  O "O4'"  . DC  C 1 1 ? 10.819  -0.257  -12.616 1.00 34.50 ? 17 DC  C "O4'"  1 
ATOM   367  C "C3'"  . DC  C 1 1 ? 9.124   -0.982  -14.088 1.00 34.16 ? 17 DC  C "C3'"  1 
ATOM   368  O "O3'"  . DC  C 1 1 ? 9.354   -2.397  -14.016 1.00 35.10 ? 17 DC  C "O3'"  1 
ATOM   369  C "C2'"  . DC  C 1 1 ? 8.512   -0.569  -12.737 1.00 26.40 ? 17 DC  C "C2'"  1 
ATOM   370  C "C1'"  . DC  C 1 1 ? 9.690   -0.640  -11.780 1.00 26.00 ? 17 DC  C "C1'"  1 
ATOM   371  N N1     . DC  C 1 1 ? 9.688   0.355   -10.705 1.00 17.56 ? 17 DC  C N1     1 
ATOM   372  C C2     . DC  C 1 1 ? 10.187  0.028   -9.460  1.00 13.19 ? 17 DC  C C2     1 
ATOM   373  O O2     . DC  C 1 1 ? 10.614  -1.071  -9.180  1.00 18.14 ? 17 DC  C O2     1 
ATOM   374  N N3     . DC  C 1 1 ? 10.201  0.951   -8.495  1.00 10.19 ? 17 DC  C N3     1 
ATOM   375  C C4     . DC  C 1 1 ? 9.761   2.169   -8.740  1.00 15.44 ? 17 DC  C C4     1 
ATOM   376  N N4     . DC  C 1 1 ? 9.821   3.087   -7.778  1.00 18.51 ? 17 DC  C N4     1 
ATOM   377  C C5     . DC  C 1 1 ? 9.234   2.527   -10.016 1.00 22.40 ? 17 DC  C C5     1 
ATOM   378  C C6     . DC  C 1 1 ? 9.209   1.578   -10.964 1.00 11.52 ? 17 DC  C C6     1 
ATOM   379  H H41    . DC  C 1 1 ? 9.495   4.023   -7.969  1.00 0.00  ? 17 DC  C H41    1 
ATOM   380  H H42    . DC  C 1 1 ? 10.233  2.897   -6.873  1.00 0.00  ? 17 DC  C H42    1 
ATOM   381  H "HO5'" . DC  C 1 1 ? 13.009  -0.238  -14.662 1.00 0.00  ? 17 DC  C "HO5'" 1 
ATOM   382  P P      . DG  C 1 2 ? 8.343   -3.590  -14.263 1.00 37.58 ? 18 DG  C P      1 
ATOM   383  O OP1    . DG  C 1 2 ? 9.024   -4.497  -15.222 1.00 40.96 ? 18 DG  C OP1    1 
ATOM   384  O OP2    . DG  C 1 2 ? 6.987   -3.041  -14.540 1.00 34.20 ? 18 DG  C OP2    1 
ATOM   385  O "O5'"  . DG  C 1 2 ? 8.292   -4.355  -12.891 1.00 32.38 ? 18 DG  C "O5'"  1 
ATOM   386  C "C5'"  . DG  C 1 2 ? 9.237   -5.327  -12.568 1.00 19.08 ? 18 DG  C "C5'"  1 
ATOM   387  C "C4'"  . DG  C 1 2 ? 9.104   -5.483  -11.109 1.00 21.74 ? 18 DG  C "C4'"  1 
ATOM   388  O "O4'"  . DG  C 1 2 ? 9.254   -4.221  -10.487 1.00 20.86 ? 18 DG  C "O4'"  1 
ATOM   389  C "C3'"  . DG  C 1 2 ? 7.716   -5.993  -10.737 1.00 20.77 ? 18 DG  C "C3'"  1 
ATOM   390  O "O3'"  . DG  C 1 2 ? 7.834   -7.452  -10.692 1.00 22.31 ? 18 DG  C "O3'"  1 
ATOM   391  C "C2'"  . DG  C 1 2 ? 7.552   -5.356  -9.374  1.00 22.02 ? 18 DG  C "C2'"  1 
ATOM   392  C "C1'"  . DG  C 1 2 ? 8.562   -4.261  -9.236  1.00 18.55 ? 18 DG  C "C1'"  1 
ATOM   393  N N9     . DG  C 1 2 ? 7.878   -2.996  -8.961  1.00 17.19 ? 18 DG  C N9     1 
ATOM   394  C C8     . DG  C 1 2 ? 7.176   -2.185  -9.810  1.00 19.17 ? 18 DG  C C8     1 
ATOM   395  N N7     . DG  C 1 2 ? 6.758   -1.070  -9.270  1.00 16.67 ? 18 DG  C N7     1 
ATOM   396  C C5     . DG  C 1 2 ? 7.204   -1.160  -7.970  1.00 15.13 ? 18 DG  C C5     1 
ATOM   397  C C6     . DG  C 1 2 ? 7.083   -0.222  -6.904  1.00 15.74 ? 18 DG  C C6     1 
ATOM   398  O O6     . DG  C 1 2 ? 6.609   0.919   -6.913  1.00 2.00  ? 18 DG  C O6     1 
ATOM   399  N N1     . DG  C 1 2 ? 7.627   -0.755  -5.735  1.00 21.65 ? 18 DG  C N1     1 
ATOM   400  C C2     . DG  C 1 2 ? 8.232   -1.989  -5.618  1.00 16.16 ? 18 DG  C C2     1 
ATOM   401  N N2     . DG  C 1 2 ? 8.679   -2.368  -4.429  1.00 18.27 ? 18 DG  C N2     1 
ATOM   402  N N3     . DG  C 1 2 ? 8.393   -2.828  -6.633  1.00 17.58 ? 18 DG  C N3     1 
ATOM   403  C C4     . DG  C 1 2 ? 7.856   -2.356  -7.764  1.00 15.41 ? 18 DG  C C4     1 
ATOM   404  H H1     . DG  C 1 2 ? 7.586   -0.138  -4.927  1.00 0.00  ? 18 DG  C H1     1 
ATOM   405  H H21    . DG  C 1 2 ? 9.297   -3.170  -4.368  1.00 0.00  ? 18 DG  C H21    1 
ATOM   406  H H22    . DG  C 1 2 ? 8.316   -1.964  -3.572  1.00 0.00  ? 18 DG  C H22    1 
ATOM   407  P P      . DC  C 1 3 ? 6.792   -8.587  -10.139 1.00 17.93 ? 19 DC  C P      1 
ATOM   408  O OP1    . DC  C 1 3 ? 7.430   -9.917  -10.242 1.00 24.02 ? 19 DC  C OP1    1 
ATOM   409  O OP2    . DC  C 1 3 ? 5.494   -8.356  -10.791 1.00 21.99 ? 19 DC  C OP2    1 
ATOM   410  O "O5'"  . DC  C 1 3 ? 6.657   -8.247  -8.588  1.00 13.94 ? 19 DC  C "O5'"  1 
ATOM   411  C "C5'"  . DC  C 1 3 ? 7.592   -8.542  -7.553  1.00 2.00  ? 19 DC  C "C5'"  1 
ATOM   412  C "C4'"  . DC  C 1 3 ? 7.002   -7.815  -6.334  1.00 9.44  ? 19 DC  C "C4'"  1 
ATOM   413  O "O4'"  . DC  C 1 3 ? 6.885   -6.416  -6.495  1.00 5.16  ? 19 DC  C "O4'"  1 
ATOM   414  C "C3'"  . DC  C 1 3 ? 5.619   -8.277  -5.902  1.00 4.08  ? 19 DC  C "C3'"  1 
ATOM   415  O "O3'"  . DC  C 1 3 ? 5.990   -9.275  -4.954  1.00 5.86  ? 19 DC  C "O3'"  1 
ATOM   416  C "C2'"  . DC  C 1 3 ? 5.014   -7.059  -5.285  1.00 2.00  ? 19 DC  C "C2'"  1 
ATOM   417  C "C1'"  . DC  C 1 3 ? 5.930   -5.912  -5.566  1.00 4.55  ? 19 DC  C "C1'"  1 
ATOM   418  N N1     . DC  C 1 3 ? 5.156   -4.811  -6.176  1.00 5.09  ? 19 DC  C N1     1 
ATOM   419  C C2     . DC  C 1 3 ? 4.865   -3.710  -5.398  1.00 9.55  ? 19 DC  C C2     1 
ATOM   420  O O2     . DC  C 1 3 ? 5.177   -3.627  -4.216  1.00 15.62 ? 19 DC  C O2     1 
ATOM   421  N N3     . DC  C 1 3 ? 4.201   -2.680  -5.973  1.00 11.29 ? 19 DC  C N3     1 
ATOM   422  C C4     . DC  C 1 3 ? 3.852   -2.723  -7.260  1.00 14.27 ? 19 DC  C C4     1 
ATOM   423  N N4     . DC  C 1 3 ? 3.277   -1.652  -7.789  1.00 21.22 ? 19 DC  C N4     1 
ATOM   424  C C5     . DC  C 1 3 ? 4.091   -3.863  -8.078  1.00 2.86  ? 19 DC  C C5     1 
ATOM   425  C C6     . DC  C 1 3 ? 4.753   -4.880  -7.483  1.00 6.03  ? 19 DC  C C6     1 
ATOM   426  H H41    . DC  C 1 3 ? 2.947   -1.699  -8.744  1.00 0.00  ? 19 DC  C H41    1 
ATOM   427  H H42    . DC  C 1 3 ? 3.222   -0.765  -7.298  1.00 0.00  ? 19 DC  C H42    1 
ATOM   428  P P      . DT  C 1 4 ? 4.898   -10.125 -4.224  1.00 18.54 ? 20 DT  C P      1 
ATOM   429  O OP1    . DT  C 1 4 ? 5.488   -11.292 -3.541  1.00 15.42 ? 20 DT  C OP1    1 
ATOM   430  O OP2    . DT  C 1 4 ? 3.762   -10.323 -5.181  1.00 22.95 ? 20 DT  C OP2    1 
ATOM   431  O "O5'"  . DT  C 1 4 ? 4.430   -9.080  -3.067  1.00 21.19 ? 20 DT  C "O5'"  1 
ATOM   432  C "C5'"  . DT  C 1 4 ? 5.174   -8.856  -1.857  1.00 21.77 ? 20 DT  C "C5'"  1 
ATOM   433  C "C4'"  . DT  C 1 4 ? 4.430   -7.953  -0.863  1.00 22.57 ? 20 DT  C "C4'"  1 
ATOM   434  O "O4'"  . DT  C 1 4 ? 4.043   -6.716  -1.491  1.00 19.05 ? 20 DT  C "O4'"  1 
ATOM   435  C "C3'"  . DT  C 1 4 ? 3.112   -8.565  -0.354  1.00 24.37 ? 20 DT  C "C3'"  1 
ATOM   436  O "O3'"  . DT  C 1 4 ? 2.734   -7.898  0.853   1.00 23.77 ? 20 DT  C "O3'"  1 
ATOM   437  C "C2'"  . DT  C 1 4 ? 2.135   -8.093  -1.361  1.00 17.03 ? 20 DT  C "C2'"  1 
ATOM   438  C "C1'"  . DT  C 1 4 ? 2.617   -6.658  -1.501  1.00 18.18 ? 20 DT  C "C1'"  1 
ATOM   439  N N1     . DT  C 1 4 ? 2.180   -5.983  -2.712  1.00 11.35 ? 20 DT  C N1     1 
ATOM   440  C C2     . DT  C 1 4 ? 2.059   -4.644  -2.639  1.00 14.35 ? 20 DT  C C2     1 
ATOM   441  O O2     . DT  C 1 4 ? 2.298   -4.003  -1.614  1.00 21.82 ? 20 DT  C O2     1 
ATOM   442  N N3     . DT  C 1 4 ? 1.636   -4.031  -3.803  1.00 18.80 ? 20 DT  C N3     1 
ATOM   443  C C4     . DT  C 1 4 ? 1.368   -4.640  -5.015  1.00 11.25 ? 20 DT  C C4     1 
ATOM   444  O O4     . DT  C 1 4 ? 1.024   -3.944  -5.974  1.00 14.57 ? 20 DT  C O4     1 
ATOM   445  C C5     . DT  C 1 4 ? 1.547   -6.060  -4.988  1.00 8.07  ? 20 DT  C C5     1 
ATOM   446  C C7     . DT  C 1 4 ? 1.317   -6.928  -6.232  1.00 2.92  ? 20 DT  C C7     1 
ATOM   447  C C6     . DT  C 1 4 ? 1.927   -6.668  -3.858  1.00 15.61 ? 20 DT  C C6     1 
ATOM   448  H H3     . DT  C 1 4 ? 1.460   -3.036  -3.741  1.00 0.00  ? 20 DT  C H3     1 
ATOM   449  P P      . DA  C 1 5 ? 3.042   -8.678  2.202   1.00 22.29 ? 21 DA  C P      1 
ATOM   450  O OP1    . DA  C 1 5 ? 4.433   -9.181  2.165   1.00 30.57 ? 21 DA  C OP1    1 
ATOM   451  O OP2    . DA  C 1 5 ? 1.927   -9.641  2.382   1.00 21.14 ? 21 DA  C OP2    1 
ATOM   452  O "O5'"  . DA  C 1 5 ? 2.956   -7.596  3.377   1.00 13.03 ? 21 DA  C "O5'"  1 
ATOM   453  C "C5'"  . DA  C 1 5 ? 3.687   -6.375  3.291   1.00 14.55 ? 21 DA  C "C5'"  1 
ATOM   454  C "C4'"  . DA  C 1 5 ? 2.911   -5.142  3.723   1.00 10.31 ? 21 DA  C "C4'"  1 
ATOM   455  O "O4'"  . DA  C 1 5 ? 2.015   -4.626  2.739   1.00 19.96 ? 21 DA  C "O4'"  1 
ATOM   456  C "C3'"  . DA  C 1 5 ? 2.040   -5.537  4.894   1.00 10.70 ? 21 DA  C "C3'"  1 
ATOM   457  O "O3'"  . DA  C 1 5 ? 2.070   -4.495  5.845   1.00 15.40 ? 21 DA  C "O3'"  1 
ATOM   458  C "C2'"  . DA  C 1 5 ? 0.707   -5.860  4.270   1.00 7.80  ? 21 DA  C "C2'"  1 
ATOM   459  C "C1'"  . DA  C 1 5 ? 0.625   -4.895  3.090   1.00 17.02 ? 21 DA  C "C1'"  1 
ATOM   460  N N9     . DA  C 1 5 ? 0.037   -5.427  1.855   1.00 10.59 ? 21 DA  C N9     1 
ATOM   461  C C8     . DA  C 1 5 ? -0.149  -6.718  1.475   1.00 5.12  ? 21 DA  C C8     1 
ATOM   462  N N7     . DA  C 1 5 ? -0.628  -6.846  0.268   1.00 9.19  ? 21 DA  C N7     1 
ATOM   463  C C5     . DA  C 1 5 ? -0.796  -5.545  -0.168  1.00 9.27  ? 21 DA  C C5     1 
ATOM   464  C C6     . DA  C 1 5 ? -1.285  -5.009  -1.366  1.00 14.71 ? 21 DA  C C6     1 
ATOM   465  N N6     . DA  C 1 5 ? -1.689  -5.806  -2.358  1.00 14.78 ? 21 DA  C N6     1 
ATOM   466  N N1     . DA  C 1 5 ? -1.332  -3.656  -1.495  1.00 12.19 ? 21 DA  C N1     1 
ATOM   467  C C2     . DA  C 1 5 ? -0.921  -2.902  -0.478  1.00 7.52  ? 21 DA  C C2     1 
ATOM   468  N N3     . DA  C 1 5 ? -0.444  -3.289  0.705   1.00 13.45 ? 21 DA  C N3     1 
ATOM   469  C C4     . DA  C 1 5 ? -0.409  -4.656  0.798   1.00 13.77 ? 21 DA  C C4     1 
ATOM   470  H H61    . DA  C 1 5 ? -1.630  -6.801  -2.198  1.00 0.00  ? 21 DA  C H61    1 
ATOM   471  H H62    . DA  C 1 5 ? -1.951  -5.430  -3.259  1.00 0.00  ? 21 DA  C H62    1 
ATOM   472  P P      . DG  C 1 6 ? 1.209   -4.388  7.179   1.00 22.59 ? 22 DG  C P      1 
ATOM   473  O OP1    . DG  C 1 6 ? 1.910   -3.401  8.050   1.00 21.77 ? 22 DG  C OP1    1 
ATOM   474  O OP2    . DG  C 1 6 ? 0.763   -5.737  7.676   1.00 10.73 ? 22 DG  C OP2    1 
ATOM   475  O "O5'"  . DG  C 1 6 ? -0.093  -3.638  6.635   1.00 21.56 ? 22 DG  C "O5'"  1 
ATOM   476  C "C5'"  . DG  C 1 6 ? -0.099  -2.275  6.201   1.00 12.24 ? 22 DG  C "C5'"  1 
ATOM   477  C "C4'"  . DG  C 1 6 ? -1.463  -1.974  5.571   1.00 13.50 ? 22 DG  C "C4'"  1 
ATOM   478  O "O4'"  . DG  C 1 6 ? -1.810  -2.752  4.415   1.00 10.10 ? 22 DG  C "O4'"  1 
ATOM   479  C "C3'"  . DG  C 1 6 ? -2.521  -2.274  6.574   1.00 12.04 ? 22 DG  C "C3'"  1 
ATOM   480  O "O3'"  . DG  C 1 6 ? -3.194  -1.052  6.436   1.00 18.61 ? 22 DG  C "O3'"  1 
ATOM   481  C "C2'"  . DG  C 1 6 ? -3.205  -3.525  6.034   1.00 5.71  ? 22 DG  C "C2'"  1 
ATOM   482  C "C1'"  . DG  C 1 6 ? -3.126  -3.254  4.590   1.00 5.73  ? 22 DG  C "C1'"  1 
ATOM   483  N N9     . DG  C 1 6 ? -3.329  -4.371  3.695   1.00 5.48  ? 22 DG  C N9     1 
ATOM   484  C C8     . DG  C 1 6 ? -3.169  -5.678  3.886   1.00 2.00  ? 22 DG  C C8     1 
ATOM   485  N N7     . DG  C 1 6 ? -3.405  -6.376  2.808   1.00 8.34  ? 22 DG  C N7     1 
ATOM   486  C C5     . DG  C 1 6 ? -3.746  -5.458  1.858   1.00 2.02  ? 22 DG  C C5     1 
ATOM   487  C C6     . DG  C 1 6 ? -4.086  -5.626  0.498   1.00 8.17  ? 22 DG  C C6     1 
ATOM   488  O O6     . DG  C 1 6 ? -4.116  -6.656  -0.167  1.00 11.36 ? 22 DG  C O6     1 
ATOM   489  N N1     . DG  C 1 6 ? -4.393  -4.435  -0.114  1.00 3.92  ? 22 DG  C N1     1 
ATOM   490  C C2     . DG  C 1 6 ? -4.346  -3.216  0.508   1.00 9.42  ? 22 DG  C C2     1 
ATOM   491  N N2     . DG  C 1 6 ? -4.657  -2.164  -0.252  1.00 12.94 ? 22 DG  C N2     1 
ATOM   492  N N3     . DG  C 1 6 ? -4.010  -3.049  1.787   1.00 2.00  ? 22 DG  C N3     1 
ATOM   493  C C4     . DG  C 1 6 ? -3.724  -4.216  2.393   1.00 2.15  ? 22 DG  C C4     1 
ATOM   494  H H1     . DG  C 1 6 ? -4.737  -4.506  -1.061  1.00 0.00  ? 22 DG  C H1     1 
ATOM   495  H H21    . DG  C 1 6 ? -4.577  -1.219  0.099   1.00 0.00  ? 22 DG  C H21    1 
ATOM   496  H H22    . DG  C 1 6 ? -5.073  -2.293  -1.170  1.00 0.00  ? 22 DG  C H22    1 
ATOM   497  P P      . DC  C 1 7 ? -3.769  -0.343  7.715   1.00 22.48 ? 23 DC  C P      1 
ATOM   498  O OP1    . DC  C 1 7 ? -2.749  0.475   8.426   1.00 18.07 ? 23 DC  C OP1    1 
ATOM   499  O OP2    . DC  C 1 7 ? -4.582  -1.355  8.454   1.00 21.95 ? 23 DC  C OP2    1 
ATOM   500  O "O5'"  . DC  C 1 7 ? -4.767  0.593   6.849   1.00 21.64 ? 23 DC  C "O5'"  1 
ATOM   501  C "C5'"  . DC  C 1 7 ? -4.311  1.485   5.801   1.00 24.15 ? 23 DC  C "C5'"  1 
ATOM   502  C "C4'"  . DC  C 1 7 ? -5.254  1.640   4.584   1.00 15.64 ? 23 DC  C "C4'"  1 
ATOM   503  O "O4'"  . DC  C 1 7 ? -5.408  0.390   3.885   1.00 10.67 ? 23 DC  C "O4'"  1 
ATOM   504  C "C3'"  . DC  C 1 7 ? -6.621  2.029   5.105   1.00 20.78 ? 23 DC  C "C3'"  1 
ATOM   505  O "O3'"  . DC  C 1 7 ? -7.154  3.175   4.374   1.00 33.75 ? 23 DC  C "O3'"  1 
ATOM   506  C "C2'"  . DC  C 1 7 ? -7.393  0.708   4.988   1.00 13.88 ? 23 DC  C "C2'"  1 
ATOM   507  C "C1'"  . DC  C 1 7 ? -6.779  0.030   3.786   1.00 7.37  ? 23 DC  C "C1'"  1 
ATOM   508  N N1     . DC  C 1 7 ? -6.865  -1.450  3.807   1.00 8.25  ? 23 DC  C N1     1 
ATOM   509  C C2     . DC  C 1 7 ? -7.130  -2.091  2.611   1.00 7.88  ? 23 DC  C C2     1 
ATOM   510  O O2     . DC  C 1 7 ? -7.356  -1.496  1.576   1.00 14.21 ? 23 DC  C O2     1 
ATOM   511  N N3     . DC  C 1 7 ? -7.163  -3.433  2.571   1.00 12.45 ? 23 DC  C N3     1 
ATOM   512  C C4     . DC  C 1 7 ? -6.966  -4.150  3.681   1.00 7.84  ? 23 DC  C C4     1 
ATOM   513  N N4     . DC  C 1 7 ? -6.978  -5.469  3.577   1.00 4.33  ? 23 DC  C N4     1 
ATOM   514  C C5     . DC  C 1 7 ? -6.729  -3.530  4.939   1.00 2.69  ? 23 DC  C C5     1 
ATOM   515  C C6     . DC  C 1 7 ? -6.687  -2.177  4.952   1.00 6.55  ? 23 DC  C C6     1 
ATOM   516  H H41    . DC  C 1 7 ? -6.813  -6.031  4.399   1.00 0.00  ? 23 DC  C H41    1 
ATOM   517  H H42    . DC  C 1 7 ? -7.080  -5.915  2.671   1.00 0.00  ? 23 DC  C H42    1 
ATOM   518  P P      . DG  C 1 8 ? -8.379  4.215   4.763   1.00 40.64 ? 24 DG  C P      1 
ATOM   519  O OP1    . DG  C 1 8 ? -7.842  5.558   4.428   1.00 35.10 ? 24 DG  C OP1    1 
ATOM   520  O OP2    . DG  C 1 8 ? -8.950  3.911   6.129   1.00 37.02 ? 24 DG  C OP2    1 
ATOM   521  O "O5'"  . DG  C 1 8 ? -9.580  3.848   3.740   1.00 32.16 ? 24 DG  C "O5'"  1 
ATOM   522  C "C5'"  . DG  C 1 8 ? -9.456  3.854   2.321   1.00 26.31 ? 24 DG  C "C5'"  1 
ATOM   523  C "C4'"  . DG  C 1 8 ? -10.596 3.078   1.651   1.00 23.02 ? 24 DG  C "C4'"  1 
ATOM   524  O "O4'"  . DG  C 1 8 ? -10.442 1.658   1.646   1.00 17.25 ? 24 DG  C "O4'"  1 
ATOM   525  C "C3'"  . DG  C 1 8 ? -11.878 3.327   2.398   1.00 22.31 ? 24 DG  C "C3'"  1 
ATOM   526  O "O3'"  . DG  C 1 8 ? -12.909 3.365   1.434   1.00 29.01 ? 24 DG  C "O3'"  1 
ATOM   527  C "C2'"  . DG  C 1 8 ? -11.998 2.096   3.257   1.00 15.40 ? 24 DG  C "C2'"  1 
ATOM   528  C "C1'"  . DG  C 1 8 ? -11.488 1.023   2.345   1.00 12.97 ? 24 DG  C "C1'"  1 
ATOM   529  N N9     . DG  C 1 8 ? -11.079 -0.179  3.077   1.00 8.23  ? 24 DG  C N9     1 
ATOM   530  C C8     . DG  C 1 8 ? -10.664 -0.284  4.370   1.00 14.28 ? 24 DG  C C8     1 
ATOM   531  N N7     . DG  C 1 8 ? -10.408 -1.496  4.767   1.00 7.86  ? 24 DG  C N7     1 
ATOM   532  C C5     . DG  C 1 8 ? -10.666 -2.239  3.628   1.00 2.00  ? 24 DG  C C5     1 
ATOM   533  C C6     . DG  C 1 8 ? -10.536 -3.616  3.453   1.00 2.00  ? 24 DG  C C6     1 
ATOM   534  O O6     . DG  C 1 8 ? -10.177 -4.454  4.289   1.00 13.29 ? 24 DG  C O6     1 
ATOM   535  N N1     . DG  C 1 8 ? -10.873 -3.985  2.161   1.00 6.55  ? 24 DG  C N1     1 
ATOM   536  C C2     . DG  C 1 8 ? -11.295 -3.123  1.174   1.00 8.67  ? 24 DG  C C2     1 
ATOM   537  N N2     . DG  C 1 8 ? -11.631 -3.660  0.010   1.00 12.89 ? 24 DG  C N2     1 
ATOM   538  N N3     . DG  C 1 8 ? -11.407 -1.804  1.336   1.00 7.62  ? 24 DG  C N3     1 
ATOM   539  C C4     . DG  C 1 8 ? -11.073 -1.443  2.591   1.00 4.90  ? 24 DG  C C4     1 
ATOM   540  H "HO3'" . DG  C 1 8 ? -13.406 2.543   1.464   1.00 0.00  ? 24 DG  C "HO3'" 1 
ATOM   541  H H1     . DG  C 1 8 ? -10.876 -4.980  1.964   1.00 0.00  ? 24 DG  C H1     1 
ATOM   542  H H21    . DG  C 1 8 ? -11.302 -4.571  -0.285  1.00 0.00  ? 24 DG  C H21    1 
ATOM   543  H H22    . DG  C 1 8 ? -12.388 -3.233  -0.508  1.00 0.00  ? 24 DG  C H22    1 
ATOM   544  O "O5'"  . DC  D 1 1 ? -13.416 -13.253 -0.637  1.00 16.05 ? 25 DC  D "O5'"  1 
ATOM   545  C "C5'"  . DC  D 1 1 ? -14.302 -12.247 -1.077  1.00 18.10 ? 25 DC  D "C5'"  1 
ATOM   546  C "C4'"  . DC  D 1 1 ? -13.577 -10.913 -1.250  1.00 19.20 ? 25 DC  D "C4'"  1 
ATOM   547  O "O4'"  . DC  D 1 1 ? -13.159 -10.059 -0.188  1.00 21.29 ? 25 DC  D "O4'"  1 
ATOM   548  C "C3'"  . DC  D 1 1 ? -12.419 -11.058 -2.182  1.00 22.38 ? 25 DC  D "C3'"  1 
ATOM   549  O "O3'"  . DC  D 1 1 ? -13.106 -10.701 -3.334  1.00 23.59 ? 25 DC  D "O3'"  1 
ATOM   550  C "C2'"  . DC  D 1 1 ? -11.343 -10.079 -1.686  1.00 17.38 ? 25 DC  D "C2'"  1 
ATOM   551  C "C1'"  . DC  D 1 1 ? -12.128 -9.176  -0.768  1.00 19.42 ? 25 DC  D "C1'"  1 
ATOM   552  N N1     . DC  D 1 1 ? -11.362 -8.578  0.349   1.00 9.49  ? 25 DC  D N1     1 
ATOM   553  C C2     . DC  D 1 1 ? -11.261 -7.224  0.475   1.00 10.60 ? 25 DC  D C2     1 
ATOM   554  O O2     . DC  D 1 1 ? -11.641 -6.450  -0.383  1.00 14.73 ? 25 DC  D O2     1 
ATOM   555  N N3     . DC  D 1 1 ? -10.703 -6.704  1.567   1.00 11.04 ? 25 DC  D N3     1 
ATOM   556  C C4     . DC  D 1 1 ? -10.211 -7.488  2.513   1.00 11.90 ? 25 DC  D C4     1 
ATOM   557  N N4     . DC  D 1 1 ? -9.701  -6.963  3.634   1.00 13.84 ? 25 DC  D N4     1 
ATOM   558  C C5     . DC  D 1 1 ? -10.229 -8.894  2.353   1.00 14.55 ? 25 DC  D C5     1 
ATOM   559  C C6     . DC  D 1 1 ? -10.812 -9.381  1.253   1.00 9.80  ? 25 DC  D C6     1 
ATOM   560  H H41    . DC  D 1 1 ? -9.276  -7.584  4.313   1.00 0.00  ? 25 DC  D H41    1 
ATOM   561  H H42    . DC  D 1 1 ? -9.855  -5.999  3.905   1.00 0.00  ? 25 DC  D H42    1 
ATOM   562  H "HO5'" . DC  D 1 1 ? -12.880 -13.493 -1.396  1.00 0.00  ? 25 DC  D "HO5'" 1 
ATOM   563  P P      . DG  D 1 2 ? -12.364 -10.542 -4.694  1.00 29.91 ? 26 DG  D P      1 
ATOM   564  O OP1    . DG  D 1 2 ? -13.442 -10.723 -5.705  1.00 37.41 ? 26 DG  D OP1    1 
ATOM   565  O OP2    . DG  D 1 2 ? -11.176 -11.422 -4.701  1.00 31.31 ? 26 DG  D OP2    1 
ATOM   566  O "O5'"  . DG  D 1 2 ? -11.851 -9.018  -4.711  1.00 25.79 ? 26 DG  D "O5'"  1 
ATOM   567  C "C5'"  . DG  D 1 2 ? -12.746 -7.969  -5.028  1.00 18.30 ? 26 DG  D "C5'"  1 
ATOM   568  C "C4'"  . DG  D 1 2 ? -12.002 -6.705  -5.271  1.00 23.76 ? 26 DG  D "C4'"  1 
ATOM   569  O "O4'"  . DG  D 1 2 ? -11.336 -6.251  -4.071  1.00 23.55 ? 26 DG  D "O4'"  1 
ATOM   570  C "C3'"  . DG  D 1 2 ? -10.948 -6.936  -6.364  1.00 25.73 ? 26 DG  D "C3'"  1 
ATOM   571  O "O3'"  . DG  D 1 2 ? -11.088 -5.818  -7.294  1.00 25.31 ? 26 DG  D "O3'"  1 
ATOM   572  C "C2'"  . DG  D 1 2 ? -9.693  -7.056  -5.480  1.00 20.52 ? 26 DG  D "C2'"  1 
ATOM   573  C "C1'"  . DG  D 1 2 ? -9.937  -6.127  -4.296  1.00 20.17 ? 26 DG  D "C1'"  1 
ATOM   574  N N9     . DG  D 1 2 ? -9.212  -6.522  -3.092  1.00 6.15  ? 26 DG  D N9     1 
ATOM   575  C C8     . DG  D 1 2 ? -8.812  -7.751  -2.733  1.00 4.87  ? 26 DG  D C8     1 
ATOM   576  N N7     . DG  D 1 2 ? -8.229  -7.780  -1.568  1.00 10.06 ? 26 DG  D N7     1 
ATOM   577  C C5     . DG  D 1 2 ? -8.247  -6.462  -1.145  1.00 9.02  ? 26 DG  D C5     1 
ATOM   578  C C6     . DG  D 1 2 ? -7.780  -5.875  0.056   1.00 9.09  ? 26 DG  D C6     1 
ATOM   579  O O6     . DG  D 1 2 ? -7.275  -6.404  1.024   1.00 12.75 ? 26 DG  D O6     1 
ATOM   580  N N1     . DG  D 1 2 ? -7.957  -4.526  0.095   1.00 11.61 ? 26 DG  D N1     1 
ATOM   581  C C2     . DG  D 1 2 ? -8.540  -3.827  -0.906  1.00 11.88 ? 26 DG  D C2     1 
ATOM   582  N N2     . DG  D 1 2 ? -8.614  -2.540  -0.727  1.00 18.62 ? 26 DG  D N2     1 
ATOM   583  N N3     . DG  D 1 2 ? -9.016  -4.357  -2.026  1.00 11.57 ? 26 DG  D N3     1 
ATOM   584  C C4     . DG  D 1 2 ? -8.833  -5.683  -2.086  1.00 6.54  ? 26 DG  D C4     1 
ATOM   585  H H1     . DG  D 1 2 ? -7.613  -4.063  0.923   1.00 0.00  ? 26 DG  D H1     1 
ATOM   586  H H21    . DG  D 1 2 ? -9.049  -1.969  -1.451  1.00 0.00  ? 26 DG  D H21    1 
ATOM   587  H H22    . DG  D 1 2 ? -8.231  -2.093  0.094   1.00 0.00  ? 26 DG  D H22    1 
ATOM   588  P P      . DC  D 1 3 ? -9.972  -5.140  -8.227  1.00 21.73 ? 27 DC  D P      1 
ATOM   589  O OP1    . DC  D 1 3 ? -10.616 -4.367  -9.310  1.00 24.83 ? 27 DC  D OP1    1 
ATOM   590  O OP2    . DC  D 1 3 ? -9.015  -6.206  -8.570  1.00 24.08 ? 27 DC  D OP2    1 
ATOM   591  O "O5'"  . DC  D 1 3 ? -9.235  -4.073  -7.302  1.00 17.16 ? 27 DC  D "O5'"  1 
ATOM   592  C "C5'"  . DC  D 1 3 ? -9.956  -2.852  -7.098  1.00 4.88  ? 27 DC  D "C5'"  1 
ATOM   593  C "C4'"  . DC  D 1 3 ? -9.033  -1.894  -6.453  1.00 9.95  ? 27 DC  D "C4'"  1 
ATOM   594  O "O4'"  . DC  D 1 3 ? -8.527  -2.515  -5.284  1.00 7.09  ? 27 DC  D "O4'"  1 
ATOM   595  C "C3'"  . DC  D 1 3 ? -7.875  -1.545  -7.341  1.00 9.80  ? 27 DC  D "C3'"  1 
ATOM   596  O "O3'"  . DC  D 1 3 ? -8.000  -0.152  -7.595  1.00 13.31 ? 27 DC  D "O3'"  1 
ATOM   597  C "C2'"  . DC  D 1 3 ? -6.657  -1.951  -6.574  1.00 7.53  ? 27 DC  D "C2'"  1 
ATOM   598  C "C1'"  . DC  D 1 3 ? -7.126  -2.276  -5.195  1.00 12.60 ? 27 DC  D "C1'"  1 
ATOM   599  N N1     . DC  D 1 3 ? -6.517  -3.515  -4.694  1.00 9.81  ? 27 DC  D N1     1 
ATOM   600  C C2     . DC  D 1 3 ? -5.981  -3.478  -3.440  1.00 8.14  ? 27 DC  D C2     1 
ATOM   601  O O2     . DC  D 1 3 ? -5.948  -2.444  -2.796  1.00 15.83 ? 27 DC  D O2     1 
ATOM   602  N N3     . DC  D 1 3 ? -5.462  -4.617  -2.923  1.00 15.05 ? 27 DC  D N3     1 
ATOM   603  C C4     . DC  D 1 3 ? -5.471  -5.748  -3.634  1.00 8.31  ? 27 DC  D C4     1 
ATOM   604  N N4     . DC  D 1 3 ? -5.016  -6.857  -3.079  1.00 5.28  ? 27 DC  D N4     1 
ATOM   605  C C5     . DC  D 1 3 ? -5.978  -5.789  -4.964  1.00 8.62  ? 27 DC  D C5     1 
ATOM   606  C C6     . DC  D 1 3 ? -6.500  -4.647  -5.449  1.00 7.08  ? 27 DC  D C6     1 
ATOM   607  H H41    . DC  D 1 3 ? -5.024  -7.721  -3.608  1.00 0.00  ? 27 DC  D H41    1 
ATOM   608  H H42    . DC  D 1 3 ? -4.698  -6.872  -2.119  1.00 0.00  ? 27 DC  D H42    1 
ATOM   609  P P      . DT  D 1 4 ? -6.782  0.585   -8.302  1.00 17.93 ? 28 DT  D P      1 
ATOM   610  O OP1    . DT  D 1 4 ? -7.225  1.902   -8.775  1.00 18.04 ? 28 DT  D OP1    1 
ATOM   611  O OP2    . DT  D 1 4 ? -6.150  -0.378  -9.247  1.00 10.64 ? 28 DT  D OP2    1 
ATOM   612  O "O5'"  . DT  D 1 4 ? -5.873  0.872   -7.018  1.00 22.37 ? 28 DT  D "O5'"  1 
ATOM   613  C "C5'"  . DT  D 1 4 ? -6.229  1.972   -6.164  1.00 17.63 ? 28 DT  D "C5'"  1 
ATOM   614  C "C4'"  . DT  D 1 4 ? -5.066  2.517   -5.335  1.00 18.40 ? 28 DT  D "C4'"  1 
ATOM   615  O "O4'"  . DT  D 1 4 ? -4.642  1.419   -4.512  1.00 22.34 ? 28 DT  D "O4'"  1 
ATOM   616  C "C3'"  . DT  D 1 4 ? -3.831  2.937   -6.177  1.00 19.99 ? 28 DT  D "C3'"  1 
ATOM   617  O "O3'"  . DT  D 1 4 ? -2.938  3.643   -5.363  1.00 22.74 ? 28 DT  D "O3'"  1 
ATOM   618  C "C2'"  . DT  D 1 4 ? -3.114  1.640   -6.321  1.00 18.79 ? 28 DT  D "C2'"  1 
ATOM   619  C "C1'"  . DT  D 1 4 ? -3.355  0.997   -4.962  1.00 8.43  ? 28 DT  D "C1'"  1 
ATOM   620  N N1     . DT  D 1 4 ? -3.147  -0.435  -4.988  1.00 2.00  ? 28 DT  D N1     1 
ATOM   621  C C2     . DT  D 1 4 ? -2.749  -1.020  -3.818  1.00 2.01  ? 28 DT  D C2     1 
ATOM   622  O O2     . DT  D 1 4 ? -2.645  -0.398  -2.775  1.00 6.29  ? 28 DT  D O2     1 
ATOM   623  N N3     . DT  D 1 4 ? -2.469  -2.375  -3.865  1.00 3.64  ? 28 DT  D N3     1 
ATOM   624  C C4     . DT  D 1 4 ? -2.582  -3.204  -4.976  1.00 2.00  ? 28 DT  D C4     1 
ATOM   625  O O4     . DT  D 1 4 ? -2.336  -4.416  -4.877  1.00 2.00  ? 28 DT  D O4     1 
ATOM   626  C C5     . DT  D 1 4 ? -3.009  -2.486  -6.165  1.00 2.00  ? 28 DT  D C5     1 
ATOM   627  C C7     . DT  D 1 4 ? -3.145  -3.198  -7.491  1.00 2.67  ? 28 DT  D C7     1 
ATOM   628  C C6     . DT  D 1 4 ? -3.291  -1.166  -6.130  1.00 2.00  ? 28 DT  D C6     1 
ATOM   629  H H3     . DT  D 1 4 ? -2.110  -2.786  -3.015  1.00 0.00  ? 28 DT  D H3     1 
ATOM   630  P P      . DA  D 1 5 ? -2.818  5.212   -5.376  1.00 25.92 ? 29 DA  D P      1 
ATOM   631  O OP1    . DA  D 1 5 ? -4.106  5.824   -4.998  1.00 25.21 ? 29 DA  D OP1    1 
ATOM   632  O OP2    . DA  D 1 5 ? -2.113  5.628   -6.602  1.00 25.32 ? 29 DA  D OP2    1 
ATOM   633  O "O5'"  . DA  D 1 5 ? -1.852  5.353   -4.124  1.00 24.75 ? 29 DA  D "O5'"  1 
ATOM   634  C "C5'"  . DA  D 1 5 ? -2.468  5.210   -2.844  1.00 17.93 ? 29 DA  D "C5'"  1 
ATOM   635  C "C4'"  . DA  D 1 5 ? -1.562  4.780   -1.726  1.00 12.53 ? 29 DA  D "C4'"  1 
ATOM   636  O "O4'"  . DA  D 1 5 ? -1.094  3.459   -1.903  1.00 15.43 ? 29 DA  D "O4'"  1 
ATOM   637  C "C3'"  . DA  D 1 5 ? -0.393  5.657   -1.678  1.00 15.36 ? 29 DA  D "C3'"  1 
ATOM   638  O "O3'"  . DA  D 1 5 ? -0.198  5.833   -0.297  1.00 16.57 ? 29 DA  D "O3'"  1 
ATOM   639  C "C2'"  . DA  D 1 5 ? 0.639   4.884   -2.479  1.00 14.20 ? 29 DA  D "C2'"  1 
ATOM   640  C "C1'"  . DA  D 1 5 ? 0.300   3.430   -2.173  1.00 11.57 ? 29 DA  D "C1'"  1 
ATOM   641  N N9     . DA  D 1 5 ? 0.358   2.511   -3.309  1.00 4.18  ? 29 DA  D N9     1 
ATOM   642  C C8     . DA  D 1 5 ? 0.151   2.796   -4.621  1.00 9.22  ? 29 DA  D C8     1 
ATOM   643  N N7     . DA  D 1 5 ? 0.217   1.754   -5.411  1.00 12.21 ? 29 DA  D N7     1 
ATOM   644  C C5     . DA  D 1 5 ? 0.493   0.718   -4.542  1.00 8.48  ? 29 DA  D C5     1 
ATOM   645  C C6     . DA  D 1 5 ? 0.668   -0.628  -4.769  1.00 8.76  ? 29 DA  D C6     1 
ATOM   646  N N6     . DA  D 1 5 ? 0.539   -1.115  -5.996  1.00 11.53 ? 29 DA  D N6     1 
ATOM   647  N N1     . DA  D 1 5 ? 0.954   -1.405  -3.714  1.00 9.47  ? 29 DA  D N1     1 
ATOM   648  C C2     . DA  D 1 5 ? 1.041   -0.865  -2.500  1.00 2.00  ? 29 DA  D C2     1 
ATOM   649  N N3     . DA  D 1 5 ? 0.879   0.390   -2.160  1.00 6.03  ? 29 DA  D N3     1 
ATOM   650  C C4     . DA  D 1 5 ? 0.601   1.154   -3.256  1.00 7.09  ? 29 DA  D C4     1 
ATOM   651  H H61    . DA  D 1 5 ? 0.311   -0.463  -6.740  1.00 0.00  ? 29 DA  D H61    1 
ATOM   652  H H62    . DA  D 1 5 ? 0.655   -2.105  -6.180  1.00 0.00  ? 29 DA  D H62    1 
ATOM   653  P P      . DG  D 1 6 ? 0.895   6.905   0.130   1.00 21.64 ? 30 DG  D P      1 
ATOM   654  O OP1    . DG  D 1 6 ? 0.575   7.355   1.506   1.00 24.89 ? 30 DG  D OP1    1 
ATOM   655  O OP2    . DG  D 1 6 ? 1.066   7.878   -0.990  1.00 17.73 ? 30 DG  D OP2    1 
ATOM   656  O "O5'"  . DG  D 1 6 ? 2.164   5.964   0.184   1.00 16.64 ? 30 DG  D "O5'"  1 
ATOM   657  C "C5'"  . DG  D 1 6 ? 2.482   5.057   1.216   1.00 16.93 ? 30 DG  D "C5'"  1 
ATOM   658  C "C4'"  . DG  D 1 6 ? 3.694   4.209   0.850   1.00 13.20 ? 30 DG  D "C4'"  1 
ATOM   659  O "O4'"  . DG  D 1 6 ? 3.396   3.473   -0.340  1.00 15.78 ? 30 DG  D "O4'"  1 
ATOM   660  C "C3'"  . DG  D 1 6 ? 4.835   5.118   0.489   1.00 13.08 ? 30 DG  D "C3'"  1 
ATOM   661  O "O3'"  . DG  D 1 6 ? 6.000   4.540   0.981   1.00 29.52 ? 30 DG  D "O3'"  1 
ATOM   662  C "C2'"  . DG  D 1 6 ? 4.841   5.070   -1.031  1.00 7.40  ? 30 DG  D "C2'"  1 
ATOM   663  C "C1'"  . DG  D 1 6 ? 4.416   3.675   -1.290  1.00 5.70  ? 30 DG  D "C1'"  1 
ATOM   664  N N9     . DG  D 1 6 ? 4.094   3.356   -2.671  1.00 5.86  ? 30 DG  D N9     1 
ATOM   665  C C8     . DG  D 1 6 ? 3.749   4.171   -3.702  1.00 11.10 ? 30 DG  D C8     1 
ATOM   666  N N7     . DG  D 1 6 ? 3.569   3.540   -4.831  1.00 16.18 ? 30 DG  D N7     1 
ATOM   667  C C5     . DG  D 1 6 ? 3.793   2.207   -4.520  1.00 6.84  ? 30 DG  D C5     1 
ATOM   668  C C6     . DG  D 1 6 ? 3.753   1.070   -5.352  1.00 3.15  ? 30 DG  D C6     1 
ATOM   669  O O6     . DG  D 1 6 ? 3.465   0.984   -6.531  1.00 6.69  ? 30 DG  D O6     1 
ATOM   670  N N1     . DG  D 1 6 ? 4.084   -0.063  -4.673  1.00 5.96  ? 30 DG  D N1     1 
ATOM   671  C C2     . DG  D 1 6 ? 4.397   -0.111  -3.339  1.00 8.83  ? 30 DG  D C2     1 
ATOM   672  N N2     . DG  D 1 6 ? 4.688   -1.311  -2.867  1.00 15.81 ? 30 DG  D N2     1 
ATOM   673  N N3     . DG  D 1 6 ? 4.425   0.942   -2.525  1.00 6.16  ? 30 DG  D N3     1 
ATOM   674  C C4     . DG  D 1 6 ? 4.114   2.079   -3.198  1.00 8.93  ? 30 DG  D C4     1 
ATOM   675  H H1     . DG  D 1 6 ? 4.089   -0.926  -5.201  1.00 0.00  ? 30 DG  D H1     1 
ATOM   676  H H21    . DG  D 1 6 ? 4.900   -1.425  -1.877  1.00 0.00  ? 30 DG  D H21    1 
ATOM   677  H H22    . DG  D 1 6 ? 4.750   -2.131  -3.459  1.00 0.00  ? 30 DG  D H22    1 
ATOM   678  P P      . DC  D 1 7 ? 6.922   5.225   2.061   1.00 36.29 ? 31 DC  D P      1 
ATOM   679  O OP1    . DC  D 1 7 ? 6.164   5.326   3.335   1.00 34.47 ? 31 DC  D OP1    1 
ATOM   680  O OP2    . DC  D 1 7 ? 7.556   6.423   1.434   1.00 33.24 ? 31 DC  D OP2    1 
ATOM   681  O "O5'"  . DC  D 1 7 ? 7.940   3.974   2.128   1.00 33.22 ? 31 DC  D "O5'"  1 
ATOM   682  C "C5'"  . DC  D 1 7 ? 7.426   2.755   2.721   1.00 27.75 ? 31 DC  D "C5'"  1 
ATOM   683  C "C4'"  . DC  D 1 7 ? 7.900   1.452   2.085   1.00 22.47 ? 31 DC  D "C4'"  1 
ATOM   684  O "O4'"  . DC  D 1 7 ? 7.409   1.248   0.749   1.00 19.12 ? 31 DC  D "O4'"  1 
ATOM   685  C "C3'"  . DC  D 1 7 ? 9.398   1.603   2.011   1.00 29.16 ? 31 DC  D "C3'"  1 
ATOM   686  O "O3'"  . DC  D 1 7 ? 10.148  0.482   2.535   1.00 33.71 ? 31 DC  D "O3'"  1 
ATOM   687  C "C2'"  . DC  D 1 7 ? 9.605   1.893   0.548   1.00 25.77 ? 31 DC  D "C2'"  1 
ATOM   688  C "C1'"  . DC  D 1 7 ? 8.528   1.091   -0.143  1.00 16.29 ? 31 DC  D "C1'"  1 
ATOM   689  N N1     . DC  D 1 7 ? 8.229   1.614   -1.496  1.00 7.18  ? 31 DC  D N1     1 
ATOM   690  C C2     . DC  D 1 7 ? 8.068   0.723   -2.524  1.00 5.71  ? 31 DC  D C2     1 
ATOM   691  O O2     . DC  D 1 7 ? 8.222   -0.471  -2.351  1.00 13.98 ? 31 DC  D O2     1 
ATOM   692  N N3     . DC  D 1 7 ? 7.723   1.169   -3.761  1.00 2.00  ? 31 DC  D N3     1 
ATOM   693  C C4     . DC  D 1 7 ? 7.530   2.457   -3.979  1.00 2.55  ? 31 DC  D C4     1 
ATOM   694  N N4     . DC  D 1 7 ? 7.120   2.859   -5.181  1.00 10.77 ? 31 DC  D N4     1 
ATOM   695  C C5     . DC  D 1 7 ? 7.741   3.426   -2.930  1.00 4.26  ? 31 DC  D C5     1 
ATOM   696  C C6     . DC  D 1 7 ? 8.090   2.963   -1.714  1.00 4.38  ? 31 DC  D C6     1 
ATOM   697  H H41    . DC  D 1 7 ? 7.005   3.849   -5.368  1.00 0.00  ? 31 DC  D H41    1 
ATOM   698  H H42    . DC  D 1 7 ? 6.889   2.184   -5.904  1.00 0.00  ? 31 DC  D H42    1 
ATOM   699  P P      . DG  D 1 8 ? 11.731  0.597   2.921   1.00 34.65 ? 32 DG  D P      1 
ATOM   700  O OP1    . DG  D 1 8 ? 11.867  0.033   4.290   1.00 35.76 ? 32 DG  D OP1    1 
ATOM   701  O OP2    . DG  D 1 8 ? 12.324  1.924   2.614   1.00 31.72 ? 32 DG  D OP2    1 
ATOM   702  O "O5'"  . DG  D 1 8 ? 12.283  -0.394  1.766   1.00 33.17 ? 32 DG  D "O5'"  1 
ATOM   703  C "C5'"  . DG  D 1 8 ? 12.177  -1.821  1.716   1.00 25.30 ? 32 DG  D "C5'"  1 
ATOM   704  C "C4'"  . DG  D 1 8 ? 12.819  -2.289  0.432   1.00 20.28 ? 32 DG  D "C4'"  1 
ATOM   705  O "O4'"  . DG  D 1 8 ? 11.902  -1.958  -0.588  1.00 20.07 ? 32 DG  D "O4'"  1 
ATOM   706  C "C3'"  . DG  D 1 8 ? 14.116  -1.576  0.100   1.00 17.48 ? 32 DG  D "C3'"  1 
ATOM   707  O "O3'"  . DG  D 1 8 ? 15.270  -2.260  0.595   1.00 27.57 ? 32 DG  D "O3'"  1 
ATOM   708  C "C2'"  . DG  D 1 8 ? 14.086  -1.671  -1.383  1.00 22.49 ? 32 DG  D "C2'"  1 
ATOM   709  C "C1'"  . DG  D 1 8 ? 12.618  -1.631  -1.764  1.00 14.86 ? 32 DG  D "C1'"  1 
ATOM   710  N N9     . DG  D 1 8 ? 12.208  -0.333  -2.347  1.00 10.39 ? 32 DG  D N9     1 
ATOM   711  C C8     . DG  D 1 8 ? 12.120  0.920   -1.770  1.00 15.50 ? 32 DG  D C8     1 
ATOM   712  N N7     . DG  D 1 8 ? 11.718  1.871   -2.596  1.00 16.85 ? 32 DG  D N7     1 
ATOM   713  C C5     . DG  D 1 8 ? 11.545  1.184   -3.796  1.00 10.87 ? 32 DG  D C5     1 
ATOM   714  C C6     . DG  D 1 8 ? 11.126  1.670   -5.031  1.00 2.00  ? 32 DG  D C6     1 
ATOM   715  O O6     . DG  D 1 8 ? 10.793  2.821   -5.277  1.00 17.85 ? 32 DG  D O6     1 
ATOM   716  N N1     . DG  D 1 8 ? 11.092  0.671   -6.000  1.00 2.75  ? 32 DG  D N1     1 
ATOM   717  C C2     . DG  D 1 8 ? 11.394  -0.658  -5.760  1.00 9.09  ? 32 DG  D C2     1 
ATOM   718  N N2     . DG  D 1 8 ? 11.295  -1.516  -6.762  1.00 12.83 ? 32 DG  D N2     1 
ATOM   719  N N3     . DG  D 1 8 ? 11.777  -1.127  -4.583  1.00 2.00  ? 32 DG  D N3     1 
ATOM   720  C C4     . DG  D 1 8 ? 11.831  -0.156  -3.650  1.00 4.87  ? 32 DG  D C4     1 
ATOM   721  H "HO3'" . DG  D 1 8 ? 16.058  -1.902  0.168   1.00 0.00  ? 32 DG  D "HO3'" 1 
ATOM   722  H H1     . DG  D 1 8 ? 10.818  0.899   -6.947  1.00 0.00  ? 32 DG  D H1     1 
ATOM   723  H H21    . DG  D 1 8 ? 10.723  -1.321  -7.578  1.00 0.00  ? 32 DG  D H21    1 
ATOM   724  H H22    . DG  D 1 8 ? 11.900  -2.322  -6.793  1.00 0.00  ? 32 DG  D H22    1 
ATOM   725  O "O5'"  . DC  E 1 1 ? -14.343 -5.968  -9.555  1.00 42.92 ? 33 DC  E "O5'"  1 
ATOM   726  C "C5'"  . DC  E 1 1 ? -15.666 -6.219  -8.946  1.00 43.87 ? 33 DC  E "C5'"  1 
ATOM   727  C "C4'"  . DC  E 1 1 ? -15.567 -6.760  -7.486  1.00 38.32 ? 33 DC  E "C4'"  1 
ATOM   728  O "O4'"  . DC  E 1 1 ? -14.623 -5.833  -6.929  1.00 37.42 ? 33 DC  E "O4'"  1 
ATOM   729  C "C3'"  . DC  E 1 1 ? -16.787 -6.706  -6.552  1.00 34.70 ? 33 DC  E "C3'"  1 
ATOM   730  O "O3'"  . DC  E 1 1 ? -16.498 -7.603  -5.466  1.00 34.09 ? 33 DC  E "O3'"  1 
ATOM   731  C "C2'"  . DC  E 1 1 ? -16.708 -5.266  -6.085  1.00 32.66 ? 33 DC  E "C2'"  1 
ATOM   732  C "C1'"  . DC  E 1 1 ? -15.219 -5.004  -5.933  1.00 30.32 ? 33 DC  E "C1'"  1 
ATOM   733  N N1     . DC  E 1 1 ? -14.755 -3.669  -6.292  1.00 25.07 ? 33 DC  E N1     1 
ATOM   734  C C2     . DC  E 1 1 ? -13.712 -3.101  -5.585  1.00 24.54 ? 33 DC  E C2     1 
ATOM   735  O O2     . DC  E 1 1 ? -13.168 -3.642  -4.641  1.00 20.12 ? 33 DC  E O2     1 
ATOM   736  N N3     . DC  E 1 1 ? -13.274 -1.876  -5.956  1.00 23.76 ? 33 DC  E N3     1 
ATOM   737  C C4     . DC  E 1 1 ? -13.853 -1.218  -6.974  1.00 25.34 ? 33 DC  E C4     1 
ATOM   738  N N4     . DC  E 1 1 ? -13.409 -0.012  -7.292  1.00 24.80 ? 33 DC  E N4     1 
ATOM   739  C C5     . DC  E 1 1 ? -14.937 -1.777  -7.715  1.00 24.29 ? 33 DC  E C5     1 
ATOM   740  C C6     . DC  E 1 1 ? -15.348 -3.003  -7.336  1.00 29.65 ? 33 DC  E C6     1 
ATOM   741  H H41    . DC  E 1 1 ? -13.870 0.497   -8.033  1.00 0.00  ? 33 DC  E H41    1 
ATOM   742  H H42    . DC  E 1 1 ? -12.640 0.435   -6.807  1.00 0.00  ? 33 DC  E H42    1 
ATOM   743  H "HO5'" . DC  E 1 1 ? -13.800 -5.560  -8.872  1.00 0.00  ? 33 DC  E "HO5'" 1 
ATOM   744  P P      . DG  E 1 2 ? -17.551 -8.007  -4.305  1.00 38.64 ? 34 DG  E P      1 
ATOM   745  O OP1    . DG  E 1 2 ? -17.533 -9.485  -4.130  1.00 37.60 ? 34 DG  E OP1    1 
ATOM   746  O OP2    . DG  E 1 2 ? -18.826 -7.324  -4.598  1.00 34.72 ? 34 DG  E OP2    1 
ATOM   747  O "O5'"  . DG  E 1 2 ? -16.959 -7.337  -2.975  1.00 35.13 ? 34 DG  E "O5'"  1 
ATOM   748  C "C5'"  . DG  E 1 2 ? -15.812 -7.907  -2.346  1.00 28.48 ? 34 DG  E "C5'"  1 
ATOM   749  C "C4'"  . DG  E 1 2 ? -15.174 -6.891  -1.453  1.00 19.82 ? 34 DG  E "C4'"  1 
ATOM   750  O "O4'"  . DG  E 1 2 ? -14.838 -5.784  -2.251  1.00 19.70 ? 34 DG  E "O4'"  1 
ATOM   751  C "C3'"  . DG  E 1 2 ? -16.160 -6.371  -0.441  1.00 18.35 ? 34 DG  E "C3'"  1 
ATOM   752  O "O3'"  . DG  E 1 2 ? -15.876 -7.120  0.707   1.00 13.56 ? 34 DG  E "O3'"  1 
ATOM   753  C "C2'"  . DG  E 1 2 ? -15.697 -4.973  -0.270  1.00 16.28 ? 34 DG  E "C2'"  1 
ATOM   754  C "C1'"  . DG  E 1 2 ? -14.795 -4.628  -1.409  1.00 20.36 ? 34 DG  E "C1'"  1 
ATOM   755  N N9     . DG  E 1 2 ? -15.332 -3.487  -2.141  1.00 25.01 ? 34 DG  E N9     1 
ATOM   756  C C8     . DG  E 1 2 ? -16.374 -3.452  -3.024  1.00 30.50 ? 34 DG  E C8     1 
ATOM   757  N N7     . DG  E 1 2 ? -16.561 -2.290  -3.568  1.00 29.13 ? 34 DG  E N7     1 
ATOM   758  C C5     . DG  E 1 2 ? -15.578 -1.503  -2.989  1.00 24.18 ? 34 DG  E C5     1 
ATOM   759  C C6     . DG  E 1 2 ? -15.277 -0.141  -3.208  1.00 23.96 ? 34 DG  E C6     1 
ATOM   760  O O6     . DG  E 1 2 ? -15.790 0.665   -3.990  1.00 22.68 ? 34 DG  E O6     1 
ATOM   761  N N1     . DG  E 1 2 ? -14.227 0.247   -2.397  1.00 28.17 ? 34 DG  E N1     1 
ATOM   762  C C2     . DG  E 1 2 ? -13.553 -0.567  -1.503  1.00 29.05 ? 34 DG  E C2     1 
ATOM   763  N N2     . DG  E 1 2 ? -12.559 -0.047  -0.795  1.00 30.86 ? 34 DG  E N2     1 
ATOM   764  N N3     . DG  E 1 2 ? -13.835 -1.842  -1.313  1.00 24.84 ? 34 DG  E N3     1 
ATOM   765  C C4     . DG  E 1 2 ? -14.847 -2.233  -2.094  1.00 24.87 ? 34 DG  E C4     1 
ATOM   766  H H1     . DG  E 1 2 ? -13.911 1.200   -2.549  1.00 0.00  ? 34 DG  E H1     1 
ATOM   767  H H21    . DG  E 1 2 ? -11.937 -0.659  -0.288  1.00 0.00  ? 34 DG  E H21    1 
ATOM   768  H H22    . DG  E 1 2 ? -12.498 0.953   -0.634  1.00 0.00  ? 34 DG  E H22    1 
ATOM   769  P P      . DC  E 1 3 ? -16.345 -6.773  2.126   1.00 15.75 ? 35 DC  E P      1 
ATOM   770  O OP1    . DC  E 1 3 ? -15.883 -7.895  2.952   1.00 17.54 ? 35 DC  E OP1    1 
ATOM   771  O OP2    . DC  E 1 3 ? -17.795 -6.495  2.032   1.00 17.54 ? 35 DC  E OP2    1 
ATOM   772  O "O5'"  . DC  E 1 3 ? -15.749 -5.500  2.725   1.00 9.89  ? 35 DC  E "O5'"  1 
ATOM   773  C "C5'"  . DC  E 1 3 ? -14.450 -5.266  3.166   1.00 10.64 ? 35 DC  E "C5'"  1 
ATOM   774  C "C4'"  . DC  E 1 3 ? -14.332 -3.737  3.176   1.00 13.06 ? 35 DC  E "C4'"  1 
ATOM   775  O "O4'"  . DC  E 1 3 ? -14.626 -3.068  1.951   1.00 16.14 ? 35 DC  E "O4'"  1 
ATOM   776  C "C3'"  . DC  E 1 3 ? -15.333 -3.224  4.143   1.00 9.03  ? 35 DC  E "C3'"  1 
ATOM   777  O "O3'"  . DC  E 1 3 ? -14.568 -3.293  5.310   1.00 4.89  ? 35 DC  E "O3'"  1 
ATOM   778  C "C2'"  . DC  E 1 3 ? -15.636 -1.841  3.630   1.00 13.35 ? 35 DC  E "C2'"  1 
ATOM   779  C "C1'"  . DC  E 1 3 ? -15.096 -1.745  2.248   1.00 17.48 ? 35 DC  E "C1'"  1 
ATOM   780  N N1     . DC  E 1 3 ? -16.136 -1.328  1.276   1.00 20.94 ? 35 DC  E N1     1 
ATOM   781  C C2     . DC  E 1 3 ? -16.121 -0.021  0.811   1.00 18.36 ? 35 DC  E C2     1 
ATOM   782  O O2     . DC  E 1 3 ? -15.298 0.805   1.210   1.00 11.53 ? 35 DC  E O2     1 
ATOM   783  N N3     . DC  E 1 3 ? -17.059 0.335   -0.110  1.00 17.27 ? 35 DC  E N3     1 
ATOM   784  C C4     . DC  E 1 3 ? -17.939 -0.557  -0.581  1.00 23.42 ? 35 DC  E C4     1 
ATOM   785  N N4     . DC  E 1 3 ? -18.775 -0.183  -1.548  1.00 29.71 ? 35 DC  E N4     1 
ATOM   786  C C5     . DC  E 1 3 ? -17.988 -1.898  -0.091  1.00 21.08 ? 35 DC  E C5     1 
ATOM   787  C C6     . DC  E 1 3 ? -17.071 -2.231  0.838   1.00 22.35 ? 35 DC  E C6     1 
ATOM   788  H H41    . DC  E 1 3 ? -19.462 -0.852  -1.874  1.00 0.00  ? 35 DC  E H41    1 
ATOM   789  H H42    . DC  E 1 3 ? -18.680 0.703   -2.033  1.00 0.00  ? 35 DC  E H42    1 
ATOM   790  P P      . DT  E 1 4 ? -14.971 -2.719  6.701   1.00 13.59 ? 36 DT  E P      1 
ATOM   791  O OP1    . DT  E 1 4 ? -13.874 -3.052  7.649   1.00 15.02 ? 36 DT  E OP1    1 
ATOM   792  O OP2    . DT  E 1 4 ? -16.387 -3.084  6.971   1.00 11.20 ? 36 DT  E OP2    1 
ATOM   793  O "O5'"  . DT  E 1 4 ? -14.940 -1.157  6.444   1.00 20.76 ? 36 DT  E "O5'"  1 
ATOM   794  C "C5'"  . DT  E 1 4 ? -13.797 -0.309  6.553   1.00 14.59 ? 36 DT  E "C5'"  1 
ATOM   795  C "C4'"  . DT  E 1 4 ? -14.227 1.157   6.616   1.00 12.58 ? 36 DT  E "C4'"  1 
ATOM   796  O "O4'"  . DT  E 1 4 ? -14.927 1.555   5.457   1.00 6.22  ? 36 DT  E "O4'"  1 
ATOM   797  C "C3'"  . DT  E 1 4 ? -15.121 1.571   7.764   1.00 18.02 ? 36 DT  E "C3'"  1 
ATOM   798  O "O3'"  . DT  E 1 4 ? -14.749 2.934   7.792   1.00 25.39 ? 36 DT  E "O3'"  1 
ATOM   799  C "C2'"  . DT  E 1 4 ? -16.507 1.422   7.205   1.00 20.37 ? 36 DT  E "C2'"  1 
ATOM   800  C "C1'"  . DT  E 1 4 ? -16.252 1.966   5.814   1.00 17.85 ? 36 DT  E "C1'"  1 
ATOM   801  N N1     . DT  E 1 4 ? -17.227 1.522   4.814   1.00 20.33 ? 36 DT  E N1     1 
ATOM   802  C C2     . DT  E 1 4 ? -17.441 2.395   3.756   1.00 19.45 ? 36 DT  E C2     1 
ATOM   803  O O2     . DT  E 1 4 ? -16.840 3.458   3.649   1.00 20.92 ? 36 DT  E O2     1 
ATOM   804  N N3     . DT  E 1 4 ? -18.371 2.003   2.812   1.00 15.62 ? 36 DT  E N3     1 
ATOM   805  C C4     . DT  E 1 4 ? -19.070 0.820   2.831   1.00 14.18 ? 36 DT  E C4     1 
ATOM   806  O O4     . DT  E 1 4 ? -19.874 0.604   1.923   1.00 20.86 ? 36 DT  E O4     1 
ATOM   807  C C5     . DT  E 1 4 ? -18.754 -0.048  3.977   1.00 14.59 ? 36 DT  E C5     1 
ATOM   808  C C7     . DT  E 1 4 ? -19.393 -1.407  4.139   1.00 15.69 ? 36 DT  E C7     1 
ATOM   809  C C6     . DT  E 1 4 ? -17.884 0.321   4.919   1.00 8.22  ? 36 DT  E C6     1 
ATOM   810  H H3     . DT  E 1 4 ? -18.589 2.670   2.083   1.00 0.00  ? 36 DT  E H3     1 
ATOM   811  P P      . DA  E 1 5 ? -13.804 3.494   8.949   1.00 23.77 ? 37 DA  E P      1 
ATOM   812  O OP1    . DA  E 1 5 ? -12.462 2.915   8.795   1.00 22.92 ? 37 DA  E OP1    1 
ATOM   813  O OP2    . DA  E 1 5 ? -14.602 3.328   10.204  1.00 22.41 ? 37 DA  E OP2    1 
ATOM   814  O "O5'"  . DA  E 1 5 ? -13.699 5.031   8.577   1.00 23.29 ? 37 DA  E "O5'"  1 
ATOM   815  C "C5'"  . DA  E 1 5 ? -13.317 5.459   7.274   1.00 18.70 ? 37 DA  E "C5'"  1 
ATOM   816  C "C4'"  . DA  E 1 5 ? -13.976 6.779   6.883   1.00 17.14 ? 37 DA  E "C4'"  1 
ATOM   817  O "O4'"  . DA  E 1 5 ? -15.263 6.628   6.268   1.00 7.85  ? 37 DA  E "O4'"  1 
ATOM   818  C "C3'"  . DA  E 1 5 ? -14.211 7.714   8.069   1.00 20.94 ? 37 DA  E "C3'"  1 
ATOM   819  O "O3'"  . DA  E 1 5 ? -14.074 9.056   7.514   1.00 22.04 ? 37 DA  E "O3'"  1 
ATOM   820  C "C2'"  . DA  E 1 5 ? -15.637 7.366   8.490   1.00 10.66 ? 37 DA  E "C2'"  1 
ATOM   821  C "C1'"  . DA  E 1 5 ? -16.305 7.096   7.145   1.00 9.69  ? 37 DA  E "C1'"  1 
ATOM   822  N N9     . DA  E 1 5 ? -17.312 6.043   7.142   1.00 11.82 ? 37 DA  E N9     1 
ATOM   823  C C8     . DA  E 1 5 ? -17.542 5.070   8.073   1.00 23.47 ? 37 DA  E C8     1 
ATOM   824  N N7     . DA  E 1 5 ? -18.483 4.220   7.747   1.00 23.42 ? 37 DA  E N7     1 
ATOM   825  C C5     . DA  E 1 5 ? -18.910 4.679   6.518   1.00 18.04 ? 37 DA  E C5     1 
ATOM   826  C C6     . DA  E 1 5 ? -19.878 4.215   5.655   1.00 10.54 ? 37 DA  E C6     1 
ATOM   827  N N6     . DA  E 1 5 ? -20.564 3.151   5.944   1.00 8.32  ? 37 DA  E N6     1 
ATOM   828  N N1     . DA  E 1 5 ? -20.096 4.878   4.525   1.00 12.71 ? 37 DA  E N1     1 
ATOM   829  C C2     . DA  E 1 5 ? -19.368 5.959   4.275   1.00 11.03 ? 37 DA  E C2     1 
ATOM   830  N N3     . DA  E 1 5 ? -18.416 6.502   5.010   1.00 17.81 ? 37 DA  E N3     1 
ATOM   831  C C4     . DA  E 1 5 ? -18.225 5.798   6.146   1.00 15.66 ? 37 DA  E C4     1 
ATOM   832  H H61    . DA  E 1 5 ? -20.394 2.688   6.830   1.00 0.00  ? 37 DA  E H61    1 
ATOM   833  H H62    . DA  E 1 5 ? -21.229 2.752   5.295   1.00 0.00  ? 37 DA  E H62    1 
ATOM   834  P P      . DG  E 1 6 ? -14.271 10.365  8.470   1.00 27.76 ? 38 DG  E P      1 
ATOM   835  O OP1    . DG  E 1 6 ? -13.318 11.415  8.036   1.00 25.25 ? 38 DG  E OP1    1 
ATOM   836  O OP2    . DG  E 1 6 ? -14.413 9.953   9.913   1.00 22.97 ? 38 DG  E OP2    1 
ATOM   837  O "O5'"  . DG  E 1 6 ? -15.682 10.883  8.014   1.00 26.32 ? 38 DG  E "O5'"  1 
ATOM   838  C "C5'"  . DG  E 1 6 ? -15.966 11.315  6.678   1.00 24.08 ? 38 DG  E "C5'"  1 
ATOM   839  C "C4'"  . DG  E 1 6 ? -17.463 11.371  6.546   1.00 15.06 ? 38 DG  E "C4'"  1 
ATOM   840  O "O4'"  . DG  E 1 6 ? -18.136 10.117  6.740   1.00 15.70 ? 38 DG  E "O4'"  1 
ATOM   841  C "C3'"  . DG  E 1 6 ? -17.962 12.237  7.700   1.00 22.69 ? 38 DG  E "C3'"  1 
ATOM   842  O "O3'"  . DG  E 1 6 ? -18.915 13.125  7.153   1.00 25.51 ? 38 DG  E "O3'"  1 
ATOM   843  C "C2'"  . DG  E 1 6 ? -18.662 11.260  8.661   1.00 10.73 ? 38 DG  E "C2'"  1 
ATOM   844  C "C1'"  . DG  E 1 6 ? -19.206 10.323  7.669   1.00 8.49  ? 38 DG  E "C1'"  1 
ATOM   845  N N9     . DG  E 1 6 ? -19.641 9.060   8.206   1.00 13.87 ? 38 DG  E N9     1 
ATOM   846  C C8     . DG  E 1 6 ? -19.297 8.392   9.349   1.00 13.85 ? 38 DG  E C8     1 
ATOM   847  N N7     . DG  E 1 6 ? -19.893 7.242   9.472   1.00 14.90 ? 38 DG  E N7     1 
ATOM   848  C C5     . DG  E 1 6 ? -20.685 7.155   8.341   1.00 14.15 ? 38 DG  E C5     1 
ATOM   849  C C6     . DG  E 1 6 ? -21.541 6.137   7.912   1.00 15.77 ? 38 DG  E C6     1 
ATOM   850  O O6     . DG  E 1 6 ? -21.748 5.051   8.419   1.00 30.68 ? 38 DG  E O6     1 
ATOM   851  N N1     . DG  E 1 6 ? -22.193 6.442   6.742   1.00 19.18 ? 38 DG  E N1     1 
ATOM   852  C C2     . DG  E 1 6 ? -22.001 7.588   6.028   1.00 24.36 ? 38 DG  E C2     1 
ATOM   853  N N2     . DG  E 1 6 ? -22.734 7.713   4.911   1.00 29.88 ? 38 DG  E N2     1 
ATOM   854  N N3     . DG  E 1 6 ? -21.141 8.551   6.404   1.00 17.83 ? 38 DG  E N3     1 
ATOM   855  C C4     . DG  E 1 6 ? -20.539 8.268   7.570   1.00 15.69 ? 38 DG  E C4     1 
ATOM   856  H H1     . DG  E 1 6 ? -22.924 5.802   6.460   1.00 0.00  ? 38 DG  E H1     1 
ATOM   857  H H21    . DG  E 1 6 ? -22.593 8.501   4.286   1.00 0.00  ? 38 DG  E H21    1 
ATOM   858  H H22    . DG  E 1 6 ? -23.484 7.068   4.696   1.00 0.00  ? 38 DG  E H22    1 
ATOM   859  P P      . DC  E 1 7 ? -19.312 14.488  7.910   1.00 26.37 ? 39 DC  E P      1 
ATOM   860  O OP1    . DC  E 1 7 ? -18.217 15.495  7.702   1.00 21.37 ? 39 DC  E OP1    1 
ATOM   861  O OP2    . DC  E 1 7 ? -19.848 14.148  9.264   1.00 17.52 ? 39 DC  E OP2    1 
ATOM   862  O "O5'"  . DC  E 1 7 ? -20.565 14.792  6.965   1.00 24.18 ? 39 DC  E "O5'"  1 
ATOM   863  C "C5'"  . DC  E 1 7 ? -20.622 14.528  5.548   1.00 23.99 ? 39 DC  E "C5'"  1 
ATOM   864  C "C4'"  . DC  E 1 7 ? -22.009 14.026  5.144   1.00 18.85 ? 39 DC  E "C4'"  1 
ATOM   865  O "O4'"  . DC  E 1 7 ? -22.278 12.748  5.728   1.00 19.74 ? 39 DC  E "O4'"  1 
ATOM   866  C "C3'"  . DC  E 1 7 ? -23.074 14.963  5.724   1.00 22.56 ? 39 DC  E "C3'"  1 
ATOM   867  O "O3'"  . DC  E 1 7 ? -24.143 15.150  4.812   1.00 28.70 ? 39 DC  E "O3'"  1 
ATOM   868  C "C2'"  . DC  E 1 7 ? -23.600 14.224  6.931   1.00 8.14  ? 39 DC  E "C2'"  1 
ATOM   869  C "C1'"  . DC  E 1 7 ? -23.503 12.797  6.485   1.00 14.12 ? 39 DC  E "C1'"  1 
ATOM   870  N N1     . DC  E 1 7 ? -23.394 11.828  7.586   1.00 18.42 ? 39 DC  E N1     1 
ATOM   871  C C2     . DC  E 1 7 ? -24.056 10.635  7.441   1.00 13.73 ? 39 DC  E C2     1 
ATOM   872  O O2     . DC  E 1 7 ? -24.729 10.410  6.458   1.00 11.26 ? 39 DC  E O2     1 
ATOM   873  N N3     . DC  E 1 7 ? -23.952 9.698   8.412   1.00 15.51 ? 39 DC  E N3     1 
ATOM   874  C C4     . DC  E 1 7 ? -23.219 9.942   9.500   1.00 16.14 ? 39 DC  E C4     1 
ATOM   875  N N4     . DC  E 1 7 ? -23.128 9.009   10.419  1.00 20.64 ? 39 DC  E N4     1 
ATOM   876  C C5     . DC  E 1 7 ? -22.539 11.169  9.691   1.00 16.69 ? 39 DC  E C5     1 
ATOM   877  C C6     . DC  E 1 7 ? -22.657 12.085  8.701   1.00 19.61 ? 39 DC  E C6     1 
ATOM   878  H H41    . DC  E 1 7 ? -22.588 9.169   11.256  1.00 0.00  ? 39 DC  E H41    1 
ATOM   879  H H42    . DC  E 1 7 ? -23.552 8.095   10.264  1.00 0.00  ? 39 DC  E H42    1 
ATOM   880  P P      . DG  E 1 8 ? -24.981 16.527  4.752   1.00 30.39 ? 40 DG  E P      1 
ATOM   881  O OP1    . DG  E 1 8 ? -24.668 17.175  3.452   1.00 31.16 ? 40 DG  E OP1    1 
ATOM   882  O OP2    . DG  E 1 8 ? -24.892 17.295  6.021   1.00 26.04 ? 40 DG  E OP2    1 
ATOM   883  O "O5'"  . DG  E 1 8 ? -26.444 15.846  4.752   1.00 27.95 ? 40 DG  E "O5'"  1 
ATOM   884  C "C5'"  . DG  E 1 8 ? -27.001 14.915  3.813   1.00 24.93 ? 40 DG  E "C5'"  1 
ATOM   885  C "C4'"  . DG  E 1 8 ? -28.248 14.239  4.385   1.00 21.53 ? 40 DG  E "C4'"  1 
ATOM   886  O "O4'"  . DG  E 1 8 ? -27.928 13.246  5.360   1.00 20.46 ? 40 DG  E "O4'"  1 
ATOM   887  C "C3'"  . DG  E 1 8 ? -29.100 15.247  5.157   1.00 22.66 ? 40 DG  E "C3'"  1 
ATOM   888  O "O3'"  . DG  E 1 8 ? -30.458 14.875  5.210   1.00 21.93 ? 40 DG  E "O3'"  1 
ATOM   889  C "C2'"  . DG  E 1 8 ? -28.694 15.055  6.587   1.00 16.10 ? 40 DG  E "C2'"  1 
ATOM   890  C "C1'"  . DG  E 1 8 ? -28.492 13.581  6.626   1.00 19.85 ? 40 DG  E "C1'"  1 
ATOM   891  N N9     . DG  E 1 8 ? -27.645 13.183  7.751   1.00 22.63 ? 40 DG  E N9     1 
ATOM   892  C C8     . DG  E 1 8 ? -26.696 13.900  8.409   1.00 22.49 ? 40 DG  E C8     1 
ATOM   893  N N7     . DG  E 1 8 ? -26.150 13.289  9.409   1.00 17.25 ? 40 DG  E N7     1 
ATOM   894  C C5     . DG  E 1 8 ? -26.787 12.061  9.421   1.00 19.19 ? 40 DG  E C5     1 
ATOM   895  C C6     . DG  E 1 8 ? -26.614 10.985  10.322  1.00 13.50 ? 40 DG  E C6     1 
ATOM   896  O O6     . DG  E 1 8 ? -25.882 10.927  11.304  1.00 9.13  ? 40 DG  E O6     1 
ATOM   897  N N1     . DG  E 1 8 ? -27.422 9.930   9.973   1.00 17.64 ? 40 DG  E N1     1 
ATOM   898  C C2     . DG  E 1 8 ? -28.319 9.911   8.920   1.00 21.18 ? 40 DG  E C2     1 
ATOM   899  N N2     . DG  E 1 8 ? -29.070 8.809   8.752   1.00 23.68 ? 40 DG  E N2     1 
ATOM   900  N N3     . DG  E 1 8 ? -28.491 10.930  8.078   1.00 13.38 ? 40 DG  E N3     1 
ATOM   901  C C4     . DG  E 1 8 ? -27.690 11.969  8.399   1.00 20.06 ? 40 DG  E C4     1 
ATOM   902  H "HO3'" . DG  E 1 8 ? -30.481 13.918  5.317   1.00 0.00  ? 40 DG  E "HO3'" 1 
ATOM   903  H H1     . DG  E 1 8 ? -27.397 9.128   10.594  1.00 0.00  ? 40 DG  E H1     1 
ATOM   904  H H21    . DG  E 1 8 ? -28.786 7.911   9.125   1.00 0.00  ? 40 DG  E H21    1 
ATOM   905  H H22    . DG  E 1 8 ? -30.017 8.919   8.409   1.00 0.00  ? 40 DG  E H22    1 
ATOM   906  O "O5'"  . DC  F 1 1 ? -29.103 3.915   16.177  1.00 40.28 ? 41 DC  F "O5'"  1 
ATOM   907  C "C5'"  . DC  F 1 1 ? -30.312 3.368   15.633  1.00 39.29 ? 41 DC  F "C5'"  1 
ATOM   908  C "C4'"  . DC  F 1 1 ? -30.415 3.545   14.103  1.00 34.43 ? 41 DC  F "C4'"  1 
ATOM   909  O "O4'"  . DC  F 1 1 ? -29.803 4.778   13.777  1.00 30.27 ? 41 DC  F "O4'"  1 
ATOM   910  C "C3'"  . DC  F 1 1 ? -29.783 2.489   13.211  1.00 34.16 ? 41 DC  F "C3'"  1 
ATOM   911  O "O3'"  . DC  F 1 1 ? -30.915 2.045   12.470  1.00 35.57 ? 41 DC  F "O3'"  1 
ATOM   912  C "C2'"  . DC  F 1 1 ? -28.727 3.240   12.409  1.00 27.38 ? 41 DC  F "C2'"  1 
ATOM   913  C "C1'"  . DC  F 1 1 ? -29.163 4.658   12.491  1.00 30.38 ? 41 DC  F "C1'"  1 
ATOM   914  N N1     . DC  F 1 1 ? -28.102 5.688   12.469  1.00 29.34 ? 41 DC  F N1     1 
ATOM   915  C C2     . DC  F 1 1 ? -28.127 6.683   11.496  1.00 31.87 ? 41 DC  F C2     1 
ATOM   916  O O2     . DC  F 1 1 ? -28.935 6.709   10.569  1.00 39.57 ? 41 DC  F O2     1 
ATOM   917  N N3     . DC  F 1 1 ? -27.215 7.673   11.567  1.00 29.12 ? 41 DC  F N3     1 
ATOM   918  C C4     . DC  F 1 1 ? -26.307 7.684   12.531  1.00 29.07 ? 41 DC  F C4     1 
ATOM   919  N N4     . DC  F 1 1 ? -25.440 8.698   12.608  1.00 33.56 ? 41 DC  F N4     1 
ATOM   920  C C5     . DC  F 1 1 ? -26.234 6.650   13.491  1.00 22.37 ? 41 DC  F C5     1 
ATOM   921  C C6     . DC  F 1 1 ? -27.152 5.673   13.416  1.00 26.36 ? 41 DC  F C6     1 
ATOM   922  H H41    . DC  F 1 1 ? -24.679 8.643   13.274  1.00 0.00  ? 41 DC  F H41    1 
ATOM   923  H H42    . DC  F 1 1 ? -25.555 9.556   12.073  1.00 0.00  ? 41 DC  F H42    1 
ATOM   924  H "HO5'" . DC  F 1 1 ? -29.093 4.831   15.890  1.00 0.00  ? 41 DC  F "HO5'" 1 
ATOM   925  P P      . DG  F 1 2 ? -30.929 1.011   11.250  1.00 37.35 ? 42 DG  F P      1 
ATOM   926  O OP1    . DG  F 1 2 ? -32.311 0.457   11.158  1.00 39.17 ? 42 DG  F OP1    1 
ATOM   927  O OP2    . DG  F 1 2 ? -29.773 0.093   11.367  1.00 39.57 ? 42 DG  F OP2    1 
ATOM   928  O "O5'"  . DG  F 1 2 ? -30.624 1.949   10.032  1.00 30.81 ? 42 DG  F "O5'"  1 
ATOM   929  C "C5'"  . DG  F 1 2 ? -31.671 2.598   9.364   1.00 28.40 ? 42 DG  F "C5'"  1 
ATOM   930  C "C4'"  . DG  F 1 2 ? -31.248 3.151   8.028   1.00 26.22 ? 42 DG  F "C4'"  1 
ATOM   931  O "O4'"  . DG  F 1 2 ? -30.232 4.189   8.125   1.00 22.34 ? 42 DG  F "O4'"  1 
ATOM   932  C "C3'"  . DG  F 1 2 ? -30.713 2.002   7.209   1.00 25.94 ? 42 DG  F "C3'"  1 
ATOM   933  O "O3'"  . DG  F 1 2 ? -31.221 1.998   5.881   1.00 29.10 ? 42 DG  F "O3'"  1 
ATOM   934  C "C2'"  . DG  F 1 2 ? -29.211 2.269   7.302   1.00 23.54 ? 42 DG  F "C2'"  1 
ATOM   935  C "C1'"  . DG  F 1 2 ? -29.064 3.772   7.397   1.00 23.24 ? 42 DG  F "C1'"  1 
ATOM   936  N N9     . DG  F 1 2 ? -27.854 4.166   8.130   1.00 19.92 ? 42 DG  F N9     1 
ATOM   937  C C8     . DG  F 1 2 ? -27.189 3.498   9.103   1.00 20.31 ? 42 DG  F C8     1 
ATOM   938  N N7     . DG  F 1 2 ? -26.180 4.142   9.581   1.00 20.07 ? 42 DG  F N7     1 
ATOM   939  C C5     . DG  F 1 2 ? -26.169 5.322   8.866   1.00 13.27 ? 42 DG  F C5     1 
ATOM   940  C C6     . DG  F 1 2 ? -25.292 6.413   8.961   1.00 14.55 ? 42 DG  F C6     1 
ATOM   941  O O6     . DG  F 1 2 ? -24.351 6.534   9.731   1.00 7.27  ? 42 DG  F O6     1 
ATOM   942  N N1     . DG  F 1 2 ? -25.598 7.410   8.058   1.00 12.59 ? 42 DG  F N1     1 
ATOM   943  C C2     . DG  F 1 2 ? -26.635 7.327   7.186   1.00 16.96 ? 42 DG  F C2     1 
ATOM   944  N N2     . DG  F 1 2 ? -26.801 8.332   6.385   1.00 23.26 ? 42 DG  F N2     1 
ATOM   945  N N3     . DG  F 1 2 ? -27.478 6.309   7.091   1.00 17.98 ? 42 DG  F N3     1 
ATOM   946  C C4     . DG  F 1 2 ? -27.180 5.338   7.966   1.00 16.63 ? 42 DG  F C4     1 
ATOM   947  H H1     . DG  F 1 2 ? -25.002 8.226   8.090   1.00 0.00  ? 42 DG  F H1     1 
ATOM   948  H H21    . DG  F 1 2 ? -27.561 8.308   5.714   1.00 0.00  ? 42 DG  F H21    1 
ATOM   949  H H22    . DG  F 1 2 ? -26.155 9.112   6.393   1.00 0.00  ? 42 DG  F H22    1 
ATOM   950  P P      . DC  F 1 3 ? -30.466 1.276   4.635   1.00 33.57 ? 43 DC  F P      1 
ATOM   951  O OP1    . DC  F 1 3 ? -31.448 1.021   3.560   1.00 35.23 ? 43 DC  F OP1    1 
ATOM   952  O OP2    . DC  F 1 3 ? -29.615 0.171   5.107   1.00 30.38 ? 43 DC  F OP2    1 
ATOM   953  O "O5'"  . DC  F 1 3 ? -29.513 2.412   4.091   1.00 32.09 ? 43 DC  F "O5'"  1 
ATOM   954  C "C5'"  . DC  F 1 3 ? -30.194 3.550   3.568   1.00 28.35 ? 43 DC  F "C5'"  1 
ATOM   955  C "C4'"  . DC  F 1 3 ? -29.226 4.435   2.897   1.00 25.67 ? 43 DC  F "C4'"  1 
ATOM   956  O "O4'"  . DC  F 1 3 ? -28.236 4.837   3.839   1.00 29.45 ? 43 DC  F "O4'"  1 
ATOM   957  C "C3'"  . DC  F 1 3 ? -28.574 3.641   1.821   1.00 22.91 ? 43 DC  F "C3'"  1 
ATOM   958  O "O3'"  . DC  F 1 3 ? -28.802 4.281   0.564   1.00 21.97 ? 43 DC  F "O3'"  1 
ATOM   959  C "C2'"  . DC  F 1 3 ? -27.148 3.625   2.220   1.00 22.95 ? 43 DC  F "C2'"  1 
ATOM   960  C "C1'"  . DC  F 1 3 ? -26.950 4.660   3.282   1.00 19.68 ? 43 DC  F "C1'"  1 
ATOM   961  N N1     . DC  F 1 3 ? -26.114 4.149   4.378   1.00 22.59 ? 43 DC  F N1     1 
ATOM   962  C C2     . DC  F 1 3 ? -25.131 4.961   4.834   1.00 19.65 ? 43 DC  F C2     1 
ATOM   963  O O2     . DC  F 1 3 ? -24.903 6.036   4.324   1.00 16.85 ? 43 DC  F O2     1 
ATOM   964  N N3     . DC  F 1 3 ? -24.380 4.560   5.865   1.00 23.49 ? 43 DC  F N3     1 
ATOM   965  C C4     . DC  F 1 3 ? -24.586 3.367   6.428   1.00 27.16 ? 43 DC  F C4     1 
ATOM   966  N N4     . DC  F 1 3 ? -23.842 2.999   7.476   1.00 31.91 ? 43 DC  F N4     1 
ATOM   967  C C5     . DC  F 1 3 ? -25.579 2.482   5.942   1.00 24.61 ? 43 DC  F C5     1 
ATOM   968  C C6     . DC  F 1 3 ? -26.323 2.919   4.919   1.00 22.88 ? 43 DC  F C6     1 
ATOM   969  H H41    . DC  F 1 3 ? -23.999 2.107   7.930   1.00 0.00  ? 43 DC  F H41    1 
ATOM   970  H H42    . DC  F 1 3 ? -23.150 3.629   7.870   1.00 0.00  ? 43 DC  F H42    1 
ATOM   971  P P      . DT  F 1 4 ? -28.255 3.705   -0.826  1.00 30.41 ? 44 DT  F P      1 
ATOM   972  O OP1    . DT  F 1 4 ? -29.117 4.112   -1.958  1.00 25.17 ? 44 DT  F OP1    1 
ATOM   973  O OP2    . DT  F 1 4 ? -27.884 2.269   -0.683  1.00 29.14 ? 44 DT  F OP2    1 
ATOM   974  O "O5'"  . DT  F 1 4 ? -26.949 4.569   -0.971  1.00 29.41 ? 44 DT  F "O5'"  1 
ATOM   975  C "C5'"  . DT  F 1 4 ? -27.007 5.976   -1.248  1.00 22.20 ? 44 DT  F "C5'"  1 
ATOM   976  C "C4'"  . DT  F 1 4 ? -25.615 6.571   -1.334  1.00 17.10 ? 44 DT  F "C4'"  1 
ATOM   977  O "O4'"  . DT  F 1 4 ? -24.865 6.416   -0.120  1.00 10.76 ? 44 DT  F "O4'"  1 
ATOM   978  C "C3'"  . DT  F 1 4 ? -24.889 5.825   -2.427  1.00 18.48 ? 44 DT  F "C3'"  1 
ATOM   979  O "O3'"  . DT  F 1 4 ? -23.836 6.635   -2.936  1.00 33.13 ? 44 DT  F "O3'"  1 
ATOM   980  C "C2'"  . DT  F 1 4 ? -24.204 4.748   -1.640  1.00 17.92 ? 44 DT  F "C2'"  1 
ATOM   981  C "C1'"  . DT  F 1 4 ? -23.820 5.486   -0.380  1.00 11.76 ? 44 DT  F "C1'"  1 
ATOM   982  N N1     . DT  F 1 4 ? -23.502 4.583   0.721   1.00 13.57 ? 44 DT  F N1     1 
ATOM   983  C C2     . DT  F 1 4 ? -22.599 5.049   1.671   1.00 18.33 ? 44 DT  F C2     1 
ATOM   984  O O2     . DT  F 1 4 ? -22.124 6.186   1.655   1.00 27.90 ? 44 DT  F O2     1 
ATOM   985  N N3     . DT  F 1 4 ? -22.242 4.168   2.666   1.00 16.27 ? 44 DT  F N3     1 
ATOM   986  C C4     . DT  F 1 4 ? -22.722 2.887   2.804   1.00 11.15 ? 44 DT  F C4     1 
ATOM   987  O O4     . DT  F 1 4 ? -22.289 2.205   3.729   1.00 13.22 ? 44 DT  F O4     1 
ATOM   988  C C5     . DT  F 1 4 ? -23.688 2.504   1.780   1.00 11.41 ? 44 DT  F C5     1 
ATOM   989  C C7     . DT  F 1 4 ? -24.361 1.125   1.801   1.00 14.81 ? 44 DT  F C7     1 
ATOM   990  C C6     . DT  F 1 4 ? -24.032 3.342   0.797   1.00 7.13  ? 44 DT  F C6     1 
ATOM   991  H H3     . DT  F 1 4 ? -21.528 4.469   3.318   1.00 0.00  ? 44 DT  F H3     1 
ATOM   992  P P      . DA  F 1 5 ? -23.928 7.741   -4.080  1.00 31.24 ? 45 DA  F P      1 
ATOM   993  O OP1    . DA  F 1 5 ? -24.977 8.715   -3.687  1.00 36.11 ? 45 DA  F OP1    1 
ATOM   994  O OP2    . DA  F 1 5 ? -23.995 6.990   -5.346  1.00 34.52 ? 45 DA  F OP2    1 
ATOM   995  O "O5'"  . DA  F 1 5 ? -22.558 8.468   -3.957  1.00 28.73 ? 45 DA  F "O5'"  1 
ATOM   996  C "C5'"  . DA  F 1 5 ? -22.454 9.451   -2.939  1.00 24.38 ? 45 DA  F "C5'"  1 
ATOM   997  C "C4'"  . DA  F 1 5 ? -21.040 9.575   -2.381  1.00 20.65 ? 45 DA  F "C4'"  1 
ATOM   998  O "O4'"  . DA  F 1 5 ? -20.646 8.481   -1.589  1.00 6.07  ? 45 DA  F "O4'"  1 
ATOM   999  C "C3'"  . DA  F 1 5 ? -20.006 9.741   -3.464  1.00 18.82 ? 45 DA  F "C3'"  1 
ATOM   1000 O "O3'"  . DA  F 1 5 ? -19.213 10.831  -2.964  1.00 20.99 ? 45 DA  F "O3'"  1 
ATOM   1001 C "C2'"  . DA  F 1 5 ? -19.381 8.363   -3.519  1.00 12.23 ? 45 DA  F "C2'"  1 
ATOM   1002 C "C1'"  . DA  F 1 5 ? -19.473 7.894   -2.087  1.00 9.19  ? 45 DA  F "C1'"  1 
ATOM   1003 N N9     . DA  F 1 5 ? -19.869 6.519   -1.904  1.00 14.12 ? 45 DA  F N9     1 
ATOM   1004 C C8     . DA  F 1 5 ? -20.648 5.739   -2.714  1.00 21.51 ? 45 DA  F C8     1 
ATOM   1005 N N7     . DA  F 1 5 ? -20.848 4.519   -2.247  1.00 22.81 ? 45 DA  F N7     1 
ATOM   1006 C C5     . DA  F 1 5 ? -20.146 4.509   -1.059  1.00 13.22 ? 45 DA  F C5     1 
ATOM   1007 C C6     . DA  F 1 5 ? -19.968 3.499   -0.118  1.00 17.77 ? 45 DA  F C6     1 
ATOM   1008 N N6     . DA  F 1 5 ? -20.546 2.317   -0.298  1.00 14.77 ? 45 DA  F N6     1 
ATOM   1009 N N1     . DA  F 1 5 ? -19.203 3.773   0.958   1.00 14.11 ? 45 DA  F N1     1 
ATOM   1010 C C2     . DA  F 1 5 ? -18.665 5.001   1.052   1.00 15.44 ? 45 DA  F C2     1 
ATOM   1011 N N3     . DA  F 1 5 ? -18.763 6.043   0.223   1.00 9.33  ? 45 DA  F N3     1 
ATOM   1012 C C4     . DA  F 1 5 ? -19.536 5.717   -0.838  1.00 12.26 ? 45 DA  F C4     1 
ATOM   1013 H H61    . DA  F 1 5 ? -21.090 2.174   -1.138  1.00 0.00  ? 45 DA  F H61    1 
ATOM   1014 H H62    . DA  F 1 5 ? -20.420 1.572   0.378   1.00 0.00  ? 45 DA  F H62    1 
ATOM   1015 P P      . DG  F 1 6 ? -18.040 11.487  -3.888  1.00 22.05 ? 46 DG  F P      1 
ATOM   1016 O OP1    . DG  F 1 6 ? -17.708 12.825  -3.369  1.00 22.86 ? 46 DG  F OP1    1 
ATOM   1017 O OP2    . DG  F 1 6 ? -18.356 11.255  -5.322  1.00 24.09 ? 46 DG  F OP2    1 
ATOM   1018 O "O5'"  . DG  F 1 6 ? -16.784 10.628  -3.574  1.00 21.70 ? 46 DG  F "O5'"  1 
ATOM   1019 C "C5'"  . DG  F 1 6 ? -16.079 10.738  -2.341  1.00 26.23 ? 46 DG  F "C5'"  1 
ATOM   1020 C "C4'"  . DG  F 1 6 ? -15.162 9.533   -2.200  1.00 19.94 ? 46 DG  F "C4'"  1 
ATOM   1021 O "O4'"  . DG  F 1 6 ? -15.900 8.305   -2.114  1.00 13.44 ? 46 DG  F "O4'"  1 
ATOM   1022 C "C3'"  . DG  F 1 6 ? -14.296 9.371   -3.446  1.00 19.14 ? 46 DG  F "C3'"  1 
ATOM   1023 O "O3'"  . DG  F 1 6 ? -13.055 8.922   -2.944  1.00 17.19 ? 46 DG  F "O3'"  1 
ATOM   1024 C "C2'"  . DG  F 1 6 ? -14.954 8.219   -4.189  1.00 13.19 ? 46 DG  F "C2'"  1 
ATOM   1025 C "C1'"  . DG  F 1 6 ? -15.368 7.386   -3.044  1.00 7.77  ? 46 DG  F "C1'"  1 
ATOM   1026 N N9     . DG  F 1 6 ? -16.246 6.268   -3.383  1.00 10.79 ? 46 DG  F N9     1 
ATOM   1027 C C8     . DG  F 1 6 ? -17.070 6.059   -4.458  1.00 10.15 ? 46 DG  F C8     1 
ATOM   1028 N N7     . DG  F 1 6 ? -17.680 4.918   -4.430  1.00 16.82 ? 46 DG  F N7     1 
ATOM   1029 C C5     . DG  F 1 6 ? -17.239 4.323   -3.256  1.00 17.00 ? 46 DG  F C5     1 
ATOM   1030 C C6     . DG  F 1 6 ? -17.558 3.046   -2.690  1.00 19.14 ? 46 DG  F C6     1 
ATOM   1031 O O6     . DG  F 1 6 ? -18.316 2.153   -3.076  1.00 20.58 ? 46 DG  F O6     1 
ATOM   1032 N N1     . DG  F 1 6 ? -16.874 2.839   -1.517  1.00 12.35 ? 46 DG  F N1     1 
ATOM   1033 C C2     . DG  F 1 6 ? -15.992 3.733   -0.942  1.00 13.09 ? 46 DG  F C2     1 
ATOM   1034 N N2     . DG  F 1 6 ? -15.414 3.327   0.175   1.00 10.51 ? 46 DG  F N2     1 
ATOM   1035 N N3     . DG  F 1 6 ? -15.692 4.937   -1.434  1.00 12.12 ? 46 DG  F N3     1 
ATOM   1036 C C4     . DG  F 1 6 ? -16.356 5.156   -2.605  1.00 15.90 ? 46 DG  F C4     1 
ATOM   1037 H H1     . DG  F 1 6 ? -17.005 1.933   -1.094  1.00 0.00  ? 46 DG  F H1     1 
ATOM   1038 H H21    . DG  F 1 6 ? -14.799 3.960   0.666   1.00 0.00  ? 46 DG  F H21    1 
ATOM   1039 H H22    . DG  F 1 6 ? -15.540 2.384   0.521   1.00 0.00  ? 46 DG  F H22    1 
ATOM   1040 P P      . DC  F 1 7 ? -11.719 9.597   -3.435  1.00 23.07 ? 47 DC  F P      1 
ATOM   1041 O OP1    . DC  F 1 7 ? -11.566 10.924  -2.800  1.00 16.34 ? 47 DC  F OP1    1 
ATOM   1042 O OP2    . DC  F 1 7 ? -11.614 9.411   -4.905  1.00 14.53 ? 47 DC  F OP2    1 
ATOM   1043 O "O5'"  . DC  F 1 7 ? -10.746 8.614   -2.689  1.00 21.23 ? 47 DC  F "O5'"  1 
ATOM   1044 C "C5'"  . DC  F 1 7 ? -10.777 8.575   -1.255  1.00 26.52 ? 47 DC  F "C5'"  1 
ATOM   1045 C "C4'"  . DC  F 1 7 ? -10.441 7.196   -0.709  1.00 22.09 ? 47 DC  F "C4'"  1 
ATOM   1046 O "O4'"  . DC  F 1 7 ? -11.486 6.297   -1.072  1.00 15.28 ? 47 DC  F "O4'"  1 
ATOM   1047 C "C3'"  . DC  F 1 7 ? -9.142  6.703   -1.396  1.00 25.63 ? 47 DC  F "C3'"  1 
ATOM   1048 O "O3'"  . DC  F 1 7 ? -8.120  6.128   -0.537  1.00 30.73 ? 47 DC  F "O3'"  1 
ATOM   1049 C "C2'"  . DC  F 1 7 ? -9.668  5.688   -2.386  1.00 19.98 ? 47 DC  F "C2'"  1 
ATOM   1050 C "C1'"  . DC  F 1 7 ? -10.907 5.161   -1.695  1.00 15.76 ? 47 DC  F "C1'"  1 
ATOM   1051 N N1     . DC  F 1 7 ? -11.856 4.585   -2.650  1.00 9.78  ? 47 DC  F N1     1 
ATOM   1052 C C2     . DC  F 1 7 ? -12.416 3.383   -2.311  1.00 8.62  ? 47 DC  F C2     1 
ATOM   1053 O O2     . DC  F 1 7 ? -12.088 2.792   -1.290  1.00 7.97  ? 47 DC  F O2     1 
ATOM   1054 N N3     . DC  F 1 7 ? -13.339 2.842   -3.141  1.00 10.78 ? 47 DC  F N3     1 
ATOM   1055 C C4     . DC  F 1 7 ? -13.680 3.443   -4.275  1.00 13.55 ? 47 DC  F C4     1 
ATOM   1056 N N4     . DC  F 1 7 ? -14.615 2.879   -5.051  1.00 18.48 ? 47 DC  F N4     1 
ATOM   1057 C C5     . DC  F 1 7 ? -13.069 4.678   -4.668  1.00 10.21 ? 47 DC  F C5     1 
ATOM   1058 C C6     . DC  F 1 7 ? -12.173 5.211   -3.816  1.00 5.02  ? 47 DC  F C6     1 
ATOM   1059 H H41    . DC  F 1 7 ? -14.851 3.297   -5.940  1.00 0.00  ? 47 DC  F H41    1 
ATOM   1060 H H42    . DC  F 1 7 ? -15.107 2.039   -4.756  1.00 0.00  ? 47 DC  F H42    1 
ATOM   1061 P P      . DG  F 1 8 ? -6.602  5.850   -1.085  1.00 29.43 ? 48 DG  F P      1 
ATOM   1062 O OP1    . DG  F 1 8 ? -5.666  6.566   -0.190  1.00 31.56 ? 48 DG  F OP1    1 
ATOM   1063 O OP2    . DG  F 1 8 ? -6.514  6.048   -2.556  1.00 17.08 ? 48 DG  F OP2    1 
ATOM   1064 O "O5'"  . DG  F 1 8 ? -6.493  4.285   -0.751  1.00 29.31 ? 48 DG  F "O5'"  1 
ATOM   1065 C "C5'"  . DG  F 1 8 ? -6.447  3.616   0.501   1.00 14.83 ? 48 DG  F "C5'"  1 
ATOM   1066 C "C4'"  . DG  F 1 8 ? -6.608  2.152   0.130   1.00 17.50 ? 48 DG  F "C4'"  1 
ATOM   1067 O "O4'"  . DG  F 1 8 ? -7.938  1.956   -0.371  1.00 15.66 ? 48 DG  F "O4'"  1 
ATOM   1068 C "C3'"  . DG  F 1 8 ? -5.689  1.789   -1.034  1.00 8.89  ? 48 DG  F "C3'"  1 
ATOM   1069 O "O3'"  . DG  F 1 8 ? -4.386  1.404   -0.634  1.00 22.48 ? 48 DG  F "O3'"  1 
ATOM   1070 C "C2'"  . DG  F 1 8 ? -6.411  0.643   -1.623  1.00 13.90 ? 48 DG  F "C2'"  1 
ATOM   1071 C "C1'"  . DG  F 1 8 ? -7.869  0.941   -1.383  1.00 10.51 ? 48 DG  F "C1'"  1 
ATOM   1072 N N9     . DG  F 1 8 ? -8.594  1.353   -2.597  1.00 12.03 ? 48 DG  F N9     1 
ATOM   1073 C C8     . DG  F 1 8 ? -8.494  2.499   -3.322  1.00 11.00 ? 48 DG  F C8     1 
ATOM   1074 N N7     . DG  F 1 8 ? -9.303  2.560   -4.346  1.00 14.63 ? 48 DG  F N7     1 
ATOM   1075 C C5     . DG  F 1 8 ? -9.978  1.344   -4.297  1.00 11.37 ? 48 DG  F C5     1 
ATOM   1076 C C6     . DG  F 1 8 ? -10.989 0.821   -5.161  1.00 12.10 ? 48 DG  F C6     1 
ATOM   1077 O O6     . DG  F 1 8 ? -11.486 1.329   -6.166  1.00 16.43 ? 48 DG  F O6     1 
ATOM   1078 N N1     . DG  F 1 8 ? -11.422 -0.428  -4.744  1.00 11.28 ? 48 DG  F N1     1 
ATOM   1079 C C2     . DG  F 1 8 ? -10.947 -1.085  -3.627  1.00 12.92 ? 48 DG  F C2     1 
ATOM   1080 N N2     . DG  F 1 8 ? -11.477 -2.250  -3.326  1.00 4.19  ? 48 DG  F N2     1 
ATOM   1081 N N3     . DG  F 1 8 ? -9.990  -0.610  -2.831  1.00 12.19 ? 48 DG  F N3     1 
ATOM   1082 C C4     . DG  F 1 8 ? -9.553  0.610   -3.226  1.00 11.35 ? 48 DG  F C4     1 
ATOM   1083 H "HO3'" . DG  F 1 8 ? -3.896  1.099   -1.407  1.00 0.00  ? 48 DG  F "HO3'" 1 
ATOM   1084 H H1     . DG  F 1 8 ? -12.074 -0.929  -5.327  1.00 0.00  ? 48 DG  F H1     1 
ATOM   1085 H H21    . DG  F 1 8 ? -12.350 -2.560  -3.728  1.00 0.00  ? 48 DG  F H21    1 
ATOM   1086 H H22    . DG  F 1 8 ? -10.886 -2.948  -2.891  1.00 0.00  ? 48 DG  F H22    1 
HETATM 1087 O O      . HOH G 2 . ? 18.786  -5.613  3.210   1.00 18.23 ? 51 HOH A O      1 
HETATM 1088 H H1     . HOH G 2 . ? 19.573  -5.333  2.722   1.00 0.00  ? 51 HOH A H1     1 
HETATM 1089 H H2     . HOH G 2 . ? 18.560  -6.441  2.769   1.00 0.00  ? 51 HOH A H2     1 
HETATM 1090 O O      . HOH G 2 . ? 25.502  8.149   13.769  1.00 42.26 ? 66 HOH A O      1 
HETATM 1091 H H1     . HOH G 2 . ? 26.054  8.786   13.304  1.00 0.00  ? 66 HOH A H1     1 
HETATM 1092 H H2     . HOH G 2 . ? 24.639  8.323   13.392  1.00 0.00  ? 66 HOH A H2     1 
HETATM 1093 O O      . HOH G 2 . ? 25.260  11.386  12.343  1.00 55.11 ? 82 HOH A O      1 
HETATM 1094 H H1     . HOH G 2 . ? 25.824  12.057  11.948  1.00 0.00  ? 82 HOH A H1     1 
HETATM 1095 H H2     . HOH G 2 . ? 24.444  11.859  12.505  1.00 0.00  ? 82 HOH A H2     1 
HETATM 1096 O O      . HOH H 2 . ? 28.352  -9.204  12.018  1.00 28.39 ? 49 HOH B O      1 
HETATM 1097 H H1     . HOH H 2 . ? 28.702  -8.507  11.460  1.00 0.00  ? 49 HOH B H1     1 
HETATM 1098 H H2     . HOH H 2 . ? 29.094  -9.501  12.540  1.00 0.00  ? 49 HOH B H2     1 
HETATM 1099 O O      . HOH H 2 . ? 21.957  13.210  7.766   1.00 38.54 ? 50 HOH B O      1 
HETATM 1100 H H1     . HOH H 2 . ? 22.317  14.055  7.487   1.00 0.00  ? 50 HOH B H1     1 
HETATM 1101 H H2     . HOH H 2 . ? 21.165  13.455  8.260   1.00 0.00  ? 50 HOH B H2     1 
HETATM 1102 O O      . HOH H 2 . ? 23.431  5.215   0.044   1.00 26.31 ? 61 HOH B O      1 
HETATM 1103 H H1     . HOH H 2 . ? 24.114  5.817   -0.264  1.00 0.00  ? 61 HOH B H1     1 
HETATM 1104 H H2     . HOH H 2 . ? 23.903  4.384   0.110   1.00 0.00  ? 61 HOH B H2     1 
HETATM 1105 O O      . HOH H 2 . ? 17.917  -5.052  6.296   1.00 43.79 ? 62 HOH B O      1 
HETATM 1106 H H1     . HOH H 2 . ? 18.309  -5.169  5.418   1.00 0.00  ? 62 HOH B H1     1 
HETATM 1107 H H2     . HOH H 2 . ? 18.193  -4.171  6.535   1.00 0.00  ? 62 HOH B H2     1 
HETATM 1108 O O      . HOH H 2 . ? 24.274  7.885   -3.655  1.00 30.46 ? 65 HOH B O      1 
HETATM 1109 H H1     . HOH H 2 . ? 25.203  7.680   -3.758  1.00 0.00  ? 65 HOH B H1     1 
HETATM 1110 H H2     . HOH H 2 . ? 24.140  8.683   -4.168  1.00 0.00  ? 65 HOH B H2     1 
HETATM 1111 O O      . HOH H 2 . ? 22.346  4.550   2.629   1.00 46.65 ? 79 HOH B O      1 
HETATM 1112 H H1     . HOH H 2 . ? 22.200  5.152   1.887   1.00 0.00  ? 79 HOH B H1     1 
HETATM 1113 H H2     . HOH H 2 . ? 22.624  3.753   2.182   1.00 0.00  ? 79 HOH B H2     1 
HETATM 1114 O O      . HOH I 2 . ? -0.840  -3.634  11.946  1.00 22.11 ? 53 HOH C O      1 
HETATM 1115 H H1     . HOH I 2 . ? -1.454  -3.746  12.669  1.00 0.00  ? 53 HOH C H1     1 
HETATM 1116 H H2     . HOH I 2 . ? -1.143  -4.339  11.340  1.00 0.00  ? 53 HOH C H2     1 
HETATM 1117 O O      . HOH I 2 . ? -2.616  -0.315  1.739   1.00 33.21 ? 55 HOH C O      1 
HETATM 1118 H H1     . HOH I 2 . ? -2.973  -1.154  2.052   1.00 0.00  ? 55 HOH C H1     1 
HETATM 1119 H H2     . HOH I 2 . ? -3.296  0.322   1.982   1.00 0.00  ? 55 HOH C H2     1 
HETATM 1120 O O      . HOH I 2 . ? 5.572   3.041   -12.080 1.00 41.33 ? 63 HOH C O      1 
HETATM 1121 H H1     . HOH I 2 . ? 4.898   3.285   -12.716 1.00 0.00  ? 63 HOH C H1     1 
HETATM 1122 H H2     . HOH I 2 . ? 5.093   2.603   -11.377 1.00 0.00  ? 63 HOH C H2     1 
HETATM 1123 O O      . HOH I 2 . ? 0.117   0.633   3.563   1.00 23.19 ? 70 HOH C O      1 
HETATM 1124 H H1     . HOH I 2 . ? -0.640  0.148   3.904   1.00 0.00  ? 70 HOH C H1     1 
HETATM 1125 H H2     . HOH I 2 . ? 0.195   0.259   2.680   1.00 0.00  ? 70 HOH C H2     1 
HETATM 1126 O O      . HOH I 2 . ? 7.492   -12.766 -5.092  1.00 19.63 ? 72 HOH C O      1 
HETATM 1127 H H1     . HOH I 2 . ? 6.795   -13.417 -4.987  1.00 0.00  ? 72 HOH C H1     1 
HETATM 1128 H H2     . HOH I 2 . ? 8.247   -13.256 -5.411  1.00 0.00  ? 72 HOH C H2     1 
HETATM 1129 O O      . HOH I 2 . ? -2.035  -5.268  10.230  1.00 53.71 ? 81 HOH C O      1 
HETATM 1130 H H1     . HOH I 2 . ? -2.620  -4.622  9.823   1.00 0.00  ? 81 HOH C H1     1 
HETATM 1131 H H2     . HOH I 2 . ? -1.694  -5.782  9.494   1.00 0.00  ? 81 HOH C H2     1 
HETATM 1132 O O      . HOH J 2 . ? -6.352  6.697   -6.141  1.00 17.90 ? 52 HOH D O      1 
HETATM 1133 H H1     . HOH J 2 . ? -6.356  7.648   -6.056  1.00 0.00  ? 52 HOH D H1     1 
HETATM 1134 H H2     . HOH J 2 . ? -5.437  6.463   -6.048  1.00 0.00  ? 52 HOH D H2     1 
HETATM 1135 O O      . HOH J 2 . ? -0.675  3.076   -8.645  1.00 39.33 ? 56 HOH D O      1 
HETATM 1136 H H1     . HOH J 2 . ? -0.610  3.433   -9.526  1.00 0.00  ? 56 HOH D H1     1 
HETATM 1137 H H2     . HOH J 2 . ? 0.078   3.489   -8.180  1.00 0.00  ? 56 HOH D H2     1 
HETATM 1138 O O      . HOH J 2 . ? 1.894   3.974   -7.616  1.00 32.98 ? 57 HOH D O      1 
HETATM 1139 H H1     . HOH J 2 . ? 2.454   3.373   -7.101  1.00 0.00  ? 57 HOH D H1     1 
HETATM 1140 H H2     . HOH J 2 . ? 2.448   4.749   -7.718  1.00 0.00  ? 57 HOH D H2     1 
HETATM 1141 O O      . HOH J 2 . ? -2.965  -0.190  -9.122  1.00 45.73 ? 64 HOH D O      1 
HETATM 1142 H H1     . HOH J 2 . ? -2.353  -0.764  -9.579  1.00 0.00  ? 64 HOH D H1     1 
HETATM 1143 H H2     . HOH J 2 . ? -2.508  0.657   -9.060  1.00 0.00  ? 64 HOH D H2     1 
HETATM 1144 O O      . HOH K 2 . ? -18.056 10.876  2.777   1.00 35.71 ? 54 HOH E O      1 
HETATM 1145 H H1     . HOH K 2 . ? -18.529 10.048  2.631   1.00 0.00  ? 54 HOH E H1     1 
HETATM 1146 H H2     . HOH K 2 . ? -17.970 10.890  3.733   1.00 0.00  ? 54 HOH E H2     1 
HETATM 1147 O O      . HOH K 2 . ? -22.797 19.252  7.787   1.00 12.03 ? 58 HOH E O      1 
HETATM 1148 H H1     . HOH K 2 . ? -22.016 19.678  8.156   1.00 0.00  ? 58 HOH E H1     1 
HETATM 1149 H H2     . HOH K 2 . ? -22.612 19.207  6.848   1.00 0.00  ? 58 HOH E H2     1 
HETATM 1150 O O      . HOH K 2 . ? -13.601 14.462  10.289  1.00 26.39 ? 60 HOH E O      1 
HETATM 1151 H H1     . HOH K 2 . ? -13.910 15.352  10.123  1.00 0.00  ? 60 HOH E H1     1 
HETATM 1152 H H2     . HOH K 2 . ? -14.328 14.040  10.751  1.00 0.00  ? 60 HOH E H2     1 
HETATM 1153 O O      . HOH K 2 . ? -17.190 14.241  4.680   1.00 24.07 ? 67 HOH E O      1 
HETATM 1154 H H1     . HOH K 2 . ? -17.494 13.419  4.292   1.00 0.00  ? 67 HOH E H1     1 
HETATM 1155 H H2     . HOH K 2 . ? -17.573 14.240  5.559   1.00 0.00  ? 67 HOH E H2     1 
HETATM 1156 O O      . HOH K 2 . ? -21.195 -1.852  1.645   1.00 49.28 ? 74 HOH E O      1 
HETATM 1157 H H1     . HOH K 2 . ? -20.797 -2.721  1.656   1.00 0.00  ? 74 HOH E H1     1 
HETATM 1158 H H2     . HOH K 2 . ? -21.832 -1.883  2.361   1.00 0.00  ? 74 HOH E H2     1 
HETATM 1159 O O      . HOH K 2 . ? -21.167 1.078   7.843   1.00 38.34 ? 75 HOH E O      1 
HETATM 1160 H H1     . HOH K 2 . ? -21.310 1.743   8.527   1.00 0.00  ? 75 HOH E H1     1 
HETATM 1161 H H2     . HOH K 2 . ? -20.906 0.301   8.342   1.00 0.00  ? 75 HOH E H2     1 
HETATM 1162 O O      . HOH K 2 . ? -31.322 17.763  4.112   1.00 43.26 ? 76 HOH E O      1 
HETATM 1163 H H1     . HOH K 2 . ? -31.220 17.697  5.071   1.00 0.00  ? 76 HOH E H1     1 
HETATM 1164 H H2     . HOH K 2 . ? -30.729 17.079  3.793   1.00 0.00  ? 76 HOH E H2     1 
HETATM 1165 O O      . HOH K 2 . ? -20.197 4.052   12.504  1.00 40.60 ? 78 HOH E O      1 
HETATM 1166 H H1     . HOH K 2 . ? -19.725 3.979   13.336  1.00 0.00  ? 78 HOH E H1     1 
HETATM 1167 H H2     . HOH K 2 . ? -19.528 4.331   11.876  1.00 0.00  ? 78 HOH E H2     1 
HETATM 1168 O O      . HOH L 2 . ? -17.147 8.089   0.815   1.00 21.17 ? 59 HOH F O      1 
HETATM 1169 H H1     . HOH L 2 . ? -17.361 9.017   0.733   1.00 0.00  ? 59 HOH F H1     1 
HETATM 1170 H H2     . HOH L 2 . ? -16.496 7.952   0.117   1.00 0.00  ? 59 HOH F H2     1 
HETATM 1171 O O      . HOH L 2 . ? -26.190 -4.618  7.162   1.00 45.11 ? 68 HOH F O      1 
HETATM 1172 H H1     . HOH L 2 . ? -27.014 -4.220  7.469   1.00 0.00  ? 68 HOH F H1     1 
HETATM 1173 H H2     . HOH L 2 . ? -26.436 -4.966  6.303   1.00 0.00  ? 68 HOH F H2     1 
HETATM 1174 O O      . HOH L 2 . ? -27.965 3.891   -4.816  1.00 40.68 ? 69 HOH F O      1 
HETATM 1175 H H1     . HOH L 2 . ? -27.956 3.086   -4.299  1.00 0.00  ? 69 HOH F H1     1 
HETATM 1176 H H2     . HOH L 2 . ? -28.706 4.383   -4.459  1.00 0.00  ? 69 HOH F H2     1 
HETATM 1177 O O      . HOH L 2 . ? -8.064  13.765  -4.924  1.00 38.35 ? 71 HOH F O      1 
HETATM 1178 H H1     . HOH L 2 . ? -8.486  13.060  -5.413  1.00 0.00  ? 71 HOH F H1     1 
HETATM 1179 H H2     . HOH L 2 . ? -8.337  13.588  -4.002  1.00 0.00  ? 71 HOH F H2     1 
HETATM 1180 O O      . HOH L 2 . ? -27.930 0.005   3.022   1.00 43.52 ? 73 HOH F O      1 
HETATM 1181 H H1     . HOH L 2 . ? -28.308 0.214   2.165   1.00 0.00  ? 73 HOH F H1     1 
HETATM 1182 H H2     . HOH L 2 . ? -28.688 -0.292  3.530   1.00 0.00  ? 73 HOH F H2     1 
HETATM 1183 O O      . HOH L 2 . ? -28.047 9.000   -3.586  1.00 36.96 ? 77 HOH F O      1 
HETATM 1184 H H1     . HOH L 2 . ? -28.352 8.585   -2.778  1.00 0.00  ? 77 HOH F H1     1 
HETATM 1185 H H2     . HOH L 2 . ? -27.089 9.033   -3.485  1.00 0.00  ? 77 HOH F H2     1 
HETATM 1186 O O      . HOH L 2 . ? -27.797 -2.498  5.734   1.00 53.55 ? 80 HOH F O      1 
HETATM 1187 H H1     . HOH L 2 . ? -27.179 -1.892  6.149   1.00 0.00  ? 80 HOH F H1     1 
HETATM 1188 H H2     . HOH L 2 . ? -27.343 -2.755  4.931   1.00 0.00  ? 80 HOH F H2     1 
# 
